data_6T8Y
#
_entry.id   6T8Y
#
_cell.length_a   50.568
_cell.length_b   94.756
_cell.length_c   94.604
_cell.angle_alpha   85.592
_cell.angle_beta   89.932
_cell.angle_gamma   81.614
#
_symmetry.space_group_name_H-M   'P 1'
#
loop_
_entity.id
_entity.type
_entity.pdbx_description
1 polymer 'Formate dehydrogenase'
2 non-polymer DI(HYDROXYETHYL)ETHER
3 non-polymer '1,4-DIHYDRONICOTINAMIDE ADENINE DINUCLEOTIDE'
4 non-polymer 'FORMIC ACID'
5 non-polymer 1,2-ETHANEDIOL
6 water water
#
_entity_poly.entity_id   1
_entity_poly.type   'polypeptide(L)'
_entity_poly.pdbx_seq_one_letter_code
;MAHHHHHHVGTGSNDDDDKSPDPNWELVYTARLQMVKVLAVLYDGGEHAKQVPGLLGTTENELGLRKWLEDQGHTLVTTS
DKDREGSTFDRELEDAEIIITTPFHPGYLTAERLARAKKLKLAVTAGIGSDHVDLDAANKTNGGITVAEVTGSNVVSVAE
HVVMTILVLVRNFVPAHEQIEAGRWDVAEVAKDEYDLEGKVVGTVGVGRIGERVLRRLKGFDCKELLYYDYQPLSPEKEK
EIGCRRVENLEEMLAQCDVVTINCPLHESTRGLFNKDLISKMKRGSWLVNTARGAIVVKEDVAEALRTGHLRGYGGDVWF
PQPAPADHVLRTAKNPFGGGNAMVPHMSGTSLDAQKRYAEGVKRILDSYLSGRFDYRPEDLIVHQGKYATRAYGQREDVK
IPGQHHHHHH
;
_entity_poly.pdbx_strand_id   AAA,BBB,CCC,DDD
#
loop_
_chem_comp.id
_chem_comp.type
_chem_comp.name
_chem_comp.formula
EDO non-polymer 1,2-ETHANEDIOL 'C2 H6 O2'
FMT non-polymer 'FORMIC ACID' 'C H2 O2'
NAI non-polymer '1,4-DIHYDRONICOTINAMIDE ADENINE DINUCLEOTIDE' 'C21 H29 N7 O14 P2'
PEG non-polymer DI(HYDROXYETHYL)ETHER 'C4 H10 O3'
#
# COMPACT_ATOMS: atom_id res chain seq x y z
N ALA A 31 41.22 28.34 32.60
CA ALA A 31 39.89 28.85 33.05
C ALA A 31 38.78 28.37 32.08
N ARG A 32 37.80 27.62 32.60
CA ARG A 32 36.63 27.13 31.81
C ARG A 32 35.83 28.33 31.29
N LEU A 33 35.24 28.20 30.09
CA LEU A 33 34.27 29.20 29.56
C LEU A 33 32.98 29.06 30.36
N GLN A 34 32.18 30.14 30.46
CA GLN A 34 31.02 30.21 31.37
C GLN A 34 29.72 30.58 30.62
N MET A 35 28.60 30.00 31.05
CA MET A 35 27.23 30.35 30.62
C MET A 35 27.17 30.36 29.08
N VAL A 36 27.68 29.29 28.47
CA VAL A 36 27.76 29.19 26.97
C VAL A 36 26.40 28.75 26.45
N LYS A 37 25.89 29.46 25.43
CA LYS A 37 24.64 29.08 24.72
CA LYS A 37 24.64 29.07 24.72
C LYS A 37 24.97 28.05 23.63
N VAL A 38 24.45 26.85 23.79
CA VAL A 38 24.57 25.74 22.81
C VAL A 38 23.21 25.58 22.11
N LEU A 39 23.23 25.59 20.78
CA LEU A 39 22.04 25.29 19.96
C LEU A 39 22.29 23.96 19.23
N ALA A 40 21.35 23.03 19.35
CA ALA A 40 21.43 21.72 18.65
C ALA A 40 20.26 21.62 17.67
N VAL A 41 20.58 21.31 16.42
CA VAL A 41 19.58 21.01 15.38
C VAL A 41 19.64 19.49 15.10
N LEU A 42 18.63 18.78 15.54
CA LEU A 42 18.58 17.32 15.47
C LEU A 42 17.27 16.87 14.85
N TYR A 43 17.16 15.61 14.48
CA TYR A 43 15.89 15.14 13.90
C TYR A 43 14.87 14.87 14.99
N ASP A 44 13.60 14.97 14.63
CA ASP A 44 12.46 14.71 15.53
C ASP A 44 12.21 13.21 15.57
N GLY A 45 12.34 12.60 16.74
CA GLY A 45 12.11 11.17 16.96
C GLY A 45 10.69 10.84 17.35
N GLY A 46 9.83 11.84 17.52
CA GLY A 46 8.43 11.62 17.94
C GLY A 46 8.35 10.59 19.06
N GLU A 47 7.41 9.65 18.94
CA GLU A 47 7.17 8.54 19.91
CA GLU A 47 7.19 8.56 19.93
C GLU A 47 8.34 7.54 19.85
N HIS A 48 8.96 7.40 18.69
CA HIS A 48 10.09 6.43 18.49
C HIS A 48 11.20 6.69 19.53
N ALA A 49 11.53 7.94 19.79
CA ALA A 49 12.67 8.39 20.62
C ALA A 49 12.34 8.23 22.10
N LYS A 50 11.05 8.11 22.44
CA LYS A 50 10.60 7.76 23.82
C LYS A 50 10.66 6.25 24.00
N GLN A 51 10.18 5.49 23.00
N GLN A 51 10.19 5.49 23.01
CA GLN A 51 10.17 4.01 22.95
CA GLN A 51 10.17 4.00 22.95
C GLN A 51 11.60 3.43 22.97
C GLN A 51 11.60 3.44 22.97
N VAL A 52 12.49 4.06 22.17
CA VAL A 52 13.87 3.56 21.91
C VAL A 52 14.85 4.63 22.37
N PRO A 53 15.31 4.61 23.64
CA PRO A 53 16.22 5.62 24.15
C PRO A 53 17.60 5.65 23.46
N GLY A 54 17.93 4.57 22.74
CA GLY A 54 19.17 4.54 21.94
C GLY A 54 19.14 5.54 20.80
N LEU A 55 17.98 6.10 20.46
CA LEU A 55 17.88 7.26 19.51
C LEU A 55 18.40 8.51 20.20
N LEU A 56 19.71 8.58 20.39
CA LEU A 56 20.34 9.71 21.09
C LEU A 56 20.32 10.98 20.25
N GLY A 57 20.44 10.88 18.90
CA GLY A 57 20.63 12.04 18.03
C GLY A 57 19.34 12.76 17.67
N THR A 58 18.37 12.80 18.58
CA THR A 58 17.00 13.32 18.38
C THR A 58 16.76 14.52 19.29
N THR A 59 15.73 15.28 18.99
CA THR A 59 15.37 16.47 19.81
C THR A 59 14.93 15.99 21.20
N GLU A 60 14.42 14.78 21.32
CA GLU A 60 13.96 14.19 22.61
CA GLU A 60 13.95 14.18 22.60
C GLU A 60 15.15 13.92 23.54
N ASN A 61 16.20 13.29 23.02
CA ASN A 61 17.28 12.74 23.86
C ASN A 61 18.52 13.65 23.83
N GLU A 62 18.67 14.53 22.85
CA GLU A 62 19.62 15.66 22.86
C GLU A 62 21.05 15.14 23.03
N LEU A 63 21.39 14.00 22.43
CA LEU A 63 22.74 13.39 22.47
C LEU A 63 23.18 13.12 23.92
N GLY A 64 22.25 13.02 24.86
CA GLY A 64 22.56 12.86 26.30
C GLY A 64 23.37 14.03 26.89
N LEU A 65 23.26 15.24 26.35
CA LEU A 65 24.08 16.40 26.73
C LEU A 65 23.40 17.31 27.78
N ARG A 66 22.07 17.28 27.92
CA ARG A 66 21.40 18.41 28.63
C ARG A 66 21.90 18.55 30.07
N LYS A 67 21.81 17.50 30.90
CA LYS A 67 22.24 17.59 32.33
CA LYS A 67 22.24 17.59 32.32
C LYS A 67 23.72 17.98 32.39
N TRP A 68 24.55 17.36 31.56
CA TRP A 68 26.02 17.61 31.54
C TRP A 68 26.32 19.09 31.29
N LEU A 69 25.58 19.73 30.37
CA LEU A 69 25.77 21.16 30.04
C LEU A 69 25.22 22.02 31.18
N GLU A 70 23.99 21.73 31.61
CA GLU A 70 23.26 22.59 32.60
C GLU A 70 24.02 22.57 33.93
N ASP A 71 24.57 21.42 34.33
CA ASP A 71 25.37 21.30 35.60
C ASP A 71 26.60 22.21 35.56
N GLN A 72 27.10 22.61 34.38
CA GLN A 72 28.27 23.51 34.22
C GLN A 72 27.82 24.97 34.13
N GLY A 73 26.50 25.21 34.12
CA GLY A 73 25.90 26.55 33.94
C GLY A 73 25.72 26.93 32.49
N HIS A 74 25.86 26.00 31.54
CA HIS A 74 25.62 26.28 30.11
C HIS A 74 24.14 26.08 29.83
N THR A 75 23.68 26.58 28.70
CA THR A 75 22.28 26.43 28.27
C THR A 75 22.25 25.64 26.96
N LEU A 76 21.15 24.92 26.76
CA LEU A 76 20.94 24.12 25.53
C LEU A 76 19.53 24.41 25.02
N VAL A 77 19.47 24.82 23.76
CA VAL A 77 18.21 24.93 22.99
C VAL A 77 18.30 23.88 21.88
N THR A 78 17.26 23.06 21.73
CA THR A 78 17.25 21.99 20.71
C THR A 78 16.04 22.17 19.81
N THR A 79 16.22 21.99 18.51
CA THR A 79 15.11 22.12 17.55
C THR A 79 15.30 21.16 16.39
N SER A 80 14.21 20.78 15.75
CA SER A 80 14.22 20.19 14.39
C SER A 80 13.73 21.18 13.33
N ASP A 81 13.35 22.40 13.72
CA ASP A 81 12.72 23.38 12.79
C ASP A 81 13.80 24.24 12.15
N LYS A 82 14.25 23.90 10.95
CA LYS A 82 15.49 24.47 10.40
C LYS A 82 15.42 24.98 8.96
N ASP A 83 14.32 24.80 8.24
CA ASP A 83 14.26 25.05 6.76
C ASP A 83 13.45 26.33 6.45
N ARG A 84 12.32 26.55 7.11
CA ARG A 84 11.35 27.60 6.69
C ARG A 84 11.92 28.98 7.01
N GLU A 85 11.39 30.02 6.35
N GLU A 85 11.42 30.02 6.32
CA GLU A 85 11.82 31.44 6.47
CA GLU A 85 11.72 31.43 6.65
C GLU A 85 12.05 31.88 7.94
C GLU A 85 11.23 31.64 8.09
N GLY A 86 11.08 31.67 8.83
N GLY A 86 12.10 32.20 8.95
CA GLY A 86 11.17 32.20 10.19
CA GLY A 86 11.80 32.48 10.38
C GLY A 86 11.57 31.13 11.19
C GLY A 86 11.72 31.21 11.21
N SER A 87 12.41 30.16 10.79
CA SER A 87 12.56 28.89 11.56
C SER A 87 13.14 29.19 12.95
N THR A 88 12.90 28.29 13.90
CA THR A 88 13.55 28.31 15.22
C THR A 88 15.07 28.39 15.04
N PHE A 89 15.63 27.61 14.11
CA PHE A 89 17.09 27.62 13.84
C PHE A 89 17.55 29.05 13.52
N ASP A 90 16.87 29.70 12.58
CA ASP A 90 17.19 31.07 12.12
C ASP A 90 17.14 32.07 13.28
N ARG A 91 16.21 31.91 14.22
CA ARG A 91 16.08 32.81 15.39
CA ARG A 91 16.08 32.81 15.39
C ARG A 91 17.23 32.52 16.37
N GLU A 92 17.44 31.25 16.72
CA GLU A 92 18.38 30.86 17.79
C GLU A 92 19.86 31.00 17.34
N LEU A 93 20.16 30.93 16.05
CA LEU A 93 21.59 30.90 15.60
C LEU A 93 22.20 32.29 15.82
N GLU A 94 21.40 33.33 16.03
CA GLU A 94 21.91 34.72 16.09
C GLU A 94 22.77 34.94 17.35
N ASP A 95 22.55 34.20 18.43
CA ASP A 95 23.37 34.37 19.66
C ASP A 95 23.89 33.03 20.19
N ALA A 96 23.79 31.92 19.44
CA ALA A 96 24.46 30.66 19.84
C ALA A 96 25.99 30.80 19.67
N GLU A 97 26.72 30.36 20.69
CA GLU A 97 28.20 30.32 20.71
C GLU A 97 28.67 28.98 20.13
N ILE A 98 27.90 27.92 20.39
CA ILE A 98 28.16 26.56 19.80
C ILE A 98 26.91 26.14 19.06
N ILE A 99 27.05 25.68 17.82
CA ILE A 99 25.92 25.10 17.06
C ILE A 99 26.28 23.64 16.74
N ILE A 100 25.44 22.74 17.21
CA ILE A 100 25.55 21.28 16.92
C ILE A 100 24.54 21.00 15.81
N THR A 101 25.02 20.44 14.71
CA THR A 101 24.14 19.99 13.59
C THR A 101 24.36 18.50 13.43
N THR A 102 23.52 17.90 12.60
CA THR A 102 23.68 16.45 12.33
C THR A 102 23.35 16.25 10.87
N PRO A 103 24.13 15.44 10.11
CA PRO A 103 23.93 15.36 8.68
C PRO A 103 22.59 14.79 8.26
N PHE A 104 21.95 13.99 9.13
CA PHE A 104 20.72 13.23 8.83
C PHE A 104 19.56 14.23 8.79
N HIS A 105 19.71 15.44 9.39
CA HIS A 105 18.69 16.54 9.40
C HIS A 105 19.41 17.87 9.48
N PRO A 106 20.09 18.28 8.38
CA PRO A 106 21.17 19.27 8.48
C PRO A 106 20.67 20.70 8.53
N GLY A 107 21.02 21.39 9.60
CA GLY A 107 20.87 22.87 9.66
C GLY A 107 21.88 23.49 8.74
N TYR A 108 21.48 23.95 7.57
CA TYR A 108 22.41 24.48 6.55
C TYR A 108 22.99 25.81 7.04
N LEU A 109 24.28 25.88 7.32
CA LEU A 109 24.94 27.12 7.79
C LEU A 109 25.47 27.87 6.59
N THR A 110 24.55 28.55 5.92
CA THR A 110 24.80 29.31 4.70
C THR A 110 25.60 30.58 5.05
N ALA A 111 26.20 31.20 4.06
CA ALA A 111 26.91 32.50 4.22
C ALA A 111 25.95 33.50 4.89
N GLU A 112 24.69 33.55 4.49
CA GLU A 112 23.66 34.50 5.01
C GLU A 112 23.47 34.23 6.50
N ARG A 113 23.33 32.96 6.90
CA ARG A 113 23.09 32.61 8.31
C ARG A 113 24.34 32.88 9.15
N LEU A 114 25.52 32.55 8.63
CA LEU A 114 26.78 32.70 9.40
C LEU A 114 26.99 34.20 9.64
N ALA A 115 26.60 35.03 8.68
CA ALA A 115 26.75 36.52 8.80
C ALA A 115 25.87 37.03 9.95
N ARG A 116 24.82 36.30 10.33
CA ARG A 116 23.89 36.68 11.42
C ARG A 116 24.26 35.99 12.74
N ALA A 117 25.14 34.98 12.70
CA ALA A 117 25.52 34.20 13.91
C ALA A 117 26.64 34.95 14.64
N LYS A 118 26.29 36.04 15.36
CA LYS A 118 27.30 37.02 15.84
C LYS A 118 28.16 36.39 16.94
N LYS A 119 27.67 35.39 17.68
CA LYS A 119 28.37 34.80 18.85
CA LYS A 119 28.38 34.80 18.85
C LYS A 119 29.05 33.46 18.47
N LEU A 120 28.85 32.97 17.25
CA LEU A 120 29.27 31.58 16.90
C LEU A 120 30.81 31.46 16.90
N LYS A 121 31.32 30.47 17.66
CA LYS A 121 32.78 30.17 17.69
CA LYS A 121 32.78 30.17 17.69
C LYS A 121 33.05 28.72 17.23
N LEU A 122 32.11 27.83 17.48
CA LEU A 122 32.30 26.35 17.26
C LEU A 122 31.03 25.79 16.63
N ALA A 123 31.21 25.12 15.50
CA ALA A 123 30.15 24.35 14.81
C ALA A 123 30.55 22.86 14.82
N VAL A 124 29.80 22.06 15.55
CA VAL A 124 30.09 20.62 15.72
C VAL A 124 29.09 19.84 14.89
N THR A 125 29.59 18.91 14.11
CA THR A 125 28.73 17.93 13.37
C THR A 125 28.60 16.66 14.19
N ALA A 126 27.40 16.32 14.59
CA ALA A 126 27.07 15.07 15.28
C ALA A 126 26.99 13.98 14.23
N GLY A 127 28.15 13.46 13.87
CA GLY A 127 28.36 12.54 12.73
C GLY A 127 29.57 12.97 11.96
N ILE A 128 29.57 12.74 10.66
CA ILE A 128 30.72 12.97 9.77
C ILE A 128 30.19 13.63 8.49
N GLY A 129 30.89 14.65 8.02
CA GLY A 129 30.61 15.37 6.78
C GLY A 129 30.04 16.71 7.12
N SER A 130 30.83 17.75 6.91
CA SER A 130 30.43 19.09 7.40
C SER A 130 30.10 19.99 6.23
N ASP A 131 29.76 19.43 5.07
CA ASP A 131 29.46 20.16 3.81
C ASP A 131 28.15 20.96 3.90
N HIS A 132 27.34 20.74 4.94
CA HIS A 132 26.11 21.54 5.17
C HIS A 132 26.50 22.87 5.80
N VAL A 133 27.76 23.06 6.14
CA VAL A 133 28.33 24.37 6.55
C VAL A 133 29.04 24.97 5.34
N ASP A 134 28.87 26.26 5.06
CA ASP A 134 29.67 26.94 4.04
C ASP A 134 31.04 27.20 4.67
N LEU A 135 31.99 26.31 4.39
CA LEU A 135 33.26 26.27 5.12
C LEU A 135 34.10 27.50 4.72
N ASP A 136 34.01 27.94 3.47
CA ASP A 136 34.76 29.14 3.01
C ASP A 136 34.24 30.35 3.81
N ALA A 137 32.93 30.49 3.96
CA ALA A 137 32.32 31.56 4.77
C ALA A 137 32.69 31.38 6.24
N ALA A 138 32.71 30.14 6.76
CA ALA A 138 33.07 29.90 8.16
C ALA A 138 34.47 30.45 8.45
N ASN A 139 35.38 30.34 7.49
CA ASN A 139 36.79 30.77 7.65
C ASN A 139 36.87 32.30 7.75
N LYS A 140 35.85 33.01 7.26
N LYS A 140 35.85 33.01 7.26
CA LYS A 140 35.82 34.50 7.27
CA LYS A 140 35.82 34.50 7.27
C LYS A 140 34.84 35.02 8.33
C LYS A 140 34.84 35.02 8.33
N THR A 141 34.31 34.14 9.19
CA THR A 141 33.23 34.48 10.17
C THR A 141 33.81 34.57 11.58
N ASN A 142 33.60 35.70 12.26
CA ASN A 142 33.91 35.87 13.70
C ASN A 142 35.39 35.50 13.98
N GLY A 143 36.29 35.80 13.04
CA GLY A 143 37.74 35.54 13.15
C GLY A 143 38.13 34.16 12.66
N GLY A 144 37.17 33.41 12.10
CA GLY A 144 37.39 32.03 11.63
C GLY A 144 36.88 31.04 12.66
N ILE A 145 35.70 30.46 12.42
CA ILE A 145 35.09 29.57 13.43
C ILE A 145 35.73 28.18 13.28
N THR A 146 35.67 27.42 14.35
CA THR A 146 36.09 26.00 14.36
C THR A 146 34.90 25.20 13.85
N VAL A 147 35.13 24.37 12.85
CA VAL A 147 34.13 23.36 12.39
C VAL A 147 34.77 21.99 12.62
N ALA A 148 34.15 21.26 13.52
CA ALA A 148 34.64 19.93 13.96
C ALA A 148 33.55 18.89 13.72
N GLU A 149 33.98 17.66 13.52
CA GLU A 149 33.06 16.51 13.40
C GLU A 149 33.67 15.29 14.10
N VAL A 150 32.88 14.25 14.26
CA VAL A 150 33.29 13.06 15.05
C VAL A 150 33.91 12.04 14.08
N THR A 151 35.13 12.31 13.68
CA THR A 151 35.88 11.52 12.71
C THR A 151 35.90 10.07 13.18
N GLY A 152 35.66 9.09 12.29
CA GLY A 152 35.67 7.67 12.63
C GLY A 152 34.42 7.13 13.31
N SER A 153 33.51 7.93 13.79
CA SER A 153 32.39 7.49 14.65
C SER A 153 31.46 6.50 13.95
N ASN A 154 31.22 6.68 12.64
CA ASN A 154 30.19 5.85 11.99
C ASN A 154 30.73 5.32 10.69
N VAL A 155 32.05 5.32 10.50
CA VAL A 155 32.64 4.86 9.21
C VAL A 155 32.37 3.36 9.01
N VAL A 156 32.39 2.55 10.06
CA VAL A 156 32.09 1.10 9.88
C VAL A 156 30.63 0.98 9.43
N SER A 157 29.73 1.72 10.07
CA SER A 157 28.30 1.64 9.80
C SER A 157 28.08 1.91 8.28
N VAL A 158 28.71 2.94 7.78
CA VAL A 158 28.52 3.29 6.35
C VAL A 158 29.14 2.24 5.47
N ALA A 159 30.33 1.74 5.79
CA ALA A 159 30.98 0.73 4.95
C ALA A 159 30.08 -0.50 4.86
N GLU A 160 29.49 -0.94 5.97
CA GLU A 160 28.56 -2.08 5.94
C GLU A 160 27.41 -1.76 4.99
N HIS A 161 26.87 -0.57 5.12
CA HIS A 161 25.72 -0.15 4.30
C HIS A 161 26.10 -0.21 2.81
N VAL A 162 27.29 0.24 2.45
CA VAL A 162 27.76 0.17 1.05
C VAL A 162 27.72 -1.27 0.60
N VAL A 163 28.37 -2.18 1.30
CA VAL A 163 28.42 -3.58 0.85
C VAL A 163 27.00 -4.16 0.75
N MET A 164 26.16 -3.92 1.73
CA MET A 164 24.76 -4.33 1.65
C MET A 164 24.13 -3.84 0.34
N THR A 165 24.26 -2.55 0.07
CA THR A 165 23.58 -1.92 -1.08
C THR A 165 24.14 -2.52 -2.36
N ILE A 166 25.46 -2.73 -2.44
CA ILE A 166 26.08 -3.38 -3.63
C ILE A 166 25.38 -4.73 -3.84
N LEU A 167 25.27 -5.55 -2.80
CA LEU A 167 24.71 -6.88 -2.94
C LEU A 167 23.23 -6.79 -3.32
N VAL A 168 22.48 -5.93 -2.67
CA VAL A 168 21.03 -5.77 -2.96
C VAL A 168 20.86 -5.45 -4.47
N LEU A 169 21.68 -4.56 -4.99
CA LEU A 169 21.55 -4.19 -6.42
C LEU A 169 22.04 -5.32 -7.31
N VAL A 170 23.22 -5.87 -7.08
CA VAL A 170 23.80 -6.91 -7.96
C VAL A 170 22.87 -8.11 -7.98
N ARG A 171 22.31 -8.49 -6.82
CA ARG A 171 21.52 -9.73 -6.70
C ARG A 171 20.02 -9.45 -6.93
N ASN A 172 19.67 -8.24 -7.29
CA ASN A 172 18.27 -7.90 -7.70
C ASN A 172 17.27 -8.17 -6.59
N PHE A 173 17.63 -7.84 -5.35
CA PHE A 173 16.77 -8.15 -4.18
C PHE A 173 15.43 -7.40 -4.19
N VAL A 174 15.46 -6.12 -4.48
CA VAL A 174 14.25 -5.27 -4.24
C VAL A 174 13.06 -5.81 -5.03
N PRO A 175 13.15 -5.94 -6.37
CA PRO A 175 11.96 -6.43 -7.09
C PRO A 175 11.59 -7.85 -6.69
N ALA A 176 12.57 -8.67 -6.30
CA ALA A 176 12.33 -10.05 -5.87
C ALA A 176 11.50 -10.04 -4.59
N HIS A 177 11.84 -9.20 -3.62
CA HIS A 177 11.09 -9.12 -2.37
C HIS A 177 9.68 -8.59 -2.68
N GLU A 178 9.59 -7.60 -3.56
CA GLU A 178 8.26 -7.03 -3.89
C GLU A 178 7.41 -8.12 -4.53
N GLN A 179 7.94 -8.97 -5.38
CA GLN A 179 7.18 -10.07 -6.00
C GLN A 179 6.61 -10.95 -4.91
N ILE A 180 7.38 -11.31 -3.90
CA ILE A 180 6.91 -12.19 -2.82
C ILE A 180 5.79 -11.51 -2.04
N GLU A 181 5.95 -10.24 -1.67
CA GLU A 181 4.94 -9.60 -0.80
C GLU A 181 3.63 -9.46 -1.61
N ALA A 182 3.71 -9.36 -2.92
CA ALA A 182 2.52 -9.19 -3.81
C ALA A 182 1.83 -10.53 -4.04
N GLY A 183 2.32 -11.65 -3.55
CA GLY A 183 1.68 -12.96 -3.68
C GLY A 183 2.04 -13.67 -4.96
N ARG A 184 3.07 -13.18 -5.68
CA ARG A 184 3.43 -13.72 -7.01
CA ARG A 184 3.44 -13.73 -7.01
C ARG A 184 4.60 -14.72 -6.88
N TRP A 185 4.90 -15.42 -7.95
CA TRP A 185 6.02 -16.38 -7.99
C TRP A 185 6.49 -16.50 -9.41
N ASP A 186 7.66 -15.95 -9.73
CA ASP A 186 8.23 -16.08 -11.08
C ASP A 186 9.74 -15.92 -10.92
N VAL A 187 10.40 -17.07 -10.84
CA VAL A 187 11.86 -17.10 -10.60
C VAL A 187 12.55 -16.41 -11.77
N ALA A 188 12.21 -16.75 -13.01
CA ALA A 188 12.94 -16.19 -14.17
C ALA A 188 12.83 -14.69 -14.23
N GLU A 189 11.69 -14.13 -13.84
CA GLU A 189 11.45 -12.68 -13.89
C GLU A 189 12.51 -11.91 -13.11
N VAL A 190 12.94 -12.47 -11.98
CA VAL A 190 13.94 -11.73 -11.17
C VAL A 190 15.31 -12.36 -11.29
N ALA A 191 15.44 -13.65 -11.65
CA ALA A 191 16.78 -14.25 -11.83
C ALA A 191 17.44 -13.66 -13.08
N LYS A 192 16.66 -13.17 -14.06
CA LYS A 192 17.25 -12.66 -15.32
C LYS A 192 18.16 -11.44 -15.09
N ASP A 193 18.08 -10.74 -13.95
CA ASP A 193 18.92 -9.55 -13.64
CA ASP A 193 18.91 -9.55 -13.63
C ASP A 193 19.69 -9.83 -12.34
N GLU A 194 19.85 -11.07 -11.98
CA GLU A 194 20.53 -11.48 -10.73
C GLU A 194 21.94 -11.96 -11.09
N TYR A 195 22.93 -11.30 -10.53
CA TYR A 195 24.34 -11.70 -10.75
C TYR A 195 24.98 -12.02 -9.42
N ASP A 196 26.15 -12.63 -9.43
CA ASP A 196 26.99 -12.76 -8.23
C ASP A 196 28.00 -11.61 -8.19
N LEU A 197 28.39 -11.19 -6.99
CA LEU A 197 29.46 -10.18 -6.84
C LEU A 197 30.83 -10.80 -7.14
N GLU A 198 31.00 -12.07 -6.88
CA GLU A 198 32.23 -12.80 -7.24
C GLU A 198 32.55 -12.52 -8.71
N GLY A 199 33.82 -12.24 -8.98
CA GLY A 199 34.26 -12.04 -10.37
C GLY A 199 33.93 -10.68 -10.92
N LYS A 200 33.33 -9.78 -10.17
CA LYS A 200 33.05 -8.42 -10.62
C LYS A 200 34.15 -7.46 -10.17
N VAL A 201 34.34 -6.39 -10.88
CA VAL A 201 35.33 -5.36 -10.51
C VAL A 201 34.60 -4.26 -9.78
N VAL A 202 35.07 -3.89 -8.60
CA VAL A 202 34.48 -2.83 -7.77
C VAL A 202 35.51 -1.74 -7.58
N GLY A 203 35.11 -0.50 -7.77
CA GLY A 203 35.94 0.67 -7.56
C GLY A 203 35.36 1.62 -6.58
N THR A 204 36.17 2.19 -5.71
CA THR A 204 35.74 3.23 -4.77
C THR A 204 36.34 4.58 -5.14
N VAL A 205 35.53 5.61 -5.10
CA VAL A 205 35.94 7.01 -5.24
C VAL A 205 36.16 7.53 -3.85
N GLY A 206 37.44 7.59 -3.46
CA GLY A 206 37.82 7.86 -2.08
C GLY A 206 38.20 6.60 -1.35
N VAL A 207 39.38 6.60 -0.71
CA VAL A 207 39.88 5.41 0.02
C VAL A 207 40.30 5.89 1.41
N GLY A 208 39.48 6.75 1.97
CA GLY A 208 39.63 7.18 3.36
C GLY A 208 39.07 6.18 4.31
N ARG A 209 38.56 6.66 5.45
CA ARG A 209 38.12 5.74 6.50
C ARG A 209 36.98 4.84 6.01
N ILE A 210 36.03 5.39 5.25
CA ILE A 210 34.94 4.54 4.71
C ILE A 210 35.42 3.73 3.54
N GLY A 211 36.03 4.34 2.53
CA GLY A 211 36.40 3.60 1.33
C GLY A 211 37.30 2.43 1.66
N GLU A 212 38.30 2.64 2.54
CA GLU A 212 39.17 1.52 2.90
C GLU A 212 38.37 0.41 3.59
N ARG A 213 37.44 0.77 4.45
CA ARG A 213 36.64 -0.23 5.16
C ARG A 213 35.68 -0.97 4.22
N VAL A 214 35.23 -0.31 3.17
CA VAL A 214 34.44 -0.98 2.13
C VAL A 214 35.29 -2.05 1.47
N LEU A 215 36.50 -1.70 1.04
CA LEU A 215 37.40 -2.69 0.41
C LEU A 215 37.71 -3.83 1.36
N ARG A 216 37.92 -3.55 2.63
CA ARG A 216 38.20 -4.60 3.63
C ARG A 216 37.02 -5.59 3.75
N ARG A 217 35.79 -5.09 3.63
CA ARG A 217 34.63 -5.99 3.68
C ARG A 217 34.45 -6.72 2.34
N LEU A 218 34.82 -6.12 1.23
CA LEU A 218 34.67 -6.78 -0.09
C LEU A 218 35.71 -7.87 -0.27
N LYS A 219 36.81 -7.82 0.45
CA LYS A 219 37.92 -8.77 0.23
CA LYS A 219 37.91 -8.77 0.24
C LYS A 219 37.42 -10.22 0.22
N GLY A 220 36.54 -10.62 1.16
CA GLY A 220 36.13 -12.02 1.25
C GLY A 220 35.22 -12.48 0.14
N PHE A 221 34.74 -11.56 -0.70
CA PHE A 221 33.79 -11.89 -1.80
C PHE A 221 34.50 -12.25 -3.11
N ASP A 222 35.82 -12.24 -3.18
CA ASP A 222 36.54 -12.71 -4.39
C ASP A 222 36.04 -11.96 -5.64
N CYS A 223 35.96 -10.67 -5.50
CA CYS A 223 35.79 -9.77 -6.66
C CYS A 223 36.99 -10.02 -7.59
N LYS A 224 36.80 -9.80 -8.89
CA LYS A 224 37.93 -9.92 -9.84
C LYS A 224 39.03 -8.92 -9.47
N GLU A 225 38.68 -7.69 -9.16
CA GLU A 225 39.63 -6.66 -8.76
C GLU A 225 38.90 -5.68 -7.86
N LEU A 226 39.65 -5.11 -6.94
CA LEU A 226 39.25 -3.99 -6.10
C LEU A 226 40.09 -2.79 -6.49
N LEU A 227 39.48 -1.69 -6.90
CA LEU A 227 40.16 -0.50 -7.39
C LEU A 227 39.83 0.70 -6.56
N TYR A 228 40.68 1.71 -6.54
CA TYR A 228 40.35 2.98 -5.90
C TYR A 228 40.93 4.14 -6.67
N TYR A 229 40.31 5.28 -6.48
CA TYR A 229 40.76 6.59 -6.97
C TYR A 229 40.72 7.58 -5.82
N ASP A 230 41.87 8.15 -5.47
CA ASP A 230 41.98 9.14 -4.38
C ASP A 230 43.35 9.81 -4.56
N TYR A 231 43.40 11.11 -4.38
CA TYR A 231 44.69 11.84 -4.40
C TYR A 231 45.48 11.57 -3.11
N GLN A 232 44.86 10.99 -2.08
CA GLN A 232 45.54 10.49 -0.87
C GLN A 232 45.56 8.97 -0.93
N PRO A 233 46.64 8.33 -1.40
CA PRO A 233 46.65 6.90 -1.62
C PRO A 233 46.76 6.09 -0.33
N LEU A 234 46.43 4.81 -0.44
CA LEU A 234 46.75 3.80 0.60
C LEU A 234 48.25 3.56 0.54
N SER A 235 48.81 3.17 1.69
CA SER A 235 50.19 2.68 1.70
C SER A 235 50.34 1.45 0.84
N PRO A 236 51.55 1.15 0.34
CA PRO A 236 51.76 -0.09 -0.36
C PRO A 236 51.40 -1.31 0.49
N GLU A 237 51.67 -1.23 1.81
CA GLU A 237 51.40 -2.39 2.69
C GLU A 237 49.88 -2.63 2.73
N LYS A 238 49.10 -1.58 2.85
CA LYS A 238 47.62 -1.72 2.88
C LYS A 238 47.12 -2.21 1.52
N GLU A 239 47.70 -1.74 0.42
CA GLU A 239 47.27 -2.20 -0.91
C GLU A 239 47.48 -3.71 -0.97
N LYS A 240 48.62 -4.23 -0.47
CA LYS A 240 48.92 -5.67 -0.53
CA LYS A 240 48.92 -5.68 -0.52
C LYS A 240 48.03 -6.46 0.46
N GLU A 241 47.79 -5.91 1.62
CA GLU A 241 47.01 -6.60 2.68
C GLU A 241 45.57 -6.78 2.18
N ILE A 242 44.97 -5.70 1.70
CA ILE A 242 43.56 -5.74 1.22
C ILE A 242 43.48 -6.43 -0.12
N GLY A 243 44.44 -6.20 -1.01
CA GLY A 243 44.52 -6.72 -2.35
C GLY A 243 43.75 -5.78 -3.28
N CYS A 244 44.20 -4.53 -3.41
CA CYS A 244 43.53 -3.53 -4.24
C CYS A 244 44.56 -2.73 -5.01
N ARG A 245 44.10 -2.02 -6.02
CA ARG A 245 44.99 -1.30 -6.97
C ARG A 245 44.53 0.14 -7.11
N ARG A 246 45.43 1.09 -7.06
CA ARG A 246 45.16 2.50 -7.29
C ARG A 246 45.09 2.75 -8.80
N VAL A 247 44.02 3.42 -9.22
CA VAL A 247 43.92 3.92 -10.60
C VAL A 247 44.11 5.40 -10.57
N GLU A 248 44.99 5.90 -11.46
CA GLU A 248 45.42 7.32 -11.39
CA GLU A 248 45.44 7.31 -11.43
C GLU A 248 44.34 8.25 -11.95
N ASN A 249 43.50 7.77 -12.87
CA ASN A 249 42.50 8.63 -13.55
C ASN A 249 41.09 8.14 -13.27
N LEU A 250 40.22 9.04 -12.84
CA LEU A 250 38.84 8.60 -12.45
C LEU A 250 38.10 7.95 -13.63
N GLU A 251 38.09 8.58 -14.81
CA GLU A 251 37.37 8.02 -15.97
C GLU A 251 37.93 6.64 -16.33
N GLU A 252 39.26 6.46 -16.21
CA GLU A 252 39.86 5.14 -16.52
CA GLU A 252 39.95 5.17 -16.46
C GLU A 252 39.39 4.10 -15.50
N MET A 253 39.24 4.47 -14.23
CA MET A 253 38.71 3.51 -13.22
CA MET A 253 38.71 3.51 -13.22
C MET A 253 37.26 3.16 -13.58
N LEU A 254 36.44 4.17 -13.82
CA LEU A 254 35.00 3.92 -14.09
C LEU A 254 34.83 2.93 -15.23
N ALA A 255 35.65 3.04 -16.29
CA ALA A 255 35.50 2.19 -17.49
C ALA A 255 35.82 0.73 -17.24
N GLN A 256 36.50 0.43 -16.11
CA GLN A 256 36.95 -0.93 -15.74
C GLN A 256 36.00 -1.57 -14.74
N CYS A 257 35.14 -0.77 -14.11
CA CYS A 257 34.34 -1.31 -12.98
C CYS A 257 32.98 -1.85 -13.41
N ASP A 258 32.51 -2.90 -12.75
CA ASP A 258 31.11 -3.32 -12.78
C ASP A 258 30.33 -2.53 -11.74
N VAL A 259 30.93 -2.24 -10.60
CA VAL A 259 30.29 -1.54 -9.47
C VAL A 259 31.17 -0.35 -9.12
N VAL A 260 30.59 0.79 -8.88
CA VAL A 260 31.27 1.99 -8.39
C VAL A 260 30.59 2.46 -7.12
N THR A 261 31.38 2.73 -6.09
CA THR A 261 30.89 3.27 -4.83
C THR A 261 31.55 4.60 -4.55
N ILE A 262 30.80 5.61 -4.20
CA ILE A 262 31.28 6.97 -3.92
C ILE A 262 31.50 7.13 -2.43
N ASN A 263 32.75 7.44 -2.01
CA ASN A 263 33.10 7.54 -0.58
C ASN A 263 34.01 8.76 -0.34
N CYS A 264 33.77 9.87 -0.99
CA CYS A 264 34.52 11.11 -0.80
C CYS A 264 33.61 12.17 -0.22
N PRO A 265 34.17 13.21 0.43
CA PRO A 265 33.35 14.30 0.94
C PRO A 265 32.83 15.15 -0.21
N LEU A 266 31.81 15.94 0.13
CA LEU A 266 31.25 16.99 -0.77
C LEU A 266 32.04 18.28 -0.58
N HIS A 267 32.68 18.70 -1.65
CA HIS A 267 33.42 19.98 -1.72
C HIS A 267 33.27 20.48 -3.14
N GLU A 268 33.82 21.65 -3.43
CA GLU A 268 33.52 22.33 -4.72
CA GLU A 268 33.53 22.33 -4.71
C GLU A 268 33.83 21.39 -5.89
N SER A 269 34.91 20.60 -5.83
CA SER A 269 35.33 19.77 -6.97
C SER A 269 34.54 18.46 -7.07
N THR A 270 33.79 18.08 -6.04
CA THR A 270 32.94 16.87 -6.11
C THR A 270 31.44 17.20 -6.26
N ARG A 271 31.02 18.44 -6.12
CA ARG A 271 29.60 18.80 -6.33
CA ARG A 271 29.59 18.79 -6.33
C ARG A 271 29.24 18.56 -7.80
N GLY A 272 28.26 17.71 -8.07
CA GLY A 272 27.86 17.42 -9.46
C GLY A 272 28.93 16.69 -10.25
N LEU A 273 29.88 16.01 -9.58
CA LEU A 273 30.94 15.23 -10.26
C LEU A 273 30.29 14.16 -11.12
N PHE A 274 29.34 13.42 -10.56
CA PHE A 274 28.69 12.30 -11.28
C PHE A 274 27.49 12.88 -12.03
N ASN A 275 27.82 13.48 -13.17
CA ASN A 275 26.88 14.02 -14.16
C ASN A 275 26.77 13.05 -15.32
N LYS A 276 25.92 13.38 -16.32
CA LYS A 276 25.71 12.44 -17.45
CA LYS A 276 25.70 12.45 -17.46
C LYS A 276 27.05 12.10 -18.12
N ASP A 277 27.96 13.08 -18.27
CA ASP A 277 29.24 12.83 -18.97
CA ASP A 277 29.24 12.83 -18.97
C ASP A 277 30.07 11.80 -18.18
N LEU A 278 30.14 11.95 -16.86
CA LEU A 278 30.97 11.00 -16.08
C LEU A 278 30.27 9.65 -15.96
N ILE A 279 28.95 9.67 -15.75
CA ILE A 279 28.20 8.38 -15.69
C ILE A 279 28.35 7.60 -16.99
N SER A 280 28.44 8.32 -18.12
CA SER A 280 28.59 7.70 -19.46
CA SER A 280 28.58 7.68 -19.45
C SER A 280 29.90 6.91 -19.58
N LYS A 281 30.88 7.18 -18.71
CA LYS A 281 32.17 6.44 -18.69
C LYS A 281 32.04 5.11 -17.95
N MET A 282 31.01 4.97 -17.13
CA MET A 282 30.74 3.67 -16.48
C MET A 282 30.28 2.65 -17.53
N LYS A 283 30.47 1.40 -17.26
CA LYS A 283 30.07 0.32 -18.16
C LYS A 283 28.54 0.29 -18.29
N ARG A 284 28.05 -0.08 -19.44
CA ARG A 284 26.59 -0.33 -19.57
C ARG A 284 26.18 -1.45 -18.61
N GLY A 285 25.11 -1.20 -17.87
CA GLY A 285 24.55 -2.19 -16.93
C GLY A 285 25.30 -2.25 -15.60
N SER A 286 26.07 -1.23 -15.31
CA SER A 286 26.83 -1.13 -14.04
C SER A 286 25.91 -0.75 -12.90
N TRP A 287 26.43 -0.83 -11.69
CA TRP A 287 25.71 -0.50 -10.44
C TRP A 287 26.45 0.60 -9.74
N LEU A 288 25.79 1.66 -9.29
CA LEU A 288 26.37 2.83 -8.64
C LEU A 288 25.78 2.93 -7.26
N VAL A 289 26.66 3.08 -6.27
CA VAL A 289 26.28 3.24 -4.86
C VAL A 289 26.81 4.56 -4.35
N ASN A 290 25.97 5.30 -3.65
CA ASN A 290 26.35 6.61 -3.07
C ASN A 290 25.81 6.74 -1.67
N THR A 291 26.70 6.51 -0.69
CA THR A 291 26.47 6.81 0.73
C THR A 291 27.26 8.02 1.16
N ALA A 292 27.83 8.76 0.22
CA ALA A 292 28.70 9.91 0.57
C ALA A 292 27.83 11.14 0.79
N ARG A 293 27.48 11.81 -0.29
CA ARG A 293 26.53 12.96 -0.26
C ARG A 293 25.73 12.98 -1.56
N GLY A 294 24.45 13.34 -1.45
CA GLY A 294 23.55 13.37 -2.62
C GLY A 294 24.04 14.31 -3.70
N ALA A 295 24.58 15.48 -3.31
CA ALA A 295 24.93 16.51 -4.31
C ALA A 295 26.16 16.11 -5.13
N ILE A 296 26.86 15.03 -4.80
CA ILE A 296 27.98 14.54 -5.63
C ILE A 296 27.43 14.00 -6.95
N VAL A 297 26.20 13.50 -6.99
CA VAL A 297 25.57 13.07 -8.27
C VAL A 297 24.59 14.14 -8.74
N VAL A 298 24.36 14.15 -10.04
CA VAL A 298 23.25 14.94 -10.65
C VAL A 298 22.04 14.03 -10.74
N LYS A 299 21.05 14.26 -9.89
CA LYS A 299 19.93 13.30 -9.72
CA LYS A 299 19.93 13.30 -9.71
C LYS A 299 19.22 13.02 -11.04
N GLU A 300 19.02 14.03 -11.90
CA GLU A 300 18.30 13.78 -13.16
C GLU A 300 19.15 12.91 -14.08
N ASP A 301 20.48 13.03 -13.99
CA ASP A 301 21.38 12.23 -14.84
C ASP A 301 21.39 10.78 -14.36
N VAL A 302 21.38 10.57 -13.04
CA VAL A 302 21.25 9.18 -12.53
C VAL A 302 19.92 8.56 -13.01
N ALA A 303 18.83 9.32 -12.86
CA ALA A 303 17.50 8.80 -13.20
C ALA A 303 17.46 8.43 -14.70
N GLU A 304 18.02 9.27 -15.55
CA GLU A 304 18.04 9.04 -17.01
C GLU A 304 18.88 7.81 -17.34
N ALA A 305 20.05 7.66 -16.68
CA ALA A 305 20.90 6.50 -16.91
C ALA A 305 20.19 5.21 -16.54
N LEU A 306 19.43 5.21 -15.44
CA LEU A 306 18.61 4.06 -15.06
C LEU A 306 17.51 3.81 -16.09
N ARG A 307 16.87 4.89 -16.50
CA ARG A 307 15.68 4.81 -17.39
C ARG A 307 16.07 4.08 -18.67
N THR A 308 17.26 4.35 -19.21
CA THR A 308 17.68 3.81 -20.52
C THR A 308 18.46 2.51 -20.36
N GLY A 309 18.74 2.08 -19.12
CA GLY A 309 19.48 0.85 -18.88
C GLY A 309 21.00 1.03 -18.94
N HIS A 310 21.50 2.25 -19.00
CA HIS A 310 22.96 2.47 -18.87
C HIS A 310 23.41 2.07 -17.44
N LEU A 311 22.68 2.45 -16.43
CA LEU A 311 22.88 1.82 -15.08
C LEU A 311 21.85 0.72 -14.88
N ARG A 312 22.23 -0.40 -14.34
CA ARG A 312 21.33 -1.44 -13.81
C ARG A 312 20.79 -1.01 -12.45
N GLY A 313 21.51 -0.20 -11.68
CA GLY A 313 21.02 0.11 -10.34
C GLY A 313 21.71 1.29 -9.75
N TYR A 314 21.01 1.95 -8.82
CA TYR A 314 21.53 3.04 -7.99
C TYR A 314 20.99 2.83 -6.60
N GLY A 315 21.82 3.05 -5.58
CA GLY A 315 21.34 2.97 -4.20
C GLY A 315 22.23 3.74 -3.27
N GLY A 316 21.75 3.86 -2.04
CA GLY A 316 22.45 4.60 -1.00
C GLY A 316 21.45 5.30 -0.13
N ASP A 317 21.93 6.23 0.68
CA ASP A 317 21.09 6.80 1.75
C ASP A 317 21.13 8.31 1.72
N VAL A 318 21.80 8.95 0.79
CA VAL A 318 22.03 10.41 0.87
C VAL A 318 21.35 11.13 -0.31
N TRP A 319 20.94 12.35 0.02
CA TRP A 319 20.06 13.16 -0.85
C TRP A 319 20.46 14.62 -0.76
N PHE A 320 20.10 15.41 -1.76
CA PHE A 320 20.20 16.88 -1.59
C PHE A 320 18.92 17.54 -2.09
N PRO A 321 18.29 18.41 -1.27
CA PRO A 321 18.62 18.64 0.12
C PRO A 321 18.04 17.55 1.03
N GLN A 322 18.25 17.65 2.37
CA GLN A 322 17.60 16.76 3.32
C GLN A 322 16.81 17.57 4.32
N PRO A 323 15.56 17.18 4.68
CA PRO A 323 14.86 16.00 4.15
C PRO A 323 14.72 16.00 2.63
N ALA A 324 14.74 14.82 2.00
CA ALA A 324 14.56 14.73 0.56
C ALA A 324 13.13 15.17 0.25
N PRO A 325 12.94 16.07 -0.74
CA PRO A 325 11.59 16.41 -1.15
C PRO A 325 10.78 15.15 -1.48
N ALA A 326 9.47 15.22 -1.22
CA ALA A 326 8.58 14.06 -1.40
C ALA A 326 8.54 13.61 -2.84
N ASP A 327 8.80 14.50 -3.81
CA ASP A 327 8.80 14.20 -5.25
C ASP A 327 10.20 14.01 -5.84
N HIS A 328 11.22 13.86 -4.98
CA HIS A 328 12.59 13.66 -5.50
C HIS A 328 12.61 12.48 -6.46
N VAL A 329 13.23 12.67 -7.63
CA VAL A 329 13.14 11.68 -8.72
C VAL A 329 13.79 10.34 -8.32
N LEU A 330 14.78 10.36 -7.40
CA LEU A 330 15.43 9.06 -7.08
C LEU A 330 14.64 8.29 -6.03
N ARG A 331 13.48 8.79 -5.55
CA ARG A 331 12.61 7.93 -4.74
C ARG A 331 11.99 6.80 -5.55
N THR A 332 11.76 7.04 -6.86
CA THR A 332 10.93 6.12 -7.67
C THR A 332 11.58 5.74 -9.00
N ALA A 333 12.75 6.28 -9.33
CA ALA A 333 13.44 5.94 -10.60
C ALA A 333 13.78 4.46 -10.63
N LYS A 334 13.58 3.80 -11.75
CA LYS A 334 13.82 2.35 -11.95
C LYS A 334 14.60 2.12 -13.25
N ASN A 335 15.23 0.99 -13.33
CA ASN A 335 15.80 0.45 -14.58
C ASN A 335 14.64 -0.03 -15.46
N PRO A 336 14.94 -0.47 -16.71
CA PRO A 336 13.87 -0.84 -17.63
C PRO A 336 13.10 -2.09 -17.20
N PHE A 337 13.59 -2.85 -16.23
CA PHE A 337 12.95 -4.09 -15.73
CA PHE A 337 12.93 -4.08 -15.73
C PHE A 337 12.11 -3.80 -14.47
N GLY A 338 12.06 -2.55 -14.02
CA GLY A 338 11.30 -2.18 -12.82
C GLY A 338 12.05 -2.49 -11.52
N GLY A 339 13.36 -2.63 -11.58
CA GLY A 339 14.22 -2.75 -10.39
C GLY A 339 15.26 -1.64 -10.36
N GLY A 340 16.36 -1.91 -9.68
CA GLY A 340 17.52 -1.02 -9.70
C GLY A 340 17.48 0.17 -8.79
N ASN A 341 16.56 0.17 -7.80
CA ASN A 341 16.49 1.28 -6.85
C ASN A 341 16.63 0.72 -5.44
N ALA A 342 17.73 1.06 -4.77
CA ALA A 342 17.98 0.64 -3.37
C ALA A 342 18.18 1.87 -2.51
N MET A 343 17.36 2.89 -2.68
CA MET A 343 17.44 4.13 -1.91
C MET A 343 16.78 3.93 -0.54
N VAL A 344 17.37 4.52 0.48
CA VAL A 344 16.76 4.62 1.83
C VAL A 344 16.91 6.06 2.28
N PRO A 345 16.25 6.45 3.39
CA PRO A 345 16.47 7.77 3.99
C PRO A 345 17.90 7.81 4.56
N HIS A 346 18.36 9.00 4.93
CA HIS A 346 19.75 9.15 5.41
C HIS A 346 19.86 8.54 6.79
N MET A 347 20.33 7.30 6.85
CA MET A 347 20.25 6.53 8.09
C MET A 347 21.55 5.75 8.36
N SER A 348 22.41 5.52 7.39
CA SER A 348 23.46 4.50 7.63
C SER A 348 24.36 4.93 8.79
N GLY A 349 24.71 6.20 8.83
CA GLY A 349 25.59 6.74 9.89
C GLY A 349 24.86 7.00 11.20
N THR A 350 23.55 6.72 11.28
CA THR A 350 22.79 6.95 12.52
C THR A 350 22.15 5.64 12.97
N SER A 351 22.80 4.52 12.69
CA SER A 351 22.45 3.26 13.37
C SER A 351 22.56 3.43 14.89
N LEU A 352 21.90 2.57 15.62
CA LEU A 352 21.92 2.69 17.10
C LEU A 352 23.34 2.56 17.62
N ASP A 353 24.13 1.69 17.01
CA ASP A 353 25.55 1.53 17.42
C ASP A 353 26.32 2.81 17.10
N ALA A 354 26.13 3.40 15.93
CA ALA A 354 26.81 4.64 15.55
C ALA A 354 26.45 5.81 16.48
N GLN A 355 25.19 5.90 16.86
CA GLN A 355 24.73 7.08 17.64
C GLN A 355 25.47 7.11 18.98
N LYS A 356 25.69 5.96 19.58
N LYS A 356 25.68 5.94 19.59
CA LYS A 356 26.39 5.93 20.90
CA LYS A 356 26.39 5.89 20.90
C LYS A 356 27.77 6.55 20.71
C LYS A 356 27.77 6.54 20.72
N ARG A 357 28.48 6.19 19.64
CA ARG A 357 29.82 6.72 19.37
C ARG A 357 29.79 8.21 19.04
N TYR A 358 28.90 8.69 18.14
CA TYR A 358 29.01 10.11 17.78
C TYR A 358 28.49 10.97 18.96
N ALA A 359 27.57 10.47 19.74
CA ALA A 359 27.09 11.23 20.93
C ALA A 359 28.28 11.44 21.90
N GLU A 360 29.04 10.39 22.16
CA GLU A 360 30.22 10.47 23.07
CA GLU A 360 30.21 10.48 23.07
C GLU A 360 31.24 11.44 22.45
N GLY A 361 31.43 11.40 21.13
CA GLY A 361 32.40 12.24 20.47
C GLY A 361 32.00 13.69 20.50
N VAL A 362 30.72 13.99 20.39
CA VAL A 362 30.26 15.41 20.47
C VAL A 362 30.59 15.92 21.89
N LYS A 363 30.34 15.12 22.90
CA LYS A 363 30.65 15.53 24.32
C LYS A 363 32.15 15.85 24.44
N ARG A 364 33.01 15.00 23.88
CA ARG A 364 34.49 15.19 23.91
CA ARG A 364 34.49 15.18 23.89
C ARG A 364 34.86 16.51 23.22
N ILE A 365 34.28 16.80 22.05
CA ILE A 365 34.60 18.06 21.33
C ILE A 365 34.12 19.25 22.17
N LEU A 366 32.89 19.17 22.67
CA LEU A 366 32.32 20.25 23.50
C LEU A 366 33.25 20.48 24.69
N ASP A 367 33.75 19.44 25.31
CA ASP A 367 34.60 19.58 26.52
C ASP A 367 35.91 20.27 26.15
N SER A 368 36.51 19.97 24.99
CA SER A 368 37.71 20.66 24.49
C SER A 368 37.48 22.17 24.46
N TYR A 369 36.32 22.62 23.98
CA TYR A 369 35.99 24.06 23.85
C TYR A 369 35.65 24.64 25.23
N LEU A 370 34.69 24.05 25.92
CA LEU A 370 34.12 24.60 27.19
C LEU A 370 35.20 24.66 28.27
N SER A 371 36.14 23.71 28.27
CA SER A 371 37.26 23.65 29.27
C SER A 371 38.22 24.83 29.07
N GLY A 372 38.21 25.49 27.91
CA GLY A 372 39.18 26.49 27.49
C GLY A 372 40.50 25.91 27.05
N ARG A 373 40.66 24.58 27.03
CA ARG A 373 41.90 23.93 26.52
C ARG A 373 42.00 24.05 25.00
N PHE A 374 40.86 23.95 24.28
CA PHE A 374 40.84 23.90 22.79
C PHE A 374 41.75 22.76 22.30
N ASP A 375 41.76 21.65 23.02
CA ASP A 375 42.64 20.48 22.79
C ASP A 375 41.91 19.45 21.92
N TYR A 376 41.45 19.91 20.77
CA TYR A 376 40.72 19.04 19.81
C TYR A 376 41.66 17.95 19.30
N ARG A 377 41.10 16.79 18.97
CA ARG A 377 41.79 15.80 18.11
CA ARG A 377 41.79 15.80 18.11
C ARG A 377 41.96 16.45 16.74
N PRO A 378 43.19 16.55 16.19
CA PRO A 378 43.40 17.19 14.89
C PRO A 378 42.50 16.60 13.78
N GLU A 379 42.31 15.28 13.83
CA GLU A 379 41.51 14.60 12.76
C GLU A 379 40.03 14.98 12.86
N ASP A 380 39.58 15.60 13.95
CA ASP A 380 38.18 16.06 14.08
C ASP A 380 37.98 17.40 13.39
N LEU A 381 39.04 18.12 13.06
CA LEU A 381 38.90 19.51 12.56
C LEU A 381 38.76 19.55 11.05
N ILE A 382 37.79 20.33 10.59
CA ILE A 382 37.59 20.58 9.14
C ILE A 382 38.12 21.98 8.80
N VAL A 383 37.67 23.01 9.51
CA VAL A 383 38.34 24.35 9.45
C VAL A 383 38.58 24.81 10.87
N HIS A 384 39.61 25.66 11.04
CA HIS A 384 40.05 26.09 12.39
C HIS A 384 40.94 27.33 12.20
N GLN A 385 40.70 28.37 12.99
CA GLN A 385 41.55 29.59 13.02
C GLN A 385 41.71 30.15 11.59
N GLY A 386 40.64 30.14 10.78
CA GLY A 386 40.58 30.80 9.48
C GLY A 386 41.13 29.98 8.34
N LYS A 387 41.49 28.70 8.56
CA LYS A 387 42.08 27.86 7.49
CA LYS A 387 42.09 27.86 7.50
C LYS A 387 41.44 26.46 7.50
N TYR A 388 41.43 25.84 6.33
CA TYR A 388 41.15 24.39 6.25
C TYR A 388 42.17 23.63 7.11
N ALA A 389 41.70 22.65 7.87
CA ALA A 389 42.50 21.81 8.79
C ALA A 389 42.49 20.34 8.32
N THR A 390 42.03 20.10 7.09
CA THR A 390 41.97 18.76 6.49
C THR A 390 42.49 18.78 5.06
N ARG A 391 43.01 17.64 4.60
CA ARG A 391 43.42 17.43 3.19
CA ARG A 391 43.41 17.43 3.19
C ARG A 391 42.25 16.81 2.39
N ALA A 392 41.18 16.41 3.06
CA ALA A 392 40.15 15.52 2.45
C ALA A 392 39.07 16.30 1.68
N TYR A 393 39.02 17.65 1.81
CA TYR A 393 37.98 18.48 1.15
C TYR A 393 38.63 19.15 -0.08
N GLY A 394 39.32 18.37 -0.87
CA GLY A 394 40.03 18.83 -2.07
C GLY A 394 41.51 19.11 -1.80
N GLN A 395 42.26 19.10 -2.90
CA GLN A 395 43.72 19.41 -2.88
C GLN A 395 43.84 20.93 -2.81
N ARG A 396 44.30 21.43 -1.67
CA ARG A 396 44.39 22.89 -1.40
C ARG A 396 45.82 23.31 -1.09
N GLU A 397 46.13 24.56 -1.41
CA GLU A 397 47.22 25.36 -0.78
C GLU A 397 46.55 26.11 0.38
N ASP A 398 47.33 26.45 1.41
CA ASP A 398 46.86 27.22 2.60
C ASP A 398 46.04 26.31 3.52
N VAL A 399 46.41 25.03 3.60
CA VAL A 399 45.90 24.06 4.62
C VAL A 399 46.85 24.11 5.83
N LYS A 400 46.31 24.31 7.03
CA LYS A 400 47.08 24.33 8.29
C LYS A 400 46.58 23.20 9.19
N ILE A 401 47.28 22.07 9.16
CA ILE A 401 47.14 20.89 10.07
C ILE A 401 47.66 21.27 11.46
N PRO A 402 46.82 21.33 12.53
CA PRO A 402 47.30 21.72 13.87
C PRO A 402 47.96 20.57 14.63
N TYR B 29 38.39 -49.25 -24.62
CA TYR B 29 37.02 -48.86 -25.08
C TYR B 29 35.97 -49.41 -24.11
N THR B 30 35.04 -48.53 -23.69
CA THR B 30 33.77 -48.87 -23.01
C THR B 30 32.62 -48.42 -23.93
N ALA B 31 31.56 -49.24 -24.04
CA ALA B 31 30.39 -49.00 -24.92
C ALA B 31 29.48 -47.93 -24.31
N ARG B 32 29.23 -46.83 -25.04
CA ARG B 32 28.24 -45.79 -24.68
C ARG B 32 26.83 -46.40 -24.59
N LEU B 33 26.01 -45.90 -23.67
CA LEU B 33 24.56 -46.26 -23.61
C LEU B 33 23.85 -45.60 -24.82
N GLN B 34 22.73 -46.16 -25.25
CA GLN B 34 22.08 -45.80 -26.54
C GLN B 34 20.62 -45.42 -26.35
N MET B 35 20.17 -44.42 -27.13
CA MET B 35 18.75 -44.01 -27.28
C MET B 35 18.11 -43.84 -25.89
N VAL B 36 18.80 -43.08 -25.04
CA VAL B 36 18.37 -42.88 -23.62
C VAL B 36 17.30 -41.79 -23.61
N LYS B 37 16.18 -42.04 -22.93
CA LYS B 37 15.11 -41.04 -22.70
CA LYS B 37 15.11 -41.04 -22.70
C LYS B 37 15.48 -40.20 -21.48
N VAL B 38 15.70 -38.90 -21.71
CA VAL B 38 16.02 -37.90 -20.66
C VAL B 38 14.77 -37.03 -20.48
N LEU B 39 14.30 -36.92 -19.24
CA LEU B 39 13.22 -35.99 -18.86
C LEU B 39 13.83 -34.89 -18.00
N ALA B 40 13.56 -33.63 -18.33
CA ALA B 40 14.01 -32.46 -17.54
C ALA B 40 12.78 -31.69 -17.04
N VAL B 41 12.72 -31.44 -15.73
CA VAL B 41 11.68 -30.60 -15.11
C VAL B 41 12.36 -29.30 -14.69
N LEU B 42 12.06 -28.23 -15.40
CA LEU B 42 12.71 -26.91 -15.21
C LEU B 42 11.67 -25.82 -15.10
N TYR B 43 12.06 -24.63 -14.65
CA TYR B 43 11.08 -23.56 -14.52
C TYR B 43 10.80 -22.95 -15.89
N ASP B 44 9.61 -22.36 -15.99
CA ASP B 44 9.18 -21.68 -17.24
C ASP B 44 9.72 -20.25 -17.22
N GLY B 45 10.56 -19.90 -18.18
CA GLY B 45 11.15 -18.56 -18.35
C GLY B 45 10.31 -17.63 -19.18
N GLY B 46 9.20 -18.11 -19.75
CA GLY B 46 8.36 -17.28 -20.64
C GLY B 46 9.19 -16.48 -21.61
N GLU B 47 8.87 -15.19 -21.74
CA GLU B 47 9.53 -14.20 -22.63
CA GLU B 47 9.54 -14.22 -22.65
C GLU B 47 10.95 -13.91 -22.10
N HIS B 48 11.14 -13.98 -20.77
CA HIS B 48 12.42 -13.64 -20.12
C HIS B 48 13.53 -14.51 -20.70
N ALA B 49 13.27 -15.80 -20.91
CA ALA B 49 14.26 -16.82 -21.30
C ALA B 49 14.59 -16.69 -22.80
N LYS B 50 13.75 -16.01 -23.57
CA LYS B 50 14.05 -15.65 -24.98
C LYS B 50 14.89 -14.37 -25.01
N GLN B 51 14.52 -13.37 -24.20
CA GLN B 51 15.22 -12.06 -24.05
C GLN B 51 16.65 -12.26 -23.49
N VAL B 52 16.77 -13.13 -22.48
CA VAL B 52 18.02 -13.32 -21.69
C VAL B 52 18.43 -14.77 -21.83
N PRO B 53 19.28 -15.12 -22.84
CA PRO B 53 19.69 -16.50 -23.05
C PRO B 53 20.48 -17.12 -21.89
N GLY B 54 21.03 -16.28 -21.01
CA GLY B 54 21.76 -16.76 -19.81
C GLY B 54 20.82 -17.45 -18.84
N LEU B 55 19.49 -17.34 -19.02
CA LEU B 55 18.54 -18.19 -18.25
C LEU B 55 18.57 -19.63 -18.79
N LEU B 56 19.65 -20.33 -18.52
CA LEU B 56 19.87 -21.70 -19.03
C LEU B 56 18.93 -22.73 -18.39
N GLY B 57 18.59 -22.59 -17.10
CA GLY B 57 17.87 -23.61 -16.35
C GLY B 57 16.37 -23.53 -16.53
N THR B 58 15.91 -23.19 -17.74
CA THR B 58 14.48 -22.96 -18.09
C THR B 58 14.03 -23.98 -19.14
N THR B 59 12.73 -24.13 -19.29
CA THR B 59 12.17 -25.07 -20.30
C THR B 59 12.55 -24.58 -21.70
N GLU B 60 12.79 -23.28 -21.87
CA GLU B 60 13.17 -22.68 -23.18
CA GLU B 60 13.16 -22.67 -23.18
C GLU B 60 14.57 -23.12 -23.59
N ASN B 61 15.54 -23.03 -22.68
CA ASN B 61 16.97 -23.17 -23.03
C ASN B 61 17.51 -24.55 -22.64
N GLU B 62 16.84 -25.30 -21.77
CA GLU B 62 17.06 -26.73 -21.53
C GLU B 62 18.51 -26.99 -21.11
N LEU B 63 19.10 -26.09 -20.31
CA LEU B 63 20.49 -26.24 -19.79
C LEU B 63 21.50 -26.34 -20.94
N GLY B 64 21.16 -25.89 -22.15
CA GLY B 64 22.00 -26.06 -23.36
C GLY B 64 22.25 -27.51 -23.73
N LEU B 65 21.36 -28.44 -23.40
CA LEU B 65 21.60 -29.91 -23.55
C LEU B 65 21.03 -30.49 -24.86
N ARG B 66 20.05 -29.86 -25.48
CA ARG B 66 19.21 -30.59 -26.47
C ARG B 66 20.06 -31.12 -27.64
N LYS B 67 20.80 -30.26 -28.34
CA LYS B 67 21.62 -30.68 -29.52
CA LYS B 67 21.62 -30.68 -29.52
C LYS B 67 22.62 -31.76 -29.07
N TRP B 68 23.28 -31.54 -27.94
CA TRP B 68 24.32 -32.44 -27.41
C TRP B 68 23.74 -33.85 -27.21
N LEU B 69 22.51 -33.95 -26.68
CA LEU B 69 21.84 -35.25 -26.42
C LEU B 69 21.40 -35.86 -27.76
N GLU B 70 20.73 -35.06 -28.59
CA GLU B 70 20.10 -35.53 -29.86
C GLU B 70 21.20 -36.03 -30.80
N ASP B 71 22.34 -35.35 -30.88
CA ASP B 71 23.50 -35.77 -31.73
C ASP B 71 24.02 -37.16 -31.33
N GLN B 72 23.78 -37.60 -30.09
CA GLN B 72 24.22 -38.93 -29.57
C GLN B 72 23.13 -39.98 -29.81
N GLY B 73 21.98 -39.56 -30.30
CA GLY B 73 20.79 -40.42 -30.50
C GLY B 73 19.91 -40.51 -29.27
N HIS B 74 20.11 -39.66 -28.25
CA HIS B 74 19.23 -39.65 -27.06
C HIS B 74 18.04 -38.74 -27.34
N THR B 75 17.01 -38.85 -26.53
CA THR B 75 15.81 -37.98 -26.62
C THR B 75 15.72 -37.13 -25.33
N LEU B 76 15.16 -35.94 -25.47
CA LEU B 76 14.92 -35.04 -24.32
C LEU B 76 13.48 -34.52 -24.37
N VAL B 77 12.75 -34.74 -23.29
CA VAL B 77 11.42 -34.14 -23.03
C VAL B 77 11.62 -33.16 -21.86
N THR B 78 11.13 -31.95 -22.01
CA THR B 78 11.30 -30.89 -20.98
C THR B 78 9.92 -30.36 -20.60
N THR B 79 9.68 -30.17 -19.31
CA THR B 79 8.38 -29.64 -18.85
C THR B 79 8.57 -28.80 -17.60
N SER B 80 7.65 -27.87 -17.35
CA SER B 80 7.49 -27.19 -16.05
C SER B 80 6.24 -27.70 -15.32
N ASP B 81 5.49 -28.61 -15.93
CA ASP B 81 4.15 -29.03 -15.43
C ASP B 81 4.35 -30.24 -14.53
N LYS B 82 4.41 -30.03 -13.21
CA LYS B 82 4.95 -31.08 -12.29
C LYS B 82 4.09 -31.32 -11.04
N ASP B 83 3.05 -30.51 -10.78
CA ASP B 83 2.33 -30.52 -9.47
C ASP B 83 0.95 -31.19 -9.58
N ARG B 84 0.18 -30.91 -10.64
CA ARG B 84 -1.25 -31.31 -10.70
C ARG B 84 -1.36 -32.84 -10.94
N GLU B 85 -2.49 -33.41 -10.56
N GLU B 85 -2.50 -33.45 -10.62
CA GLU B 85 -2.82 -34.84 -10.86
CA GLU B 85 -2.67 -34.93 -10.58
C GLU B 85 -2.80 -34.95 -12.38
C GLU B 85 -2.23 -35.59 -11.89
N GLY B 86 -2.08 -35.95 -12.91
N GLY B 86 -2.61 -35.06 -13.06
CA GLY B 86 -1.93 -36.19 -14.36
CA GLY B 86 -2.31 -35.68 -14.36
C GLY B 86 -1.06 -35.15 -15.05
C GLY B 86 -1.14 -35.01 -15.06
N SER B 87 -0.13 -34.55 -14.32
CA SER B 87 0.89 -33.62 -14.88
C SER B 87 1.70 -34.32 -15.97
N THR B 88 2.29 -33.54 -16.86
CA THR B 88 3.28 -34.03 -17.85
C THR B 88 4.39 -34.81 -17.12
N PHE B 89 4.88 -34.28 -15.98
CA PHE B 89 5.94 -34.95 -15.20
C PHE B 89 5.51 -36.38 -14.87
N ASP B 90 4.31 -36.51 -14.29
CA ASP B 90 3.73 -37.80 -13.86
C ASP B 90 3.62 -38.79 -15.03
N ARG B 91 3.30 -38.31 -16.23
CA ARG B 91 3.18 -39.18 -17.43
CA ARG B 91 3.18 -39.18 -17.43
C ARG B 91 4.59 -39.59 -17.89
N GLU B 92 5.49 -38.63 -18.05
CA GLU B 92 6.82 -38.86 -18.67
C GLU B 92 7.77 -39.63 -17.73
N LEU B 93 7.60 -39.57 -16.40
CA LEU B 93 8.58 -40.20 -15.48
C LEU B 93 8.47 -41.74 -15.57
N GLU B 94 7.37 -42.26 -16.14
CA GLU B 94 7.11 -43.72 -16.14
C GLU B 94 8.11 -44.46 -17.04
N ASP B 95 8.70 -43.82 -18.05
CA ASP B 95 9.70 -44.50 -18.93
C ASP B 95 10.97 -43.64 -19.11
N ALA B 96 11.18 -42.57 -18.33
CA ALA B 96 12.46 -41.83 -18.35
C ALA B 96 13.56 -42.67 -17.69
N GLU B 97 14.71 -42.75 -18.34
CA GLU B 97 15.92 -43.45 -17.82
C GLU B 97 16.74 -42.44 -16.99
N ILE B 98 16.75 -41.17 -17.41
CA ILE B 98 17.40 -40.06 -16.64
C ILE B 98 16.34 -39.01 -16.35
N ILE B 99 16.23 -38.56 -15.11
CA ILE B 99 15.36 -37.40 -14.78
C ILE B 99 16.25 -36.29 -14.22
N ILE B 100 16.21 -35.15 -14.89
CA ILE B 100 16.87 -33.90 -14.41
C ILE B 100 15.80 -33.08 -13.71
N THR B 101 16.07 -32.68 -12.47
CA THR B 101 15.20 -31.76 -11.72
C THR B 101 16.01 -30.52 -11.37
N THR B 102 15.35 -29.51 -10.85
CA THR B 102 16.06 -28.29 -10.39
C THR B 102 15.38 -27.81 -9.13
N PRO B 103 16.12 -27.44 -8.07
CA PRO B 103 15.47 -27.14 -6.80
C PRO B 103 14.54 -25.93 -6.86
N PHE B 104 14.75 -25.02 -7.81
CA PHE B 104 14.02 -23.73 -7.91
C PHE B 104 12.59 -24.02 -8.36
N HIS B 105 12.35 -25.19 -8.97
CA HIS B 105 11.00 -25.64 -9.45
C HIS B 105 10.97 -27.17 -9.40
N PRO B 106 10.93 -27.75 -8.20
CA PRO B 106 11.32 -29.13 -8.00
C PRO B 106 10.22 -30.14 -8.37
N GLY B 107 10.56 -31.02 -9.30
CA GLY B 107 9.75 -32.23 -9.52
C GLY B 107 9.94 -33.17 -8.35
N TYR B 108 8.97 -33.25 -7.43
CA TYR B 108 9.09 -34.03 -6.19
C TYR B 108 9.05 -35.53 -6.55
N LEU B 109 10.16 -36.26 -6.40
CA LEU B 109 10.20 -37.71 -6.70
C LEU B 109 9.84 -38.46 -5.43
N THR B 110 8.53 -38.52 -5.18
CA THR B 110 7.92 -39.21 -4.03
C THR B 110 8.09 -40.72 -4.19
N ALA B 111 7.93 -41.47 -3.11
CA ALA B 111 7.96 -42.95 -3.13
C ALA B 111 6.94 -43.46 -4.18
N GLU B 112 5.75 -42.86 -4.24
CA GLU B 112 4.68 -43.22 -5.21
C GLU B 112 5.20 -43.03 -6.65
N ARG B 113 5.83 -41.89 -6.95
CA ARG B 113 6.33 -41.61 -8.32
C ARG B 113 7.49 -42.55 -8.66
N LEU B 114 8.41 -42.77 -7.71
CA LEU B 114 9.60 -43.61 -7.99
C LEU B 114 9.15 -45.03 -8.29
N ALA B 115 8.10 -45.50 -7.60
CA ALA B 115 7.53 -46.85 -7.80
C ALA B 115 6.99 -47.00 -9.23
N ARG B 116 6.64 -45.89 -9.89
CA ARG B 116 6.09 -45.88 -11.28
C ARG B 116 7.19 -45.59 -12.30
N ALA B 117 8.38 -45.15 -11.87
CA ALA B 117 9.50 -44.82 -12.79
C ALA B 117 10.26 -46.11 -13.14
N LYS B 118 9.69 -46.94 -14.02
CA LYS B 118 10.18 -48.33 -14.25
C LYS B 118 11.56 -48.31 -14.92
N LYS B 119 11.90 -47.26 -15.68
CA LYS B 119 13.19 -47.23 -16.45
C LYS B 119 14.27 -46.38 -15.74
N LEU B 120 13.93 -45.76 -14.62
CA LEU B 120 14.82 -44.72 -14.01
C LEU B 120 16.12 -45.33 -13.48
N LYS B 121 17.27 -44.80 -13.89
CA LYS B 121 18.60 -45.22 -13.37
CA LYS B 121 18.60 -45.22 -13.37
C LYS B 121 19.35 -44.04 -12.72
N LEU B 122 19.11 -42.82 -13.20
CA LEU B 122 19.89 -41.61 -12.79
C LEU B 122 18.94 -40.43 -12.59
N ALA B 123 19.01 -39.81 -11.41
CA ALA B 123 18.27 -38.57 -11.09
C ALA B 123 19.31 -37.48 -10.82
N VAL B 124 19.38 -36.48 -11.70
CA VAL B 124 20.39 -35.40 -11.60
C VAL B 124 19.68 -34.13 -11.14
N THR B 125 20.23 -33.48 -10.11
CA THR B 125 19.77 -32.16 -9.66
C THR B 125 20.58 -31.07 -10.36
N ALA B 126 19.93 -30.22 -11.14
CA ALA B 126 20.52 -29.03 -11.76
C ALA B 126 20.61 -27.95 -10.69
N GLY B 127 21.68 -28.04 -9.92
CA GLY B 127 21.86 -27.24 -8.69
C GLY B 127 22.33 -28.12 -7.56
N ILE B 128 21.96 -27.76 -6.33
CA ILE B 128 22.44 -28.43 -5.11
C ILE B 128 21.24 -28.61 -4.18
N GLY B 129 21.13 -29.77 -3.58
CA GLY B 129 20.12 -30.15 -2.59
C GLY B 129 19.12 -31.05 -3.27
N SER B 130 19.16 -32.31 -2.89
CA SER B 130 18.39 -33.36 -3.60
C SER B 130 17.28 -33.89 -2.71
N ASP B 131 16.85 -33.11 -1.72
CA ASP B 131 15.78 -33.47 -0.74
C ASP B 131 14.40 -33.56 -1.39
N HIS B 132 14.24 -33.08 -2.62
CA HIS B 132 12.96 -33.20 -3.35
C HIS B 132 12.85 -34.62 -3.92
N VAL B 133 13.89 -35.42 -3.79
CA VAL B 133 13.85 -36.89 -4.09
C VAL B 133 13.69 -37.60 -2.76
N ASP B 134 12.80 -38.61 -2.69
CA ASP B 134 12.75 -39.49 -1.50
C ASP B 134 13.96 -40.42 -1.60
N LEU B 135 15.04 -40.08 -0.90
CA LEU B 135 16.33 -40.77 -1.12
C LEU B 135 16.25 -42.19 -0.55
N ASP B 136 15.50 -42.40 0.52
CA ASP B 136 15.33 -43.77 1.10
C ASP B 136 14.64 -44.64 0.05
N ALA B 137 13.58 -44.13 -0.60
CA ALA B 137 12.88 -44.85 -1.69
C ALA B 137 13.79 -44.99 -2.91
N ALA B 138 14.61 -43.99 -3.23
CA ALA B 138 15.55 -44.07 -4.38
C ALA B 138 16.48 -45.28 -4.19
N ASN B 139 16.88 -45.53 -2.96
CA ASN B 139 17.85 -46.60 -2.62
C ASN B 139 17.20 -47.99 -2.84
N LYS B 140 15.87 -48.05 -2.86
CA LYS B 140 15.11 -49.33 -3.02
CA LYS B 140 15.11 -49.32 -3.03
C LYS B 140 14.50 -49.41 -4.43
N THR B 141 14.81 -48.46 -5.32
CA THR B 141 14.18 -48.34 -6.66
C THR B 141 15.12 -48.85 -7.76
N ASN B 142 14.67 -49.83 -8.56
CA ASN B 142 15.40 -50.33 -9.75
C ASN B 142 16.82 -50.74 -9.36
N GLY B 143 16.98 -51.33 -8.17
CA GLY B 143 18.24 -51.84 -7.61
C GLY B 143 19.10 -50.74 -6.98
N GLY B 144 18.50 -49.56 -6.82
CA GLY B 144 19.17 -48.39 -6.19
C GLY B 144 19.62 -47.43 -7.27
N ILE B 145 18.89 -46.32 -7.44
CA ILE B 145 19.21 -45.36 -8.53
C ILE B 145 20.36 -44.47 -8.03
N THR B 146 21.07 -43.88 -8.97
CA THR B 146 22.07 -42.85 -8.67
C THR B 146 21.34 -41.52 -8.56
N VAL B 147 21.55 -40.81 -7.44
CA VAL B 147 21.10 -39.40 -7.29
C VAL B 147 22.35 -38.55 -7.16
N ALA B 148 22.55 -37.68 -8.14
CA ALA B 148 23.72 -36.79 -8.26
C ALA B 148 23.26 -35.35 -8.31
N GLU B 149 24.14 -34.45 -7.87
CA GLU B 149 23.91 -32.99 -7.96
C GLU B 149 25.24 -32.31 -8.29
N VAL B 150 25.16 -31.04 -8.63
CA VAL B 150 26.35 -30.27 -9.10
C VAL B 150 26.98 -29.57 -7.88
N THR B 151 27.68 -30.36 -7.10
CA THR B 151 28.31 -29.90 -5.84
C THR B 151 29.20 -28.72 -6.15
N GLY B 152 29.12 -27.66 -5.31
CA GLY B 152 29.95 -26.46 -5.48
C GLY B 152 29.51 -25.46 -6.53
N SER B 153 28.54 -25.78 -7.40
CA SER B 153 28.19 -24.93 -8.55
C SER B 153 27.64 -23.55 -8.13
N ASN B 154 26.89 -23.48 -7.03
CA ASN B 154 26.25 -22.19 -6.71
C ASN B 154 26.47 -21.87 -5.24
N VAL B 155 27.46 -22.48 -4.60
CA VAL B 155 27.73 -22.24 -3.16
C VAL B 155 28.17 -20.78 -2.93
N VAL B 156 28.94 -20.20 -3.83
CA VAL B 156 29.34 -18.79 -3.65
C VAL B 156 28.07 -17.94 -3.72
N SER B 157 27.24 -18.18 -4.73
CA SER B 157 26.02 -17.38 -4.95
C SER B 157 25.18 -17.36 -3.67
N VAL B 158 25.01 -18.52 -3.06
CA VAL B 158 24.16 -18.60 -1.85
C VAL B 158 24.86 -17.90 -0.70
N ALA B 159 26.16 -18.09 -0.53
CA ALA B 159 26.84 -17.45 0.60
C ALA B 159 26.72 -15.92 0.47
N GLU B 160 26.90 -15.38 -0.73
CA GLU B 160 26.68 -13.93 -0.93
C GLU B 160 25.26 -13.55 -0.49
N HIS B 161 24.29 -14.33 -0.89
CA HIS B 161 22.88 -14.04 -0.60
C HIS B 161 22.67 -14.03 0.91
N VAL B 162 23.29 -14.94 1.62
CA VAL B 162 23.18 -14.97 3.10
C VAL B 162 23.71 -13.67 3.67
N VAL B 163 24.92 -13.28 3.32
CA VAL B 163 25.48 -12.04 3.91
C VAL B 163 24.63 -10.86 3.54
N MET B 164 24.18 -10.75 2.29
CA MET B 164 23.26 -9.68 1.90
C MET B 164 22.03 -9.67 2.83
N THR B 165 21.42 -10.82 3.01
CA THR B 165 20.15 -10.92 3.78
C THR B 165 20.42 -10.56 5.24
N ILE B 166 21.54 -11.02 5.80
CA ILE B 166 21.91 -10.63 7.19
C ILE B 166 21.96 -9.11 7.27
N LEU B 167 22.66 -8.47 6.35
CA LEU B 167 22.81 -7.01 6.41
C LEU B 167 21.44 -6.33 6.22
N VAL B 168 20.65 -6.80 5.26
CA VAL B 168 19.32 -6.18 5.01
C VAL B 168 18.50 -6.23 6.29
N LEU B 169 18.54 -7.34 6.99
CA LEU B 169 17.74 -7.46 8.24
C LEU B 169 18.35 -6.60 9.34
N VAL B 170 19.65 -6.73 9.61
CA VAL B 170 20.28 -6.04 10.74
C VAL B 170 20.14 -4.53 10.54
N ARG B 171 20.32 -4.05 9.29
CA ARG B 171 20.32 -2.60 9.03
C ARG B 171 18.92 -2.09 8.65
N ASN B 172 17.90 -2.93 8.75
CA ASN B 172 16.48 -2.50 8.61
C ASN B 172 16.21 -1.88 7.24
N PHE B 173 16.77 -2.45 6.19
CA PHE B 173 16.69 -1.87 4.82
C PHE B 173 15.25 -1.89 4.28
N VAL B 174 14.52 -2.97 4.43
CA VAL B 174 13.25 -3.11 3.68
C VAL B 174 12.28 -1.99 4.07
N PRO B 175 11.92 -1.78 5.37
CA PRO B 175 10.98 -0.71 5.64
C PRO B 175 11.54 0.65 5.28
N ALA B 176 12.87 0.84 5.35
CA ALA B 176 13.50 2.11 4.99
C ALA B 176 13.28 2.38 3.50
N HIS B 177 13.49 1.39 2.65
CA HIS B 177 13.29 1.55 1.18
C HIS B 177 11.80 1.82 0.91
N GLU B 178 10.93 1.12 1.63
CA GLU B 178 9.48 1.31 1.42
C GLU B 178 9.11 2.73 1.78
N GLN B 179 9.65 3.30 2.83
CA GLN B 179 9.34 4.67 3.26
C GLN B 179 9.69 5.61 2.12
N ILE B 180 10.87 5.45 1.51
CA ILE B 180 11.33 6.32 0.41
C ILE B 180 10.38 6.19 -0.78
N GLU B 181 10.05 4.98 -1.21
CA GLU B 181 9.24 4.82 -2.44
C GLU B 181 7.87 5.45 -2.21
N ALA B 182 7.37 5.46 -0.98
CA ALA B 182 6.02 5.99 -0.65
C ALA B 182 6.04 7.50 -0.56
N GLY B 183 7.19 8.20 -0.64
CA GLY B 183 7.26 9.66 -0.61
C GLY B 183 7.42 10.21 0.76
N ARG B 184 7.68 9.36 1.77
CA ARG B 184 7.80 9.78 3.18
CA ARG B 184 7.80 9.80 3.17
C ARG B 184 9.26 10.06 3.58
N TRP B 185 9.45 10.62 4.76
CA TRP B 185 10.80 10.90 5.28
C TRP B 185 10.71 10.90 6.79
N ASP B 186 11.27 9.88 7.43
CA ASP B 186 11.31 9.86 8.91
C ASP B 186 12.49 8.99 9.32
N VAL B 187 13.60 9.63 9.59
CA VAL B 187 14.87 8.90 9.88
C VAL B 187 14.66 8.07 11.16
N ALA B 188 14.09 8.66 12.23
CA ALA B 188 13.95 7.95 13.51
C ALA B 188 13.16 6.68 13.35
N GLU B 189 12.12 6.71 12.53
CA GLU B 189 11.20 5.60 12.34
C GLU B 189 11.96 4.34 11.95
N VAL B 190 12.96 4.50 11.08
CA VAL B 190 13.68 3.28 10.60
C VAL B 190 15.05 3.14 11.29
N ALA B 191 15.65 4.22 11.79
CA ALA B 191 16.94 4.08 12.51
C ALA B 191 16.68 3.38 13.83
N LYS B 192 15.46 3.40 14.38
CA LYS B 192 15.23 2.82 15.74
CA LYS B 192 15.21 2.82 15.73
C LYS B 192 15.44 1.31 15.74
N ASP B 193 15.45 0.62 14.59
CA ASP B 193 15.67 -0.83 14.50
CA ASP B 193 15.67 -0.84 14.51
C ASP B 193 16.89 -1.10 13.60
N GLU B 194 17.75 -0.12 13.42
CA GLU B 194 18.96 -0.20 12.58
C GLU B 194 20.19 -0.44 13.46
N TYR B 195 20.84 -1.57 13.27
CA TYR B 195 22.07 -1.90 13.99
C TYR B 195 23.23 -2.07 13.02
N ASP B 196 24.45 -2.10 13.52
CA ASP B 196 25.61 -2.53 12.72
C ASP B 196 25.87 -4.02 12.92
N LEU B 197 26.41 -4.68 11.91
CA LEU B 197 26.81 -6.09 12.04
C LEU B 197 28.08 -6.21 12.89
N GLU B 198 28.94 -5.22 12.84
CA GLU B 198 30.14 -5.17 13.69
C GLU B 198 29.72 -5.44 15.14
N GLY B 199 30.50 -6.27 15.82
CA GLY B 199 30.25 -6.53 17.25
C GLY B 199 29.11 -7.48 17.53
N LYS B 200 28.46 -8.02 16.52
CA LYS B 200 27.40 -9.03 16.72
C LYS B 200 27.99 -10.43 16.61
N VAL B 201 27.34 -11.39 17.24
CA VAL B 201 27.76 -12.79 17.13
C VAL B 201 26.94 -13.47 16.06
N VAL B 202 27.58 -14.12 15.11
CA VAL B 202 26.88 -14.82 14.01
C VAL B 202 27.20 -16.30 14.12
N GLY B 203 26.21 -17.14 14.02
CA GLY B 203 26.40 -18.59 13.99
C GLY B 203 25.78 -19.24 12.78
N THR B 204 26.45 -20.21 12.22
CA THR B 204 25.95 -21.01 11.08
C THR B 204 25.64 -22.42 11.53
N VAL B 205 24.49 -22.91 11.10
CA VAL B 205 24.08 -24.33 11.22
C VAL B 205 24.52 -24.99 9.95
N GLY B 206 25.65 -25.71 10.05
CA GLY B 206 26.31 -26.25 8.88
C GLY B 206 27.50 -25.40 8.49
N VAL B 207 28.66 -26.02 8.30
CA VAL B 207 29.89 -25.35 7.91
C VAL B 207 30.49 -26.12 6.74
N GLY B 208 29.64 -26.53 5.84
CA GLY B 208 30.03 -27.11 4.56
C GLY B 208 30.39 -26.06 3.57
N ARG B 209 30.15 -26.33 2.29
CA ARG B 209 30.62 -25.44 1.22
C ARG B 209 29.99 -24.05 1.38
N ILE B 210 28.69 -23.98 1.67
CA ILE B 210 28.05 -22.67 1.85
C ILE B 210 28.43 -22.07 3.20
N GLY B 211 28.23 -22.80 4.29
CA GLY B 211 28.48 -22.22 5.62
C GLY B 211 29.89 -21.68 5.73
N GLU B 212 30.89 -22.43 5.26
CA GLU B 212 32.27 -21.93 5.35
C GLU B 212 32.41 -20.64 4.53
N ARG B 213 31.80 -20.59 3.35
CA ARG B 213 31.91 -19.37 2.49
C ARG B 213 31.16 -18.17 3.11
N VAL B 214 30.13 -18.45 3.88
CA VAL B 214 29.43 -17.37 4.65
C VAL B 214 30.41 -16.78 5.65
N LEU B 215 31.05 -17.66 6.43
CA LEU B 215 32.00 -17.17 7.45
C LEU B 215 33.16 -16.43 6.79
N ARG B 216 33.65 -16.89 5.65
CA ARG B 216 34.75 -16.21 4.94
C ARG B 216 34.35 -14.80 4.53
N ARG B 217 33.10 -14.62 4.12
CA ARG B 217 32.63 -13.27 3.76
C ARG B 217 32.37 -12.44 4.99
N LEU B 218 31.96 -13.04 6.11
CA LEU B 218 31.70 -12.25 7.34
C LEU B 218 33.00 -11.81 8.00
N LYS B 219 34.11 -12.46 7.70
CA LYS B 219 35.37 -12.14 8.38
C LYS B 219 35.68 -10.65 8.35
N GLY B 220 35.51 -9.97 7.23
CA GLY B 220 35.91 -8.56 7.14
C GLY B 220 35.01 -7.60 7.89
N PHE B 221 33.88 -8.09 8.41
CA PHE B 221 32.89 -7.25 9.11
C PHE B 221 33.16 -7.12 10.62
N ASP B 222 34.18 -7.80 11.16
CA ASP B 222 34.56 -7.63 12.57
C ASP B 222 33.34 -7.89 13.49
N CYS B 223 32.67 -8.96 13.23
CA CYS B 223 31.69 -9.56 14.14
C CYS B 223 32.43 -9.85 15.46
N LYS B 224 31.72 -9.83 16.57
CA LYS B 224 32.30 -10.20 17.89
C LYS B 224 32.83 -11.62 17.84
N GLU B 225 32.07 -12.54 17.30
CA GLU B 225 32.48 -13.94 17.12
C GLU B 225 31.75 -14.51 15.95
N LEU B 226 32.35 -15.48 15.32
CA LEU B 226 31.80 -16.32 14.28
C LEU B 226 31.76 -17.73 14.84
N LEU B 227 30.59 -18.34 14.86
CA LEU B 227 30.35 -19.66 15.46
C LEU B 227 29.81 -20.61 14.42
N TYR B 228 30.00 -21.90 14.64
CA TYR B 228 29.34 -22.89 13.79
C TYR B 228 28.96 -24.11 14.62
N TYR B 229 27.96 -24.81 14.11
CA TYR B 229 27.51 -26.11 14.64
C TYR B 229 27.44 -27.06 13.44
N ASP B 230 28.19 -28.15 13.50
CA ASP B 230 28.24 -29.15 12.41
C ASP B 230 28.88 -30.39 13.00
N TYR B 231 28.35 -31.56 12.70
CA TYR B 231 29.04 -32.81 13.11
C TYR B 231 30.21 -33.10 12.22
N GLN B 232 30.39 -32.41 11.09
CA GLN B 232 31.59 -32.44 10.25
C GLN B 232 32.34 -31.12 10.43
N PRO B 233 33.35 -31.07 11.32
CA PRO B 233 33.98 -29.80 11.65
C PRO B 233 34.94 -29.31 10.58
N LEU B 234 35.27 -28.02 10.66
CA LEU B 234 36.42 -27.46 9.91
C LEU B 234 37.71 -27.96 10.54
N SER B 235 38.76 -28.00 9.73
CA SER B 235 40.10 -28.29 10.27
C SER B 235 40.49 -27.19 11.24
N PRO B 236 41.39 -27.47 12.21
CA PRO B 236 41.87 -26.40 13.07
C PRO B 236 42.54 -25.28 12.29
N GLU B 237 43.22 -25.61 11.20
CA GLU B 237 43.89 -24.57 10.36
CA GLU B 237 43.89 -24.59 10.35
C GLU B 237 42.82 -23.62 9.80
N LYS B 238 41.73 -24.17 9.30
CA LYS B 238 40.69 -23.31 8.68
CA LYS B 238 40.68 -23.30 8.68
C LYS B 238 39.96 -22.51 9.77
N GLU B 239 39.76 -23.11 10.95
CA GLU B 239 39.15 -22.36 12.06
C GLU B 239 39.98 -21.12 12.34
N LYS B 240 41.33 -21.25 12.39
CA LYS B 240 42.17 -20.10 12.71
C LYS B 240 42.30 -19.13 11.53
N GLU B 241 42.26 -19.62 10.32
CA GLU B 241 42.35 -18.75 9.12
C GLU B 241 41.12 -17.85 9.07
N ILE B 242 39.96 -18.44 9.21
CA ILE B 242 38.68 -17.67 9.18
C ILE B 242 38.46 -16.88 10.45
N GLY B 243 38.79 -17.47 11.61
CA GLY B 243 38.58 -16.88 12.94
C GLY B 243 37.21 -17.27 13.43
N CYS B 244 36.93 -18.55 13.56
CA CYS B 244 35.61 -19.02 14.02
C CYS B 244 35.80 -20.14 15.04
N ARG B 245 34.73 -20.43 15.77
CA ARG B 245 34.76 -21.37 16.91
C ARG B 245 33.62 -22.36 16.73
N ARG B 246 33.91 -23.66 16.87
CA ARG B 246 32.92 -24.73 16.86
C ARG B 246 32.20 -24.78 18.20
N VAL B 247 30.86 -24.77 18.17
CA VAL B 247 30.03 -25.00 19.35
C VAL B 247 29.43 -26.40 19.27
N GLU B 248 29.58 -27.16 20.38
CA GLU B 248 29.27 -28.61 20.33
CA GLU B 248 29.27 -28.61 20.38
C GLU B 248 27.75 -28.85 20.35
N ASN B 249 26.98 -27.96 20.94
CA ASN B 249 25.53 -28.15 21.13
C ASN B 249 24.76 -27.02 20.39
N LEU B 250 23.77 -27.41 19.62
CA LEU B 250 23.02 -26.42 18.79
C LEU B 250 22.36 -25.37 19.70
N GLU B 251 21.62 -25.78 20.72
CA GLU B 251 20.91 -24.82 21.60
C GLU B 251 21.91 -23.89 22.25
N GLU B 252 23.07 -24.39 22.67
CA GLU B 252 24.17 -23.58 23.26
CA GLU B 252 24.07 -23.49 23.29
C GLU B 252 24.59 -22.49 22.25
N MET B 253 24.74 -22.87 21.00
CA MET B 253 25.13 -21.87 19.97
C MET B 253 24.03 -20.81 19.83
N LEU B 254 22.79 -21.27 19.64
CA LEU B 254 21.69 -20.31 19.40
C LEU B 254 21.62 -19.28 20.51
N ALA B 255 21.82 -19.67 21.79
CA ALA B 255 21.68 -18.74 22.91
C ALA B 255 22.74 -17.67 22.95
N GLN B 256 23.82 -17.86 22.18
CA GLN B 256 24.98 -16.94 22.14
C GLN B 256 24.89 -16.00 20.93
N CYS B 257 24.04 -16.30 19.96
CA CYS B 257 24.10 -15.57 18.66
C CYS B 257 23.16 -14.39 18.62
N ASP B 258 23.53 -13.33 17.94
CA ASP B 258 22.60 -12.27 17.51
C ASP B 258 21.98 -12.64 16.16
N VAL B 259 22.74 -13.33 15.29
CA VAL B 259 22.29 -13.74 13.94
C VAL B 259 22.50 -15.22 13.82
N VAL B 260 21.56 -15.94 13.27
CA VAL B 260 21.70 -17.35 12.96
C VAL B 260 21.40 -17.54 11.48
N THR B 261 22.24 -18.31 10.80
CA THR B 261 22.06 -18.64 9.39
C THR B 261 22.04 -20.15 9.25
N ILE B 262 21.05 -20.67 8.54
CA ILE B 262 20.89 -22.13 8.35
C ILE B 262 21.50 -22.51 7.01
N ASN B 263 22.49 -23.42 7.03
CA ASN B 263 23.23 -23.83 5.82
C ASN B 263 23.44 -25.34 5.81
N CYS B 264 22.47 -26.11 6.24
CA CYS B 264 22.57 -27.60 6.22
C CYS B 264 21.53 -28.14 5.25
N PRO B 265 21.70 -29.38 4.74
CA PRO B 265 20.70 -29.96 3.86
C PRO B 265 19.46 -30.36 4.67
N LEU B 266 18.39 -30.58 3.90
CA LEU B 266 17.11 -31.13 4.43
C LEU B 266 17.14 -32.65 4.45
N HIS B 267 17.07 -33.20 5.63
CA HIS B 267 17.00 -34.66 5.85
C HIS B 267 16.15 -34.91 7.08
N GLU B 268 15.89 -36.16 7.42
CA GLU B 268 14.90 -36.48 8.47
CA GLU B 268 14.89 -36.47 8.46
C GLU B 268 15.18 -35.66 9.74
N SER B 269 16.44 -35.51 10.14
CA SER B 269 16.79 -34.89 11.43
C SER B 269 16.79 -33.35 11.34
N THR B 270 16.72 -32.77 10.15
CA THR B 270 16.60 -31.29 10.02
C THR B 270 15.21 -30.85 9.58
N ARG B 271 14.30 -31.76 9.21
CA ARG B 271 12.93 -31.34 8.83
C ARG B 271 12.24 -30.84 10.10
N GLY B 272 11.79 -29.58 10.09
CA GLY B 272 11.10 -29.00 11.25
C GLY B 272 12.03 -28.79 12.42
N LEU B 273 13.34 -28.70 12.19
CA LEU B 273 14.31 -28.49 13.29
C LEU B 273 14.00 -27.15 13.97
N PHE B 274 13.81 -26.09 13.19
CA PHE B 274 13.56 -24.73 13.72
C PHE B 274 12.07 -24.58 13.95
N ASN B 275 11.66 -25.15 15.08
CA ASN B 275 10.27 -25.09 15.58
C ASN B 275 10.22 -24.07 16.71
N LYS B 276 9.03 -23.87 17.28
CA LYS B 276 8.88 -22.86 18.35
CA LYS B 276 8.86 -22.89 18.36
C LYS B 276 9.87 -23.15 19.48
N ASP B 277 10.07 -24.41 19.86
CA ASP B 277 10.95 -24.72 21.01
CA ASP B 277 10.95 -24.72 21.01
C ASP B 277 12.40 -24.31 20.67
N LEU B 278 12.86 -24.62 19.47
CA LEU B 278 14.28 -24.30 19.14
C LEU B 278 14.42 -22.78 18.94
N ILE B 279 13.46 -22.16 18.25
CA ILE B 279 13.51 -20.69 18.05
C ILE B 279 13.52 -19.94 19.37
N SER B 280 12.86 -20.51 20.39
CA SER B 280 12.80 -19.87 21.73
CA SER B 280 12.80 -19.86 21.73
C SER B 280 14.18 -19.83 22.39
N LYS B 281 15.15 -20.62 21.91
CA LYS B 281 16.53 -20.63 22.43
C LYS B 281 17.36 -19.50 21.81
N MET B 282 16.90 -18.95 20.68
CA MET B 282 17.55 -17.76 20.12
C MET B 282 17.30 -16.57 21.02
N LYS B 283 18.14 -15.57 20.95
CA LYS B 283 18.02 -14.36 21.74
C LYS B 283 16.76 -13.60 21.32
N ARG B 284 16.12 -12.90 22.22
CA ARG B 284 15.06 -11.96 21.83
C ARG B 284 15.68 -10.86 20.95
N GLY B 285 15.01 -10.64 19.82
CA GLY B 285 15.43 -9.59 18.88
C GLY B 285 16.52 -10.05 17.92
N SER B 286 16.74 -11.34 17.82
CA SER B 286 17.72 -11.94 16.91
C SER B 286 17.20 -11.94 15.47
N TRP B 287 18.12 -12.23 14.55
CA TRP B 287 17.82 -12.27 13.10
C TRP B 287 18.10 -13.67 12.60
N LEU B 288 17.21 -14.29 11.85
CA LEU B 288 17.30 -15.65 11.35
C LEU B 288 17.28 -15.63 9.84
N VAL B 289 18.26 -16.24 9.23
CA VAL B 289 18.38 -16.33 7.76
C VAL B 289 18.37 -17.79 7.32
N ASN B 290 17.57 -18.09 6.31
CA ASN B 290 17.46 -19.47 5.80
C ASN B 290 17.47 -19.47 4.28
N THR B 291 18.61 -19.83 3.72
CA THR B 291 18.81 -20.09 2.29
C THR B 291 18.98 -21.58 2.06
N ALA B 292 18.74 -22.40 3.06
CA ALA B 292 19.00 -23.86 2.96
C ALA B 292 17.76 -24.52 2.31
N ARG B 293 16.78 -24.82 3.14
CA ARG B 293 15.48 -25.35 2.68
C ARG B 293 14.38 -24.83 3.57
N GLY B 294 13.23 -24.55 2.96
CA GLY B 294 12.07 -24.03 3.73
C GLY B 294 11.62 -24.98 4.81
N ALA B 295 11.63 -26.30 4.56
CA ALA B 295 11.06 -27.27 5.49
C ALA B 295 11.94 -27.47 6.72
N ILE B 296 13.14 -26.89 6.76
CA ILE B 296 13.97 -26.91 7.99
C ILE B 296 13.33 -26.05 9.08
N VAL B 297 12.54 -25.04 8.71
CA VAL B 297 11.82 -24.23 9.71
C VAL B 297 10.34 -24.65 9.71
N VAL B 298 9.68 -24.42 10.82
CA VAL B 298 8.21 -24.52 10.90
C VAL B 298 7.66 -23.12 10.61
N LYS B 299 7.06 -22.92 9.45
CA LYS B 299 6.74 -21.55 8.97
CA LYS B 299 6.74 -21.55 8.97
C LYS B 299 5.82 -20.83 9.96
N GLU B 300 4.85 -21.53 10.57
CA GLU B 300 3.94 -20.87 11.50
C GLU B 300 4.69 -20.44 12.76
N ASP B 301 5.72 -21.20 13.14
CA ASP B 301 6.50 -20.88 14.36
C ASP B 301 7.41 -19.67 14.08
N VAL B 302 7.98 -19.61 12.86
CA VAL B 302 8.77 -18.41 12.48
C VAL B 302 7.85 -17.19 12.50
N ALA B 303 6.68 -17.30 11.86
CA ALA B 303 5.76 -16.15 11.77
C ALA B 303 5.40 -15.66 13.17
N GLU B 304 5.09 -16.58 14.09
CA GLU B 304 4.67 -16.19 15.45
CA GLU B 304 4.67 -16.21 15.47
C GLU B 304 5.83 -15.53 16.19
N ALA B 305 7.04 -16.07 16.04
CA ALA B 305 8.21 -15.48 16.69
C ALA B 305 8.47 -14.04 16.18
N LEU B 306 8.34 -13.84 14.87
CA LEU B 306 8.48 -12.49 14.30
CA LEU B 306 8.45 -12.48 14.27
C LEU B 306 7.39 -11.56 14.83
N ARG B 307 6.17 -12.06 14.81
CA ARG B 307 5.03 -11.17 15.13
C ARG B 307 5.10 -10.73 16.58
N THR B 308 5.62 -11.53 17.51
CA THR B 308 5.72 -11.20 18.95
C THR B 308 7.02 -10.42 19.24
N GLY B 309 7.90 -10.29 18.26
CA GLY B 309 9.16 -9.59 18.46
C GLY B 309 10.24 -10.44 19.09
N HIS B 310 10.04 -11.74 19.17
CA HIS B 310 11.15 -12.64 19.58
C HIS B 310 12.21 -12.65 18.49
N LEU B 311 11.80 -12.75 17.23
CA LEU B 311 12.74 -12.45 16.12
C LEU B 311 12.55 -11.00 15.71
N ARG B 312 13.62 -10.27 15.47
CA ARG B 312 13.59 -8.98 14.76
C ARG B 312 13.41 -9.21 13.26
N GLY B 313 13.87 -10.31 12.71
CA GLY B 313 13.80 -10.48 11.26
C GLY B 313 13.99 -11.90 10.83
N TYR B 314 13.44 -12.25 9.68
CA TYR B 314 13.60 -13.54 8.99
C TYR B 314 13.75 -13.23 7.52
N GLY B 315 14.67 -13.90 6.85
CA GLY B 315 14.83 -13.76 5.40
C GLY B 315 15.51 -14.94 4.80
N GLY B 316 15.52 -14.94 3.46
CA GLY B 316 16.07 -16.00 2.66
C GLY B 316 15.25 -16.22 1.42
N ASP B 317 15.46 -17.34 0.76
CA ASP B 317 14.88 -17.54 -0.58
C ASP B 317 14.19 -18.89 -0.68
N VAL B 318 14.09 -19.68 0.37
CA VAL B 318 13.60 -21.06 0.23
C VAL B 318 12.29 -21.23 1.00
N TRP B 319 11.44 -22.08 0.47
CA TRP B 319 10.02 -22.24 0.90
C TRP B 319 9.65 -23.72 0.79
N PHE B 320 8.66 -24.11 1.57
CA PHE B 320 8.03 -25.43 1.35
C PHE B 320 6.52 -25.30 1.29
N PRO B 321 5.89 -25.84 0.24
CA PRO B 321 6.53 -26.37 -0.96
C PRO B 321 6.92 -25.27 -1.94
N GLN B 322 7.49 -25.61 -3.10
CA GLN B 322 7.80 -24.64 -4.15
C GLN B 322 7.15 -25.09 -5.45
N PRO B 323 6.51 -24.18 -6.23
CA PRO B 323 6.33 -22.76 -5.87
C PRO B 323 5.63 -22.50 -4.53
N ALA B 324 6.00 -21.43 -3.83
CA ALA B 324 5.33 -21.08 -2.57
C ALA B 324 3.88 -20.71 -2.87
N PRO B 325 2.91 -21.30 -2.15
CA PRO B 325 1.53 -20.87 -2.33
C PRO B 325 1.38 -19.36 -2.16
N ALA B 326 0.43 -18.77 -2.85
CA ALA B 326 0.22 -17.31 -2.89
C ALA B 326 -0.06 -16.76 -1.49
N ASP B 327 -0.66 -17.55 -0.58
CA ASP B 327 -1.01 -17.11 0.78
C ASP B 327 0.00 -17.57 1.84
N HIS B 328 1.19 -18.08 1.42
CA HIS B 328 2.21 -18.56 2.37
C HIS B 328 2.46 -17.45 3.40
N VAL B 329 2.45 -17.80 4.68
CA VAL B 329 2.50 -16.82 5.78
C VAL B 329 3.81 -16.00 5.73
N LEU B 330 4.90 -16.58 5.25
CA LEU B 330 6.19 -15.85 5.31
C LEU B 330 6.30 -14.91 4.13
N ARG B 331 5.32 -14.80 3.22
CA ARG B 331 5.37 -13.73 2.23
C ARG B 331 5.11 -12.40 2.87
N THR B 332 4.33 -12.33 3.97
CA THR B 332 3.79 -11.07 4.48
C THR B 332 4.00 -10.88 5.99
N ALA B 333 4.45 -11.87 6.74
CA ALA B 333 4.65 -11.74 8.20
C ALA B 333 5.67 -10.66 8.50
N LYS B 334 5.46 -9.86 9.52
CA LYS B 334 6.33 -8.75 9.90
C LYS B 334 6.57 -8.78 11.40
N ASN B 335 7.65 -8.13 11.83
CA ASN B 335 7.88 -7.85 13.25
C ASN B 335 6.90 -6.78 13.71
N PRO B 336 6.88 -6.47 15.02
CA PRO B 336 5.91 -5.48 15.51
C PRO B 336 6.09 -4.05 15.00
N PHE B 337 7.22 -3.75 14.37
CA PHE B 337 7.52 -2.39 13.83
CA PHE B 337 7.51 -2.39 13.83
C PHE B 337 7.20 -2.33 12.33
N GLY B 338 6.69 -3.40 11.76
CA GLY B 338 6.36 -3.44 10.31
C GLY B 338 7.54 -3.72 9.42
N GLY B 339 8.60 -4.28 9.95
CA GLY B 339 9.78 -4.70 9.15
C GLY B 339 10.08 -6.14 9.39
N GLY B 340 11.33 -6.52 9.15
CA GLY B 340 11.80 -7.86 9.53
C GLY B 340 11.54 -8.96 8.55
N ASN B 341 11.11 -8.63 7.31
CA ASN B 341 10.87 -9.66 6.29
C ASN B 341 11.77 -9.37 5.08
N ALA B 342 12.70 -10.29 4.83
CA ALA B 342 13.60 -10.16 3.68
C ALA B 342 13.49 -11.39 2.81
N MET B 343 12.27 -11.87 2.57
CA MET B 343 12.03 -13.06 1.75
C MET B 343 12.09 -12.70 0.28
N VAL B 344 12.60 -13.60 -0.50
CA VAL B 344 12.58 -13.52 -1.99
C VAL B 344 12.17 -14.89 -2.50
N PRO B 345 11.82 -14.99 -3.80
CA PRO B 345 11.57 -16.30 -4.39
C PRO B 345 12.87 -17.13 -4.44
N HIS B 346 12.79 -18.41 -4.73
CA HIS B 346 13.96 -19.32 -4.70
C HIS B 346 14.86 -18.97 -5.86
N MET B 347 15.84 -18.11 -5.63
CA MET B 347 16.63 -17.54 -6.74
C MET B 347 18.11 -17.52 -6.45
N SER B 348 18.56 -17.67 -5.22
CA SER B 348 20.00 -17.30 -4.99
C SER B 348 20.92 -18.22 -5.79
N GLY B 349 20.59 -19.51 -5.83
CA GLY B 349 21.39 -20.54 -6.52
C GLY B 349 21.16 -20.51 -8.02
N THR B 350 20.32 -19.62 -8.53
CA THR B 350 20.02 -19.57 -9.99
C THR B 350 20.35 -18.17 -10.51
N SER B 351 21.30 -17.47 -9.90
CA SER B 351 21.87 -16.29 -10.54
C SER B 351 22.42 -16.64 -11.92
N LEU B 352 22.59 -15.65 -12.76
CA LEU B 352 23.07 -15.91 -14.14
C LEU B 352 24.47 -16.54 -14.09
N ASP B 353 25.30 -16.12 -13.14
CA ASP B 353 26.65 -16.73 -13.01
C ASP B 353 26.53 -18.17 -12.54
N ALA B 354 25.65 -18.49 -11.59
CA ALA B 354 25.45 -19.87 -11.11
C ALA B 354 24.94 -20.78 -12.24
N GLN B 355 24.01 -20.28 -13.04
CA GLN B 355 23.36 -21.16 -14.04
C GLN B 355 24.41 -21.65 -15.03
N LYS B 356 25.36 -20.80 -15.43
CA LYS B 356 26.42 -21.26 -16.37
CA LYS B 356 26.44 -21.24 -16.35
C LYS B 356 27.15 -22.47 -15.76
N ARG B 357 27.47 -22.41 -14.46
CA ARG B 357 28.24 -23.49 -13.81
C ARG B 357 27.37 -24.73 -13.62
N TYR B 358 26.11 -24.63 -13.16
CA TYR B 358 25.38 -25.89 -12.91
C TYR B 358 24.94 -26.50 -14.25
N ALA B 359 24.74 -25.70 -15.28
CA ALA B 359 24.43 -26.27 -16.62
C ALA B 359 25.63 -27.10 -17.10
N GLU B 360 26.84 -26.58 -16.96
CA GLU B 360 28.07 -27.32 -17.37
CA GLU B 360 28.06 -27.33 -17.38
C GLU B 360 28.19 -28.58 -16.52
N GLY B 361 27.90 -28.49 -15.22
CA GLY B 361 28.01 -29.63 -14.33
C GLY B 361 27.00 -30.72 -14.67
N VAL B 362 25.77 -30.36 -15.05
CA VAL B 362 24.76 -31.37 -15.41
C VAL B 362 25.28 -32.14 -16.63
N LYS B 363 25.84 -31.44 -17.60
CA LYS B 363 26.39 -32.08 -18.83
C LYS B 363 27.47 -33.10 -18.44
N ARG B 364 28.38 -32.71 -17.55
CA ARG B 364 29.49 -33.57 -17.05
C ARG B 364 28.91 -34.82 -16.41
N ILE B 365 27.89 -34.70 -15.56
CA ILE B 365 27.28 -35.87 -14.88
C ILE B 365 26.60 -36.75 -15.93
N LEU B 366 25.83 -36.14 -16.83
CA LEU B 366 25.14 -36.92 -17.90
C LEU B 366 26.20 -37.68 -18.69
N ASP B 367 27.32 -37.07 -19.00
CA ASP B 367 28.37 -37.72 -19.81
C ASP B 367 28.95 -38.93 -19.07
N SER B 368 29.15 -38.84 -17.74
CA SER B 368 29.63 -39.97 -16.91
C SER B 368 28.70 -41.17 -17.09
N TYR B 369 27.38 -40.97 -17.09
CA TYR B 369 26.38 -42.05 -17.21
C TYR B 369 26.32 -42.54 -18.68
N LEU B 370 26.08 -41.63 -19.62
CA LEU B 370 25.81 -41.95 -21.04
C LEU B 370 27.03 -42.63 -21.67
N SER B 371 28.25 -42.28 -21.24
CA SER B 371 29.52 -42.83 -21.74
C SER B 371 29.67 -44.31 -21.33
N GLY B 372 28.92 -44.76 -20.32
CA GLY B 372 29.06 -46.08 -19.67
C GLY B 372 30.27 -46.16 -18.74
N ARG B 373 31.00 -45.06 -18.53
CA ARG B 373 32.13 -45.03 -17.57
C ARG B 373 31.62 -45.01 -16.13
N PHE B 374 30.50 -44.32 -15.86
CA PHE B 374 29.96 -44.11 -14.49
C PHE B 374 31.05 -43.52 -13.58
N ASP B 375 31.87 -42.63 -14.14
CA ASP B 375 33.07 -42.04 -13.48
C ASP B 375 32.65 -40.69 -12.84
N TYR B 376 31.61 -40.74 -12.02
CA TYR B 376 31.11 -39.54 -11.32
C TYR B 376 32.18 -38.99 -10.38
N ARG B 377 32.20 -37.67 -10.20
CA ARG B 377 32.91 -37.06 -9.05
CA ARG B 377 32.92 -37.04 -9.06
C ARG B 377 32.26 -37.56 -7.79
N PRO B 378 32.99 -38.17 -6.83
CA PRO B 378 32.38 -38.70 -5.61
C PRO B 378 31.53 -37.65 -4.90
N GLU B 379 32.03 -36.41 -4.87
CA GLU B 379 31.33 -35.32 -4.14
C GLU B 379 30.02 -34.97 -4.81
N ASP B 380 29.76 -35.41 -6.05
CA ASP B 380 28.45 -35.15 -6.70
C ASP B 380 27.39 -36.17 -6.27
N LEU B 381 27.77 -37.27 -5.64
CA LEU B 381 26.79 -38.36 -5.37
C LEU B 381 26.11 -38.17 -4.02
N ILE B 382 24.79 -38.37 -4.00
CA ILE B 382 23.97 -38.34 -2.78
C ILE B 382 23.61 -39.76 -2.39
N VAL B 383 23.01 -40.51 -3.33
CA VAL B 383 22.85 -41.99 -3.15
C VAL B 383 23.35 -42.67 -4.41
N HIS B 384 23.80 -43.93 -4.27
CA HIS B 384 24.44 -44.68 -5.36
C HIS B 384 24.45 -46.15 -4.97
N GLN B 385 24.04 -47.03 -5.90
CA GLN B 385 24.13 -48.50 -5.71
C GLN B 385 23.44 -48.90 -4.39
N GLY B 386 22.31 -48.27 -4.04
CA GLY B 386 21.46 -48.67 -2.91
C GLY B 386 21.91 -48.12 -1.57
N LYS B 387 22.90 -47.23 -1.53
CA LYS B 387 23.42 -46.66 -0.26
CA LYS B 387 23.42 -46.66 -0.26
C LYS B 387 23.59 -45.14 -0.37
N TYR B 388 23.45 -44.46 0.74
CA TYR B 388 23.90 -43.05 0.83
C TYR B 388 25.39 -43.01 0.49
N ALA B 389 25.78 -42.00 -0.29
CA ALA B 389 27.14 -41.77 -0.77
C ALA B 389 27.68 -40.45 -0.19
N THR B 390 26.99 -39.91 0.81
CA THR B 390 27.36 -38.62 1.46
C THR B 390 27.21 -38.73 2.96
N ARG B 391 28.02 -37.96 3.68
CA ARG B 391 27.93 -37.81 5.16
CA ARG B 391 27.93 -37.81 5.16
C ARG B 391 27.06 -36.61 5.52
N ALA B 392 26.64 -35.84 4.54
CA ALA B 392 26.01 -34.49 4.80
C ALA B 392 24.52 -34.58 5.07
N TYR B 393 23.87 -35.72 4.81
CA TYR B 393 22.41 -35.91 4.97
C TYR B 393 22.14 -36.67 6.27
N GLY B 394 22.81 -36.25 7.35
CA GLY B 394 22.71 -36.87 8.66
C GLY B 394 23.85 -37.86 8.93
N GLN B 395 24.10 -38.10 10.19
CA GLN B 395 25.14 -39.04 10.67
C GLN B 395 24.59 -40.45 10.50
N ARG B 396 25.14 -41.19 9.55
CA ARG B 396 24.64 -42.54 9.21
C ARG B 396 25.74 -43.59 9.39
N GLU B 397 25.31 -44.81 9.72
CA GLU B 397 26.04 -46.06 9.42
C GLU B 397 25.45 -46.56 8.09
N ASP B 398 26.20 -47.36 7.34
CA ASP B 398 25.82 -47.86 5.98
C ASP B 398 25.94 -46.71 4.96
N VAL B 399 26.92 -45.83 5.15
CA VAL B 399 27.38 -44.85 4.10
C VAL B 399 28.52 -45.52 3.33
N LYS B 400 28.42 -45.55 1.99
CA LYS B 400 29.50 -46.01 1.08
C LYS B 400 29.95 -44.82 0.22
N ILE B 401 31.03 -44.15 0.66
CA ILE B 401 31.69 -43.02 -0.06
C ILE B 401 32.56 -43.64 -1.16
N PRO B 402 32.26 -43.40 -2.46
CA PRO B 402 33.12 -43.90 -3.55
C PRO B 402 34.56 -43.36 -3.50
N GLY B 403 35.49 -44.12 -4.07
CA GLY B 403 36.95 -43.85 -4.03
C GLY B 403 37.66 -44.74 -3.02
N ALA C 31 -13.68 45.62 28.77
CA ALA C 31 -15.13 45.89 29.07
C ALA C 31 -16.01 45.16 28.05
N ARG C 32 -16.90 44.29 28.51
CA ARG C 32 -17.91 43.57 27.68
C ARG C 32 -18.84 44.60 27.02
N LEU C 33 -19.28 44.34 25.79
CA LEU C 33 -20.33 45.15 25.12
C LEU C 33 -21.66 44.86 25.83
N GLN C 34 -22.62 45.80 25.78
CA GLN C 34 -23.86 45.70 26.59
C GLN C 34 -25.13 45.79 25.73
N MET C 35 -26.17 45.05 26.13
CA MET C 35 -27.55 45.15 25.59
C MET C 35 -27.52 45.08 24.06
N VAL C 36 -26.78 44.10 23.53
CA VAL C 36 -26.56 43.94 22.06
C VAL C 36 -27.80 43.26 21.46
N LYS C 37 -28.35 43.82 20.37
CA LYS C 37 -29.46 43.20 19.61
CA LYS C 37 -29.46 43.20 19.62
C LYS C 37 -28.88 42.19 18.62
N VAL C 38 -29.19 40.92 18.82
CA VAL C 38 -28.80 39.79 17.94
C VAL C 38 -30.02 39.36 17.14
N LEU C 39 -29.89 39.30 15.82
CA LEU C 39 -30.92 38.73 14.92
C LEU C 39 -30.38 37.42 14.33
N ALA C 40 -31.17 36.36 14.40
CA ALA C 40 -30.82 35.07 13.77
C ALA C 40 -31.85 34.75 12.69
N VAL C 41 -31.37 34.45 11.48
CA VAL C 41 -32.23 33.93 10.39
C VAL C 41 -31.89 32.44 10.24
N LEU C 42 -32.83 31.58 10.62
CA LEU C 42 -32.59 30.13 10.63
C LEU C 42 -33.76 29.45 9.99
N TYR C 43 -33.64 28.18 9.67
CA TYR C 43 -34.77 27.47 9.06
C TYR C 43 -35.79 27.08 10.12
N ASP C 44 -37.01 26.90 9.67
CA ASP C 44 -38.14 26.50 10.53
CA ASP C 44 -38.16 26.50 10.52
C ASP C 44 -38.11 24.98 10.66
N GLY C 45 -37.96 24.48 11.89
CA GLY C 45 -37.98 23.05 12.20
C GLY C 45 -39.35 22.51 12.47
N GLY C 46 -40.39 23.37 12.53
CA GLY C 46 -41.75 22.92 12.90
C GLY C 46 -41.71 21.96 14.07
N GLU C 47 -42.47 20.86 13.96
CA GLU C 47 -42.58 19.79 14.99
C GLU C 47 -41.26 19.00 15.05
N HIS C 48 -40.53 18.91 13.92
CA HIS C 48 -39.25 18.16 13.83
C HIS C 48 -38.28 18.64 14.92
N ALA C 49 -38.16 19.95 15.10
CA ALA C 49 -37.16 20.63 15.95
C ALA C 49 -37.56 20.49 17.43
N LYS C 50 -38.82 20.16 17.71
CA LYS C 50 -39.29 19.86 19.09
CA LYS C 50 -39.29 19.86 19.09
C LYS C 50 -38.98 18.38 19.37
N GLN C 51 -39.29 17.49 18.42
CA GLN C 51 -39.10 16.03 18.54
C GLN C 51 -37.60 15.68 18.54
N VAL C 52 -36.77 16.39 17.77
CA VAL C 52 -35.32 16.11 17.61
C VAL C 52 -34.56 17.35 18.05
N PRO C 53 -34.18 17.45 19.34
CA PRO C 53 -33.48 18.64 19.85
C PRO C 53 -32.10 18.88 19.23
N GLY C 54 -31.52 17.86 18.58
CA GLY C 54 -30.24 18.01 17.88
C GLY C 54 -30.35 18.95 16.69
N LEU C 55 -31.57 19.29 16.26
CA LEU C 55 -31.79 20.36 15.23
C LEU C 55 -31.55 21.72 15.88
N LEU C 56 -30.29 22.03 16.15
CA LEU C 56 -29.89 23.28 16.85
C LEU C 56 -30.09 24.49 15.93
N GLY C 57 -29.86 24.35 14.62
CA GLY C 57 -29.80 25.52 13.72
C GLY C 57 -31.18 25.93 13.22
N THR C 58 -32.19 25.85 14.08
CA THR C 58 -33.62 26.07 13.75
C THR C 58 -34.14 27.26 14.55
N THR C 59 -35.27 27.82 14.13
CA THR C 59 -35.88 28.96 14.84
C THR C 59 -36.32 28.49 16.24
N GLU C 60 -36.62 27.20 16.40
CA GLU C 60 -37.07 26.62 17.69
CA GLU C 60 -37.08 26.61 17.70
C GLU C 60 -35.93 26.61 18.71
N ASN C 61 -34.75 26.15 18.30
CA ASN C 61 -33.65 25.85 19.25
C ASN C 61 -32.59 26.95 19.25
N GLU C 62 -32.53 27.80 18.22
CA GLU C 62 -31.77 29.07 18.23
C GLU C 62 -30.29 28.83 18.52
N LEU C 63 -29.71 27.73 18.03
CA LEU C 63 -28.28 27.37 18.23
C LEU C 63 -27.93 27.25 19.72
N GLY C 64 -28.92 27.04 20.57
CA GLY C 64 -28.72 26.97 22.05
C GLY C 64 -28.21 28.29 22.63
N LEU C 65 -28.51 29.43 22.02
CA LEU C 65 -27.92 30.75 22.39
C LEU C 65 -28.85 31.54 23.34
N ARG C 66 -30.15 31.29 23.39
CA ARG C 66 -31.09 32.32 23.93
C ARG C 66 -30.75 32.62 25.39
N LYS C 67 -30.74 31.63 26.30
CA LYS C 67 -30.44 31.84 27.74
CA LYS C 67 -30.46 31.86 27.74
C LYS C 67 -29.07 32.49 27.89
N TRP C 68 -28.08 31.99 27.17
CA TRP C 68 -26.67 32.47 27.25
C TRP C 68 -26.62 33.97 26.91
N LEU C 69 -27.37 34.43 25.91
CA LEU C 69 -27.39 35.85 25.49
C LEU C 69 -28.18 36.67 26.54
N GLU C 70 -29.37 36.20 26.89
CA GLU C 70 -30.33 36.92 27.78
C GLU C 70 -29.69 37.11 29.16
N ASP C 71 -28.97 36.11 29.68
CA ASP C 71 -28.26 36.19 30.99
C ASP C 71 -27.20 37.31 30.98
N GLN C 72 -26.71 37.70 29.82
CA GLN C 72 -25.68 38.77 29.66
C GLN C 72 -26.36 40.13 29.46
N GLY C 73 -27.69 40.13 29.35
CA GLY C 73 -28.52 41.33 29.07
C GLY C 73 -28.64 41.63 27.59
N HIS C 74 -28.26 40.69 26.69
CA HIS C 74 -28.43 40.89 25.24
C HIS C 74 -29.84 40.43 24.86
N THR C 75 -30.30 40.82 23.67
CA THR C 75 -31.61 40.38 23.14
C THR C 75 -31.39 39.51 21.89
N LEU C 76 -32.32 38.59 21.66
CA LEU C 76 -32.29 37.73 20.47
C LEU C 76 -33.68 37.73 19.83
N VAL C 77 -33.70 38.10 18.55
CA VAL C 77 -34.90 37.92 17.67
C VAL C 77 -34.51 36.88 16.63
N THR C 78 -35.39 35.91 16.40
CA THR C 78 -35.13 34.78 15.48
C THR C 78 -36.28 34.70 14.49
N THR C 79 -35.97 34.49 13.21
CA THR C 79 -37.04 34.35 12.20
C THR C 79 -36.60 33.41 11.09
N SER C 80 -37.57 32.75 10.45
CA SER C 80 -37.34 32.08 9.14
C SER C 80 -37.92 32.90 7.98
N ASP C 81 -38.55 34.05 8.26
CA ASP C 81 -39.29 34.84 7.23
C ASP C 81 -38.32 35.84 6.62
N LYS C 82 -37.71 35.55 5.46
CA LYS C 82 -36.51 36.31 5.04
C LYS C 82 -36.54 36.77 3.56
N ASP C 83 -37.51 36.37 2.74
CA ASP C 83 -37.44 36.56 1.26
C ASP C 83 -38.43 37.65 0.80
N ARG C 84 -39.66 37.67 1.33
CA ARG C 84 -40.77 38.49 0.74
C ARG C 84 -40.50 39.98 1.04
N GLU C 85 -41.12 40.86 0.24
N GLU C 85 -41.13 40.91 0.30
CA GLU C 85 -41.14 42.32 0.52
CA GLU C 85 -40.76 42.36 0.35
C GLU C 85 -41.79 42.50 1.90
C GLU C 85 -40.80 42.93 1.78
N GLY C 86 -41.13 43.24 2.80
N GLY C 86 -41.83 42.62 2.57
CA GLY C 86 -41.59 43.49 4.17
CA GLY C 86 -42.00 43.16 3.94
C GLY C 86 -41.49 42.26 5.07
C GLY C 86 -41.61 42.15 5.01
N SER C 87 -40.55 41.36 4.78
CA SER C 87 -40.25 40.18 5.64
C SER C 87 -39.85 40.65 7.03
N THR C 88 -40.01 39.78 8.03
CA THR C 88 -39.48 39.99 9.39
C THR C 88 -37.99 40.32 9.32
N PHE C 89 -37.23 39.58 8.50
CA PHE C 89 -35.77 39.82 8.34
C PHE C 89 -35.52 41.29 7.96
N ASP C 90 -36.20 41.75 6.91
CA ASP C 90 -36.07 43.14 6.39
C ASP C 90 -36.37 44.17 7.47
N ARG C 91 -37.34 43.91 8.34
CA ARG C 91 -37.70 44.87 9.43
CA ARG C 91 -37.70 44.86 9.43
C ARG C 91 -36.61 44.83 10.50
N GLU C 92 -36.24 43.62 10.97
CA GLU C 92 -35.33 43.46 12.14
C GLU C 92 -33.87 43.83 11.80
N LEU C 93 -33.43 43.71 10.53
CA LEU C 93 -31.99 43.92 10.20
C LEU C 93 -31.63 45.40 10.35
N GLU C 94 -32.62 46.29 10.41
CA GLU C 94 -32.35 47.76 10.40
C GLU C 94 -31.64 48.20 11.69
N ASP C 95 -31.83 47.48 12.81
CA ASP C 95 -31.17 47.87 14.08
C ASP C 95 -30.46 46.67 14.75
N ALA C 96 -30.31 45.53 14.07
CA ALA C 96 -29.47 44.42 14.59
C ALA C 96 -27.99 44.83 14.55
N GLU C 97 -27.27 44.60 15.67
CA GLU C 97 -25.81 44.81 15.79
C GLU C 97 -25.09 43.52 15.33
N ILE C 98 -25.67 42.35 15.61
CA ILE C 98 -25.14 41.01 15.12
C ILE C 98 -26.24 40.35 14.32
N ILE C 99 -25.89 39.84 13.13
CA ILE C 99 -26.84 39.04 12.32
C ILE C 99 -26.18 37.68 12.14
N ILE C 100 -26.90 36.66 12.62
CA ILE C 100 -26.51 35.26 12.38
C ILE C 100 -27.36 34.77 11.22
N THR C 101 -26.68 34.24 10.20
CA THR C 101 -27.35 33.62 9.06
C THR C 101 -26.83 32.18 8.98
N THR C 102 -27.51 31.42 8.16
CA THR C 102 -27.11 30.01 7.98
C THR C 102 -27.26 29.73 6.50
N PRO C 103 -26.26 29.10 5.86
CA PRO C 103 -26.34 28.91 4.41
C PRO C 103 -27.53 28.09 3.94
N PHE C 104 -28.09 27.23 4.80
CA PHE C 104 -29.13 26.23 4.48
C PHE C 104 -30.46 26.96 4.28
N HIS C 105 -30.57 28.19 4.81
CA HIS C 105 -31.79 29.05 4.70
C HIS C 105 -31.33 30.50 4.75
N PRO C 106 -30.64 30.98 3.70
CA PRO C 106 -29.78 32.14 3.81
C PRO C 106 -30.53 33.47 3.75
N GLY C 107 -30.37 34.26 4.80
CA GLY C 107 -30.78 35.68 4.78
C GLY C 107 -29.80 36.43 3.90
N TYR C 108 -30.19 36.73 2.66
CA TYR C 108 -29.28 37.33 1.66
C TYR C 108 -28.99 38.77 2.07
N LEU C 109 -27.74 39.07 2.45
CA LEU C 109 -27.37 40.45 2.84
C LEU C 109 -26.88 41.18 1.59
N THR C 110 -27.87 41.61 0.80
CA THR C 110 -27.67 42.35 -0.46
C THR C 110 -27.14 43.75 -0.10
N ALA C 111 -26.55 44.43 -1.08
CA ALA C 111 -26.05 45.83 -0.88
C ALA C 111 -27.20 46.72 -0.39
N GLU C 112 -28.43 46.52 -0.90
CA GLU C 112 -29.65 47.28 -0.48
C GLU C 112 -29.92 47.04 1.01
N ARG C 113 -29.87 45.80 1.47
CA ARG C 113 -30.16 45.46 2.89
C ARG C 113 -29.03 45.99 3.78
N LEU C 114 -27.79 45.87 3.35
CA LEU C 114 -26.62 46.27 4.17
C LEU C 114 -26.70 47.78 4.39
N ALA C 115 -27.13 48.51 3.35
CA ALA C 115 -27.26 49.99 3.42
C ALA C 115 -28.29 50.39 4.48
N ARG C 116 -29.25 49.51 4.79
CA ARG C 116 -30.32 49.78 5.77
C ARG C 116 -29.97 49.21 7.15
N ALA C 117 -28.94 48.35 7.26
CA ALA C 117 -28.53 47.74 8.55
C ALA C 117 -27.61 48.74 9.28
N LYS C 118 -28.17 49.81 9.87
CA LYS C 118 -27.40 50.97 10.39
CA LYS C 118 -27.40 50.97 10.39
C LYS C 118 -26.52 50.55 11.58
N LYS C 119 -26.91 49.50 12.33
CA LYS C 119 -26.23 49.11 13.59
CA LYS C 119 -26.24 49.11 13.60
C LYS C 119 -25.32 47.90 13.38
N LEU C 120 -25.33 47.30 12.18
CA LEU C 120 -24.63 45.99 11.97
C LEU C 120 -23.10 46.13 12.11
N LYS C 121 -22.49 45.30 12.97
CA LYS C 121 -21.01 45.23 13.13
CA LYS C 121 -21.00 45.24 13.14
C LYS C 121 -20.47 43.82 12.80
N LEU C 122 -21.27 42.80 13.04
CA LEU C 122 -20.83 41.36 12.93
C LEU C 122 -21.89 40.56 12.24
N ALA C 123 -21.47 39.86 11.16
CA ALA C 123 -22.32 38.90 10.44
C ALA C 123 -21.66 37.53 10.59
N VAL C 124 -22.36 36.65 11.30
CA VAL C 124 -21.81 35.30 11.60
C VAL C 124 -22.58 34.35 10.73
N THR C 125 -21.83 33.50 10.01
CA THR C 125 -22.40 32.36 9.27
C THR C 125 -22.36 31.11 10.18
N ALA C 126 -23.54 30.59 10.47
CA ALA C 126 -23.71 29.34 11.22
C ALA C 126 -23.48 28.21 10.17
N GLY C 127 -22.21 27.90 9.99
CA GLY C 127 -21.78 27.01 8.88
C GLY C 127 -20.57 27.58 8.19
N ILE C 128 -20.42 27.28 6.89
CA ILE C 128 -19.27 27.64 6.06
C ILE C 128 -19.79 28.15 4.72
N GLY C 129 -19.22 29.25 4.25
CA GLY C 129 -19.50 29.87 2.94
C GLY C 129 -20.34 31.12 3.18
N SER C 130 -19.70 32.27 2.97
CA SER C 130 -20.36 33.54 3.37
C SER C 130 -20.77 34.35 2.15
N ASP C 131 -20.91 33.70 0.99
CA ASP C 131 -21.25 34.31 -0.32
C ASP C 131 -22.69 34.87 -0.32
N HIS C 132 -23.54 34.54 0.65
CA HIS C 132 -24.92 35.08 0.73
C HIS C 132 -24.86 36.49 1.33
N VAL C 133 -23.68 36.91 1.72
CA VAL C 133 -23.38 38.33 2.10
C VAL C 133 -22.70 38.96 0.88
N ASP C 134 -23.10 40.17 0.48
CA ASP C 134 -22.32 40.90 -0.54
C ASP C 134 -21.02 41.36 0.11
N LEU C 135 -19.92 40.64 -0.06
CA LEU C 135 -18.69 40.85 0.75
C LEU C 135 -18.04 42.18 0.37
N ASP C 136 -18.09 42.54 -0.90
CA ASP C 136 -17.55 43.84 -1.38
C ASP C 136 -18.32 44.96 -0.67
N ALA C 137 -19.66 44.88 -0.63
CA ALA C 137 -20.52 45.89 0.07
C ALA C 137 -20.27 45.80 1.57
N ALA C 138 -20.07 44.61 2.15
CA ALA C 138 -19.83 44.46 3.60
C ALA C 138 -18.57 45.25 3.98
N ASN C 139 -17.58 45.28 3.10
CA ASN C 139 -16.27 45.92 3.33
C ASN C 139 -16.46 47.47 3.32
N LYS C 140 -17.56 47.96 2.75
CA LYS C 140 -17.83 49.43 2.65
CA LYS C 140 -17.81 49.43 2.66
C LYS C 140 -18.97 49.82 3.62
N THR C 141 -19.44 48.90 4.46
CA THR C 141 -20.62 49.10 5.35
C THR C 141 -20.20 49.34 6.80
N ASN C 142 -20.62 50.45 7.41
CA ASN C 142 -20.42 50.74 8.86
C ASN C 142 -18.93 50.60 9.21
N GLY C 143 -18.02 51.01 8.32
CA GLY C 143 -16.55 50.99 8.51
C GLY C 143 -15.93 49.68 8.06
N GLY C 144 -16.75 48.76 7.54
CA GLY C 144 -16.27 47.41 7.18
C GLY C 144 -16.65 46.42 8.25
N ILE C 145 -17.74 45.68 8.04
CA ILE C 145 -18.26 44.77 9.09
C ILE C 145 -17.40 43.50 9.09
N THR C 146 -17.42 42.82 10.23
CA THR C 146 -16.73 41.51 10.36
C THR C 146 -17.67 40.46 9.84
N VAL C 147 -17.21 39.66 8.85
CA VAL C 147 -17.98 38.47 8.40
C VAL C 147 -17.10 37.26 8.75
N ALA C 148 -17.66 36.47 9.64
CA ALA C 148 -16.99 35.29 10.21
C ALA C 148 -17.88 34.10 9.92
N GLU C 149 -17.21 32.94 9.82
CA GLU C 149 -17.87 31.65 9.68
C GLU C 149 -17.11 30.61 10.51
N VAL C 150 -17.72 29.44 10.66
CA VAL C 150 -17.15 28.37 11.54
C VAL C 150 -16.32 27.43 10.66
N THR C 151 -15.15 27.87 10.31
CA THR C 151 -14.21 27.17 9.43
C THR C 151 -13.99 25.77 9.98
N GLY C 152 -14.02 24.75 9.10
CA GLY C 152 -13.77 23.36 9.52
C GLY C 152 -14.97 22.65 10.14
N SER C 153 -16.06 23.32 10.54
CA SER C 153 -17.15 22.74 11.33
C SER C 153 -17.85 21.60 10.58
N ASN C 154 -17.99 21.72 9.27
CA ASN C 154 -18.82 20.71 8.55
C ASN C 154 -18.09 20.24 7.31
N VAL C 155 -16.79 20.41 7.22
CA VAL C 155 -16.01 19.99 6.02
C VAL C 155 -16.03 18.47 5.89
N VAL C 156 -16.00 17.73 6.98
CA VAL C 156 -16.03 16.25 6.84
C VAL C 156 -17.43 15.88 6.32
N SER C 157 -18.49 16.46 6.86
CA SER C 157 -19.85 16.15 6.49
C SER C 157 -20.00 16.33 4.97
N VAL C 158 -19.50 17.43 4.44
CA VAL C 158 -19.65 17.68 2.99
C VAL C 158 -18.79 16.70 2.21
N ALA C 159 -17.57 16.42 2.62
CA ALA C 159 -16.71 15.49 1.88
C ALA C 159 -17.39 14.11 1.81
N GLU C 160 -18.00 13.64 2.88
CA GLU C 160 -18.72 12.36 2.86
C GLU C 160 -19.84 12.48 1.83
N HIS C 161 -20.56 13.58 1.83
CA HIS C 161 -21.71 13.77 0.95
C HIS C 161 -21.24 13.70 -0.50
N VAL C 162 -20.10 14.29 -0.79
CA VAL C 162 -19.54 14.26 -2.16
C VAL C 162 -19.30 12.81 -2.56
N VAL C 163 -18.58 12.07 -1.76
CA VAL C 163 -18.26 10.67 -2.12
C VAL C 163 -19.56 9.87 -2.28
N MET C 164 -20.50 10.03 -1.36
CA MET C 164 -21.80 9.38 -1.49
C MET C 164 -22.42 9.69 -2.87
N THR C 165 -22.47 10.97 -3.19
CA THR C 165 -23.16 11.43 -4.43
C THR C 165 -22.41 10.88 -5.66
N ILE C 166 -21.08 10.89 -5.63
CA ILE C 166 -20.31 10.28 -6.76
C ILE C 166 -20.74 8.83 -6.92
N LEU C 167 -20.79 8.05 -5.84
CA LEU C 167 -21.14 6.64 -5.96
C LEU C 167 -22.58 6.49 -6.43
N VAL C 168 -23.49 7.26 -5.86
CA VAL C 168 -24.93 7.19 -6.26
C VAL C 168 -25.04 7.40 -7.77
N LEU C 169 -24.32 8.37 -8.30
CA LEU C 169 -24.42 8.65 -9.76
C LEU C 169 -23.71 7.55 -10.55
N VAL C 170 -22.47 7.22 -10.22
CA VAL C 170 -21.69 6.24 -11.00
C VAL C 170 -22.41 4.91 -11.03
N ARG C 171 -22.96 4.48 -9.88
CA ARG C 171 -23.56 3.15 -9.75
C ARG C 171 -25.08 3.19 -10.07
N ASN C 172 -25.59 4.32 -10.51
CA ASN C 172 -26.99 4.39 -11.04
C ASN C 172 -28.02 3.99 -9.98
N PHE C 173 -27.80 4.41 -8.74
CA PHE C 173 -28.67 4.02 -7.60
C PHE C 173 -30.11 4.58 -7.72
N VAL C 174 -30.28 5.83 -8.09
CA VAL C 174 -31.61 6.44 -7.97
C VAL C 174 -32.63 5.72 -8.82
N PRO C 175 -32.43 5.54 -10.14
CA PRO C 175 -33.48 4.83 -10.89
C PRO C 175 -33.64 3.39 -10.45
N ALA C 176 -32.57 2.78 -9.95
CA ALA C 176 -32.61 1.39 -9.48
C ALA C 176 -33.54 1.32 -8.24
N HIS C 177 -33.40 2.25 -7.31
CA HIS C 177 -34.25 2.29 -6.10
C HIS C 177 -35.70 2.55 -6.52
N GLU C 178 -35.89 3.45 -7.46
CA GLU C 178 -37.27 3.77 -7.92
C GLU C 178 -37.88 2.53 -8.54
N GLN C 179 -37.17 1.74 -9.29
CA GLN C 179 -37.68 0.50 -9.91
C GLN C 179 -38.22 -0.42 -8.81
N ILE C 180 -37.45 -0.60 -7.74
CA ILE C 180 -37.82 -1.48 -6.61
C ILE C 180 -39.09 -0.95 -5.94
N GLU C 181 -39.16 0.32 -5.63
CA GLU C 181 -40.30 0.85 -4.85
C GLU C 181 -41.57 0.75 -5.71
N ALA C 182 -41.45 0.79 -7.04
CA ALA C 182 -42.58 0.71 -7.97
C ALA C 182 -43.06 -0.73 -8.15
N GLY C 183 -42.38 -1.75 -7.64
CA GLY C 183 -42.81 -3.15 -7.77
C GLY C 183 -42.28 -3.84 -8.98
N ARG C 184 -41.32 -3.22 -9.69
CA ARG C 184 -40.76 -3.75 -10.94
CA ARG C 184 -40.77 -3.76 -10.94
C ARG C 184 -39.45 -4.53 -10.68
N TRP C 185 -38.95 -5.20 -11.68
CA TRP C 185 -37.69 -5.97 -11.60
C TRP C 185 -37.12 -6.08 -12.98
N ASP C 186 -36.02 -5.36 -13.25
CA ASP C 186 -35.35 -5.48 -14.54
C ASP C 186 -33.88 -5.09 -14.34
N VAL C 187 -33.06 -6.06 -14.13
CA VAL C 187 -31.62 -5.84 -13.81
C VAL C 187 -30.97 -5.09 -14.98
N ALA C 188 -31.18 -5.53 -16.22
CA ALA C 188 -30.47 -4.93 -17.37
C ALA C 188 -30.80 -3.45 -17.49
N GLU C 189 -32.03 -3.07 -17.20
CA GLU C 189 -32.52 -1.70 -17.32
C GLU C 189 -31.62 -0.74 -16.55
N VAL C 190 -31.21 -1.17 -15.36
CA VAL C 190 -30.40 -0.24 -14.52
C VAL C 190 -28.93 -0.63 -14.54
N ALA C 191 -28.56 -1.88 -14.80
CA ALA C 191 -27.14 -2.23 -14.91
C ALA C 191 -26.53 -1.59 -16.15
N LYS C 192 -27.31 -1.26 -17.17
CA LYS C 192 -26.73 -0.73 -18.44
CA LYS C 192 -26.74 -0.73 -18.43
C LYS C 192 -26.05 0.62 -18.22
N ASP C 193 -26.32 1.35 -17.11
CA ASP C 193 -25.67 2.65 -16.83
CA ASP C 193 -25.68 2.65 -16.82
C ASP C 193 -24.93 2.56 -15.49
N GLU C 194 -24.63 1.34 -15.03
CA GLU C 194 -23.98 1.11 -13.73
C GLU C 194 -22.49 0.87 -13.98
N TYR C 195 -21.64 1.69 -13.42
CA TYR C 195 -20.19 1.51 -13.50
C TYR C 195 -19.59 1.37 -12.12
N ASP C 196 -18.33 0.93 -12.05
CA ASP C 196 -17.55 1.01 -10.78
C ASP C 196 -16.78 2.32 -10.74
N LEU C 197 -16.53 2.83 -9.55
CA LEU C 197 -15.66 4.01 -9.37
C LEU C 197 -14.19 3.62 -9.56
N GLU C 198 -13.83 2.38 -9.22
CA GLU C 198 -12.47 1.90 -9.48
C GLU C 198 -12.13 2.16 -10.94
N GLY C 199 -10.89 2.58 -11.17
CA GLY C 199 -10.42 2.81 -12.55
C GLY C 199 -10.90 4.07 -13.19
N LYS C 200 -11.68 4.91 -12.52
CA LYS C 200 -12.15 6.18 -13.06
C LYS C 200 -11.21 7.28 -12.62
N VAL C 201 -11.16 8.37 -13.38
CA VAL C 201 -10.39 9.55 -12.98
C VAL C 201 -11.32 10.53 -12.33
N VAL C 202 -10.96 11.01 -11.16
CA VAL C 202 -11.79 11.99 -10.40
C VAL C 202 -10.97 13.25 -10.22
N GLY C 203 -11.57 14.39 -10.50
CA GLY C 203 -10.93 15.69 -10.29
C GLY C 203 -11.75 16.59 -9.40
N THR C 204 -11.10 17.32 -8.52
CA THR C 204 -11.74 18.32 -7.67
C THR C 204 -11.30 19.73 -8.07
N VAL C 205 -12.29 20.60 -8.14
CA VAL C 205 -12.11 22.07 -8.29
C VAL C 205 -12.08 22.64 -6.89
N GLY C 206 -10.85 22.91 -6.41
CA GLY C 206 -10.62 23.30 -5.04
C GLY C 206 -10.05 22.10 -4.29
N VAL C 207 -8.94 22.33 -3.56
CA VAL C 207 -8.33 21.29 -2.72
C VAL C 207 -8.10 21.90 -1.34
N GLY C 208 -9.06 22.65 -0.88
CA GLY C 208 -9.08 23.17 0.50
C GLY C 208 -9.55 22.15 1.48
N ARG C 209 -10.22 22.57 2.53
CA ARG C 209 -10.59 21.64 3.62
C ARG C 209 -11.53 20.56 3.07
N ILE C 210 -12.50 20.90 2.25
CA ILE C 210 -13.42 19.86 1.72
C ILE C 210 -12.72 19.09 0.59
N GLY C 211 -12.17 19.73 -0.40
CA GLY C 211 -11.58 19.01 -1.54
C GLY C 211 -10.52 18.04 -1.09
N GLU C 212 -9.64 18.43 -0.16
CA GLU C 212 -8.60 17.50 0.31
C GLU C 212 -9.29 16.30 1.01
N ARG C 213 -10.32 16.53 1.78
CA ARG C 213 -11.02 15.45 2.51
C ARG C 213 -11.77 14.53 1.55
N VAL C 214 -12.25 15.07 0.43
CA VAL C 214 -12.83 14.24 -0.66
C VAL C 214 -11.78 13.29 -1.18
N LEU C 215 -10.62 13.81 -1.52
CA LEU C 215 -9.55 12.96 -2.09
C LEU C 215 -9.10 11.93 -1.05
N ARG C 216 -9.04 12.30 0.24
CA ARG C 216 -8.66 11.34 1.29
C ARG C 216 -9.65 10.20 1.37
N ARG C 217 -10.93 10.46 1.16
CA ARG C 217 -11.95 9.41 1.18
C ARG C 217 -11.90 8.61 -0.12
N LEU C 218 -11.55 9.22 -1.24
CA LEU C 218 -11.51 8.46 -2.51
C LEU C 218 -10.28 7.57 -2.58
N LYS C 219 -9.26 7.81 -1.78
CA LYS C 219 -8.02 7.04 -1.90
CA LYS C 219 -8.01 7.04 -1.88
C LYS C 219 -8.26 5.53 -1.84
N GLY C 220 -9.15 5.05 -0.96
CA GLY C 220 -9.33 3.60 -0.84
C GLY C 220 -10.08 2.95 -1.97
N PHE C 221 -10.62 3.74 -2.89
CA PHE C 221 -11.43 3.22 -4.02
C PHE C 221 -10.59 2.88 -5.26
N ASP C 222 -9.27 3.16 -5.24
CA ASP C 222 -8.43 2.75 -6.39
C ASP C 222 -8.94 3.34 -7.72
N CYS C 223 -9.27 4.60 -7.66
CA CYS C 223 -9.50 5.40 -8.86
C CYS C 223 -8.22 5.33 -9.70
N LYS C 224 -8.35 5.47 -11.01
CA LYS C 224 -7.17 5.50 -11.91
C LYS C 224 -6.25 6.66 -11.51
N GLU C 225 -6.80 7.82 -11.26
CA GLU C 225 -6.05 9.00 -10.83
C GLU C 225 -6.99 9.90 -10.06
N LEU C 226 -6.42 10.63 -9.13
CA LEU C 226 -7.06 11.72 -8.38
C LEU C 226 -6.36 13.00 -8.80
N LEU C 227 -7.12 13.96 -9.29
CA LEU C 227 -6.62 15.24 -9.81
C LEU C 227 -7.22 16.39 -9.01
N TYR C 228 -6.51 17.51 -9.00
CA TYR C 228 -7.08 18.74 -8.46
C TYR C 228 -6.61 19.94 -9.24
N TYR C 229 -7.45 20.96 -9.16
CA TYR C 229 -7.17 22.31 -9.71
C TYR C 229 -7.44 23.33 -8.59
N ASP C 230 -6.41 24.09 -8.21
CA ASP C 230 -6.50 25.11 -7.16
C ASP C 230 -5.26 25.99 -7.29
N TYR C 231 -5.43 27.29 -7.13
CA TYR C 231 -4.25 28.20 -7.12
C TYR C 231 -3.55 28.11 -5.77
N GLN C 232 -4.15 27.49 -4.75
CA GLN C 232 -3.49 27.16 -3.46
C GLN C 232 -3.22 25.67 -3.43
N PRO C 233 -2.02 25.20 -3.83
CA PRO C 233 -1.80 23.78 -3.97
C PRO C 233 -1.61 23.06 -2.65
N LEU C 234 -1.75 21.74 -2.68
CA LEU C 234 -1.26 20.88 -1.56
C LEU C 234 0.28 20.90 -1.54
N SER C 235 0.82 20.59 -0.37
CA SER C 235 2.28 20.37 -0.26
C SER C 235 2.64 19.14 -1.04
N PRO C 236 3.89 19.01 -1.53
CA PRO C 236 4.31 17.77 -2.15
C PRO C 236 4.12 16.53 -1.25
N GLU C 237 4.34 16.70 0.04
CA GLU C 237 4.19 15.60 1.02
CA GLU C 237 4.18 15.62 1.05
C GLU C 237 2.73 15.12 0.97
N LYS C 238 1.79 16.03 1.01
CA LYS C 238 0.36 15.66 1.04
CA LYS C 238 0.36 15.64 1.05
C LYS C 238 -0.04 15.07 -0.31
N GLU C 239 0.49 15.59 -1.43
CA GLU C 239 0.20 15.01 -2.73
C GLU C 239 0.59 13.55 -2.75
N LYS C 240 1.75 13.19 -2.20
CA LYS C 240 2.21 11.80 -2.20
CA LYS C 240 2.19 11.79 -2.23
C LYS C 240 1.43 10.97 -1.18
N GLU C 241 1.08 11.52 -0.06
CA GLU C 241 0.36 10.80 1.00
C GLU C 241 -1.01 10.38 0.46
N ILE C 242 -1.72 11.32 -0.14
CA ILE C 242 -3.07 11.05 -0.70
C ILE C 242 -2.94 10.27 -2.00
N GLY C 243 -2.00 10.62 -2.86
CA GLY C 243 -1.78 10.02 -4.16
C GLY C 243 -2.58 10.80 -5.19
N CYS C 244 -2.31 12.09 -5.36
CA CYS C 244 -3.03 12.93 -6.30
C CYS C 244 -2.08 13.84 -7.04
N ARG C 245 -2.57 14.43 -8.11
CA ARG C 245 -1.75 15.23 -9.07
C ARG C 245 -2.43 16.55 -9.32
N ARG C 246 -1.68 17.65 -9.22
CA ARG C 246 -2.17 19.00 -9.53
C ARG C 246 -2.17 19.18 -11.03
N VAL C 247 -3.31 19.64 -11.57
CA VAL C 247 -3.43 20.04 -12.97
C VAL C 247 -3.46 21.57 -13.02
N GLU C 248 -2.63 22.14 -13.91
CA GLU C 248 -2.40 23.61 -13.87
CA GLU C 248 -2.35 23.59 -13.98
C GLU C 248 -3.56 24.33 -14.55
N ASN C 249 -4.26 23.71 -15.48
CA ASN C 249 -5.32 24.37 -16.28
C ASN C 249 -6.67 23.65 -16.04
N LEU C 250 -7.69 24.39 -15.71
CA LEU C 250 -9.01 23.77 -15.39
C LEU C 250 -9.53 22.97 -16.58
N GLU C 251 -9.56 23.54 -17.79
CA GLU C 251 -10.11 22.82 -18.95
C GLU C 251 -9.31 21.55 -19.20
N GLU C 252 -7.99 21.58 -19.04
CA GLU C 252 -7.09 20.41 -19.15
CA GLU C 252 -7.19 20.36 -19.23
C GLU C 252 -7.53 19.32 -18.15
N MET C 253 -7.83 19.71 -16.93
CA MET C 253 -8.28 18.71 -15.92
C MET C 253 -9.63 18.12 -16.37
N LEU C 254 -10.57 18.99 -16.71
CA LEU C 254 -11.94 18.48 -17.01
C LEU C 254 -11.90 17.46 -18.14
N ALA C 255 -11.04 17.67 -19.15
CA ALA C 255 -10.99 16.76 -20.30
C ALA C 255 -10.45 15.39 -19.98
N GLN C 256 -9.81 15.23 -18.82
CA GLN C 256 -9.17 13.97 -18.39
C GLN C 256 -10.08 13.21 -17.41
N CYS C 257 -11.09 13.87 -16.84
CA CYS C 257 -11.84 13.26 -15.72
C CYS C 257 -13.07 12.51 -16.17
N ASP C 258 -13.40 11.43 -15.49
CA ASP C 258 -14.71 10.78 -15.58
C ASP C 258 -15.69 11.43 -14.62
N VAL C 259 -15.19 11.90 -13.47
CA VAL C 259 -16.02 12.52 -12.41
C VAL C 259 -15.36 13.84 -12.09
N VAL C 260 -16.15 14.89 -11.94
CA VAL C 260 -15.69 16.19 -11.47
C VAL C 260 -16.53 16.61 -10.26
N THR C 261 -15.86 17.06 -9.20
CA THR C 261 -16.53 17.58 -8.01
C THR C 261 -16.06 19.02 -7.76
N ILE C 262 -17.04 19.88 -7.52
CA ILE C 262 -16.78 21.33 -7.27
C ILE C 262 -16.71 21.57 -5.76
N ASN C 263 -15.55 22.10 -5.29
CA ASN C 263 -15.33 22.29 -3.85
C ASN C 263 -14.64 23.65 -3.59
N CYS C 264 -14.98 24.67 -4.36
CA CYS C 264 -14.43 26.04 -4.17
C CYS C 264 -15.56 26.95 -3.71
N PRO C 265 -15.22 28.07 -3.06
CA PRO C 265 -16.23 29.03 -2.66
C PRO C 265 -16.79 29.79 -3.89
N LEU C 266 -17.93 30.40 -3.64
CA LEU C 266 -18.62 31.31 -4.61
C LEU C 266 -18.05 32.74 -4.49
N HIS C 267 -17.42 33.19 -5.54
CA HIS C 267 -16.85 34.55 -5.64
C HIS C 267 -16.96 34.98 -7.09
N GLU C 268 -16.57 36.20 -7.41
CA GLU C 268 -16.92 36.75 -8.76
CA GLU C 268 -16.90 36.75 -8.75
C GLU C 268 -16.37 35.83 -9.86
N SER C 269 -15.19 35.25 -9.67
CA SER C 269 -14.53 34.44 -10.72
C SER C 269 -15.10 33.00 -10.77
N THR C 270 -15.87 32.56 -9.78
CA THR C 270 -16.52 31.22 -9.85
C THR C 270 -18.02 31.30 -10.12
N ARG C 271 -18.65 32.48 -10.10
CA ARG C 271 -20.10 32.58 -10.35
CA ARG C 271 -20.09 32.58 -10.36
C ARG C 271 -20.33 32.26 -11.84
N GLY C 272 -21.13 31.25 -12.12
CA GLY C 272 -21.36 30.84 -13.51
C GLY C 272 -20.16 30.23 -14.18
N LEU C 273 -19.17 29.71 -13.44
CA LEU C 273 -17.96 29.11 -14.03
C LEU C 273 -18.36 27.91 -14.87
N PHE C 274 -19.24 27.06 -14.35
CA PHE C 274 -19.65 25.84 -15.05
C PHE C 274 -20.86 26.18 -15.91
N ASN C 275 -20.52 26.74 -17.06
CA ASN C 275 -21.50 27.13 -18.09
C ASN C 275 -21.42 26.12 -19.22
N LYS C 276 -22.23 26.29 -20.26
CA LYS C 276 -22.24 25.31 -21.37
CA LYS C 276 -22.25 25.34 -21.38
C LYS C 276 -20.83 25.15 -21.93
N ASP C 277 -20.07 26.23 -22.09
CA ASP C 277 -18.72 26.12 -22.71
CA ASP C 277 -18.71 26.14 -22.70
C ASP C 277 -17.81 25.27 -21.83
N LEU C 278 -17.81 25.50 -20.51
CA LEU C 278 -16.87 24.74 -19.65
C LEU C 278 -17.37 23.30 -19.54
N ILE C 279 -18.67 23.09 -19.39
CA ILE C 279 -19.22 21.72 -19.29
C ILE C 279 -18.90 20.91 -20.55
N SER C 280 -18.84 21.58 -21.71
CA SER C 280 -18.52 20.92 -22.98
CA SER C 280 -18.52 20.90 -22.98
C SER C 280 -17.09 20.35 -22.98
N LYS C 281 -16.22 20.79 -22.11
CA LYS C 281 -14.84 20.28 -21.97
C LYS C 281 -14.80 19.00 -21.14
N MET C 282 -15.86 18.73 -20.36
CA MET C 282 -15.96 17.44 -19.66
C MET C 282 -16.19 16.32 -20.70
N LYS C 283 -15.84 15.12 -20.34
CA LYS C 283 -16.01 13.95 -21.19
C LYS C 283 -17.49 13.69 -21.41
N ARG C 284 -17.88 13.19 -22.58
CA ARG C 284 -19.27 12.71 -22.75
C ARG C 284 -19.50 11.53 -21.79
N GLY C 285 -20.61 11.62 -21.07
CA GLY C 285 -21.01 10.58 -20.11
C GLY C 285 -20.35 10.72 -18.75
N SER C 286 -19.76 11.87 -18.48
CA SER C 286 -19.15 12.19 -17.17
C SER C 286 -20.22 12.47 -16.13
N TRP C 287 -19.77 12.50 -14.88
CA TRP C 287 -20.64 12.76 -13.71
C TRP C 287 -20.13 14.00 -13.03
N LEU C 288 -21.00 14.93 -12.67
CA LEU C 288 -20.66 16.22 -12.07
C LEU C 288 -21.35 16.31 -10.72
N VAL C 289 -20.58 16.60 -9.69
CA VAL C 289 -21.07 16.77 -8.31
C VAL C 289 -20.75 18.18 -7.81
N ASN C 290 -21.77 18.81 -7.22
CA ASN C 290 -21.64 20.20 -6.71
C ASN C 290 -22.29 20.30 -5.35
N THR C 291 -21.45 20.25 -4.31
CA THR C 291 -21.85 20.55 -2.92
C THR C 291 -21.30 21.91 -2.50
N ALA C 292 -20.78 22.70 -3.42
CA ALA C 292 -20.10 23.96 -3.11
C ALA C 292 -21.18 25.07 -3.00
N ARG C 293 -21.55 25.64 -4.14
CA ARG C 293 -22.70 26.58 -4.21
C ARG C 293 -23.39 26.40 -5.56
N GLY C 294 -24.69 26.58 -5.55
CA GLY C 294 -25.50 26.41 -6.77
C GLY C 294 -25.08 27.39 -7.85
N ALA C 295 -24.75 28.62 -7.50
CA ALA C 295 -24.49 29.66 -8.51
C ALA C 295 -23.16 29.45 -9.23
N ILE C 296 -22.32 28.50 -8.80
CA ILE C 296 -21.09 28.17 -9.56
C ILE C 296 -21.45 27.48 -10.88
N VAL C 297 -22.59 26.81 -10.96
CA VAL C 297 -23.05 26.23 -12.24
C VAL C 297 -24.14 27.14 -12.82
N VAL C 298 -24.28 27.07 -14.13
CA VAL C 298 -25.46 27.65 -14.83
C VAL C 298 -26.51 26.55 -14.96
N LYS C 299 -27.56 26.65 -14.18
CA LYS C 299 -28.54 25.53 -14.02
CA LYS C 299 -28.53 25.53 -14.01
C LYS C 299 -29.11 25.09 -15.37
N GLU C 300 -29.42 26.03 -16.26
CA GLU C 300 -29.98 25.71 -17.58
CA GLU C 300 -30.04 25.56 -17.53
C GLU C 300 -28.97 24.89 -18.40
N ASP C 301 -27.69 25.22 -18.25
CA ASP C 301 -26.60 24.56 -19.00
C ASP C 301 -26.38 23.14 -18.45
N VAL C 302 -26.46 22.99 -17.14
CA VAL C 302 -26.37 21.62 -16.56
C VAL C 302 -27.55 20.78 -17.05
N ALA C 303 -28.76 21.34 -17.00
CA ALA C 303 -29.96 20.57 -17.41
C ALA C 303 -29.83 20.13 -18.86
N GLU C 304 -29.38 21.04 -19.72
CA GLU C 304 -29.25 20.72 -21.16
CA GLU C 304 -29.19 20.79 -21.20
C GLU C 304 -28.18 19.64 -21.39
N ALA C 305 -27.06 19.74 -20.69
CA ALA C 305 -26.00 18.73 -20.80
C ALA C 305 -26.48 17.35 -20.36
N LEU C 306 -27.27 17.29 -19.29
CA LEU C 306 -27.85 16.03 -18.82
CA LEU C 306 -27.88 16.02 -18.81
C LEU C 306 -28.84 15.49 -19.85
N ARG C 307 -29.70 16.37 -20.32
CA ARG C 307 -30.81 15.93 -21.19
C ARG C 307 -30.28 15.40 -22.50
N THR C 308 -29.15 15.88 -23.01
CA THR C 308 -28.55 15.41 -24.27
C THR C 308 -27.62 14.21 -24.05
N GLY C 309 -27.35 13.87 -22.80
CA GLY C 309 -26.46 12.76 -22.45
C GLY C 309 -24.99 13.15 -22.49
N HIS C 310 -24.69 14.43 -22.55
CA HIS C 310 -23.27 14.84 -22.38
C HIS C 310 -22.84 14.57 -20.92
N LEU C 311 -23.70 14.92 -19.94
CA LEU C 311 -23.50 14.40 -18.58
C LEU C 311 -24.32 13.14 -18.41
N ARG C 312 -23.77 12.12 -17.79
CA ARG C 312 -24.56 10.96 -17.29
C ARG C 312 -25.28 11.36 -15.99
N GLY C 313 -24.76 12.29 -15.21
CA GLY C 313 -25.39 12.57 -13.92
C GLY C 313 -24.94 13.89 -13.36
N TYR C 314 -25.77 14.48 -12.52
CA TYR C 314 -25.48 15.67 -11.73
C TYR C 314 -26.11 15.46 -10.36
N GLY C 315 -25.40 15.82 -9.31
CA GLY C 315 -25.96 15.77 -7.95
C GLY C 315 -25.25 16.68 -7.02
N GLY C 316 -25.81 16.77 -5.84
CA GLY C 316 -25.34 17.66 -4.79
C GLY C 316 -26.51 18.20 -4.00
N ASP C 317 -26.22 19.21 -3.20
CA ASP C 317 -27.23 19.70 -2.24
C ASP C 317 -27.40 21.20 -2.36
N VAL C 318 -26.75 21.89 -3.27
CA VAL C 318 -26.76 23.36 -3.24
C VAL C 318 -27.45 23.92 -4.48
N TRP C 319 -28.12 25.05 -4.30
CA TRP C 319 -29.05 25.65 -5.27
C TRP C 319 -28.91 27.16 -5.25
N PHE C 320 -29.29 27.80 -6.34
CA PHE C 320 -29.48 29.27 -6.27
C PHE C 320 -30.81 29.64 -6.90
N PRO C 321 -31.67 30.39 -6.17
CA PRO C 321 -31.51 30.74 -4.76
C PRO C 321 -31.96 29.61 -3.84
N GLN C 322 -31.92 29.80 -2.52
CA GLN C 322 -32.45 28.85 -1.53
C GLN C 322 -33.42 29.57 -0.60
N PRO C 323 -34.59 28.99 -0.26
CA PRO C 323 -35.08 27.71 -0.78
C PRO C 323 -35.11 27.64 -2.31
N ALA C 324 -34.84 26.48 -2.90
CA ALA C 324 -34.96 26.33 -4.36
C ALA C 324 -36.43 26.47 -4.72
N PRO C 325 -36.74 27.31 -5.74
CA PRO C 325 -38.13 27.36 -6.19
C PRO C 325 -38.69 25.99 -6.54
N ALA C 326 -39.99 25.79 -6.38
CA ALA C 326 -40.64 24.51 -6.63
C ALA C 326 -40.41 24.02 -8.06
N ASP C 327 -40.27 24.92 -9.03
CA ASP C 327 -40.09 24.61 -10.47
C ASP C 327 -38.61 24.64 -10.88
N HIS C 328 -37.66 24.72 -9.95
CA HIS C 328 -36.23 24.78 -10.32
C HIS C 328 -35.92 23.56 -11.20
N VAL C 329 -35.24 23.81 -12.32
CA VAL C 329 -35.06 22.79 -13.36
C VAL C 329 -34.25 21.56 -12.84
N LEU C 330 -33.36 21.79 -11.89
CA LEU C 330 -32.51 20.65 -11.45
C LEU C 330 -33.26 19.81 -10.44
N ARG C 331 -34.50 20.11 -10.07
CA ARG C 331 -35.27 19.16 -9.25
C ARG C 331 -35.65 17.94 -10.05
N THR C 332 -35.85 18.08 -11.36
CA THR C 332 -36.50 17.03 -12.16
C THR C 332 -35.74 16.67 -13.46
N ALA C 333 -34.66 17.40 -13.81
CA ALA C 333 -33.91 17.11 -15.05
C ALA C 333 -33.30 15.72 -14.94
N LYS C 334 -33.29 14.97 -16.03
CA LYS C 334 -32.78 13.60 -16.11
C LYS C 334 -31.91 13.44 -17.33
N ASN C 335 -31.06 12.42 -17.28
CA ASN C 335 -30.35 11.95 -18.49
C ASN C 335 -31.33 11.26 -19.42
N PRO C 336 -30.90 10.88 -20.64
CA PRO C 336 -31.84 10.25 -21.58
C PRO C 336 -32.41 8.90 -21.17
N PHE C 337 -31.83 8.28 -20.15
CA PHE C 337 -32.25 6.94 -19.66
CA PHE C 337 -32.25 6.94 -19.66
C PHE C 337 -33.18 7.08 -18.45
N GLY C 338 -33.45 8.28 -18.02
CA GLY C 338 -34.38 8.57 -16.89
C GLY C 338 -33.69 8.51 -15.54
N GLY C 339 -32.37 8.59 -15.52
CA GLY C 339 -31.61 8.70 -14.25
C GLY C 339 -30.78 9.94 -14.21
N GLY C 340 -29.70 9.90 -13.43
CA GLY C 340 -28.70 10.95 -13.46
C GLY C 340 -28.99 12.15 -12.61
N ASN C 341 -29.97 12.05 -11.68
CA ASN C 341 -30.27 13.18 -10.78
C ASN C 341 -30.15 12.70 -9.34
N ALA C 342 -29.17 13.26 -8.64
CA ALA C 342 -28.96 12.94 -7.22
C ALA C 342 -29.01 14.20 -6.38
N MET C 343 -29.97 15.07 -6.66
CA MET C 343 -30.12 16.34 -5.94
C MET C 343 -30.84 16.08 -4.61
N VAL C 344 -30.44 16.81 -3.61
CA VAL C 344 -31.13 16.87 -2.30
C VAL C 344 -31.26 18.33 -1.92
N PRO C 345 -32.06 18.63 -0.87
CA PRO C 345 -32.08 20.00 -0.35
C PRO C 345 -30.74 20.33 0.30
N HIS C 346 -30.49 21.56 0.66
CA HIS C 346 -29.22 22.01 1.19
C HIS C 346 -29.07 21.47 2.60
N MET C 347 -28.44 20.30 2.74
CA MET C 347 -28.46 19.60 4.05
C MET C 347 -27.09 19.05 4.42
N SER C 348 -26.12 18.93 3.53
CA SER C 348 -24.93 18.13 3.90
C SER C 348 -24.20 18.74 5.09
N GLY C 349 -24.08 20.08 5.10
CA GLY C 349 -23.36 20.77 6.18
C GLY C 349 -24.22 20.96 7.42
N THR C 350 -25.43 20.46 7.43
CA THR C 350 -26.36 20.62 8.60
C THR C 350 -26.77 19.25 9.10
N SER C 351 -25.92 18.24 8.91
CA SER C 351 -26.13 16.98 9.64
C SER C 351 -26.16 17.25 11.16
N LEU C 352 -26.73 16.33 11.88
CA LEU C 352 -26.84 16.51 13.36
C LEU C 352 -25.44 16.59 13.96
N ASP C 353 -24.47 15.85 13.44
CA ASP C 353 -23.09 15.95 13.93
C ASP C 353 -22.51 17.33 13.63
N ALA C 354 -22.72 17.85 12.43
CA ALA C 354 -22.20 19.18 12.02
C ALA C 354 -22.84 20.29 12.89
N GLN C 355 -24.12 20.19 13.16
CA GLN C 355 -24.86 21.29 13.86
C GLN C 355 -24.23 21.45 15.23
N LYS C 356 -23.88 20.38 15.91
CA LYS C 356 -23.26 20.50 17.27
CA LYS C 356 -23.25 20.49 17.26
C LYS C 356 -21.98 21.34 17.15
N ARG C 357 -21.14 21.08 16.15
CA ARG C 357 -19.87 21.78 15.95
C ARG C 357 -20.13 23.24 15.53
N TYR C 358 -21.01 23.53 14.55
CA TYR C 358 -21.12 24.94 14.13
C TYR C 358 -21.88 25.72 15.21
N ALA C 359 -22.78 25.12 15.95
CA ALA C 359 -23.46 25.84 17.07
C ALA C 359 -22.42 26.25 18.10
N GLU C 360 -21.50 25.37 18.46
CA GLU C 360 -20.41 25.68 19.43
CA GLU C 360 -20.42 25.68 19.44
C GLU C 360 -19.55 26.80 18.84
N GLY C 361 -19.24 26.72 17.55
CA GLY C 361 -18.41 27.73 16.89
C GLY C 361 -19.10 29.09 16.81
N VAL C 362 -20.40 29.15 16.61
CA VAL C 362 -21.15 30.45 16.56
C VAL C 362 -21.02 31.06 17.97
N LYS C 363 -21.20 30.26 19.03
CA LYS C 363 -21.13 30.76 20.43
C LYS C 363 -19.76 31.36 20.64
N ARG C 364 -18.71 30.67 20.24
CA ARG C 364 -17.29 31.08 20.37
CA ARG C 364 -17.30 31.09 20.37
C ARG C 364 -17.09 32.42 19.64
N ILE C 365 -17.58 32.56 18.42
CA ILE C 365 -17.43 33.82 17.66
C ILE C 365 -18.20 34.93 18.39
N LEU C 366 -19.44 34.67 18.78
CA LEU C 366 -20.26 35.67 19.50
C LEU C 366 -19.49 36.13 20.73
N ASP C 367 -18.87 35.19 21.46
CA ASP C 367 -18.15 35.53 22.72
C ASP C 367 -16.96 36.44 22.39
N SER C 368 -16.23 36.19 21.31
CA SER C 368 -15.09 37.05 20.88
C SER C 368 -15.56 38.49 20.72
N TYR C 369 -16.74 38.71 20.12
CA TYR C 369 -17.29 40.07 19.87
C TYR C 369 -17.83 40.65 21.18
N LEU C 370 -18.76 39.93 21.83
CA LEU C 370 -19.53 40.44 23.00
C LEU C 370 -18.59 40.76 24.17
N SER C 371 -17.51 39.99 24.31
CA SER C 371 -16.50 40.15 25.39
C SER C 371 -15.72 41.45 25.21
N GLY C 372 -15.70 42.02 24.00
CA GLY C 372 -14.84 43.15 23.61
C GLY C 372 -13.39 42.77 23.37
N ARG C 373 -13.06 41.47 23.42
CA ARG C 373 -11.69 40.96 23.07
C ARG C 373 -11.46 41.05 21.54
N PHE C 374 -12.49 40.76 20.74
CA PHE C 374 -12.39 40.64 19.26
C PHE C 374 -11.26 39.67 18.88
N ASP C 375 -11.12 38.58 19.65
CA ASP C 375 -10.03 37.59 19.54
C ASP C 375 -10.49 36.41 18.66
N TYR C 376 -10.97 36.73 17.47
CA TYR C 376 -11.44 35.73 16.48
C TYR C 376 -10.29 34.79 16.07
N ARG C 377 -10.62 33.53 15.77
CA ARG C 377 -9.68 32.63 15.04
CA ARG C 377 -9.67 32.64 15.05
C ARG C 377 -9.47 33.20 13.64
N PRO C 378 -8.24 33.45 13.19
CA PRO C 378 -8.01 34.07 11.88
C PRO C 378 -8.70 33.30 10.73
N GLU C 379 -8.69 31.98 10.82
CA GLU C 379 -9.26 31.13 9.73
C GLU C 379 -10.77 31.29 9.70
N ASP C 380 -11.42 31.84 10.71
CA ASP C 380 -12.88 32.10 10.71
C ASP C 380 -13.24 33.37 9.92
N LEU C 381 -12.28 34.24 9.66
CA LEU C 381 -12.62 35.57 9.09
C LEU C 381 -12.62 35.52 7.57
N ILE C 382 -13.66 36.10 6.99
CA ILE C 382 -13.81 36.21 5.51
C ILE C 382 -13.49 37.66 5.13
N VAL C 383 -14.19 38.62 5.74
CA VAL C 383 -13.78 40.04 5.64
C VAL C 383 -13.75 40.62 7.05
N HIS C 384 -12.93 41.65 7.23
CA HIS C 384 -12.68 42.23 8.57
C HIS C 384 -11.98 43.57 8.37
N GLN C 385 -12.46 44.61 9.06
CA GLN C 385 -11.83 45.95 9.05
C GLN C 385 -11.63 46.43 7.59
N GLY C 386 -12.63 46.19 6.74
CA GLY C 386 -12.70 46.73 5.37
C GLY C 386 -11.91 45.95 4.35
N LYS C 387 -11.36 44.77 4.68
CA LYS C 387 -10.54 43.99 3.72
C LYS C 387 -10.92 42.51 3.77
N TYR C 388 -10.73 41.83 2.65
CA TYR C 388 -10.70 40.35 2.61
C TYR C 388 -9.62 39.86 3.59
N ALA C 389 -9.98 38.85 4.39
CA ALA C 389 -9.09 38.21 5.38
C ALA C 389 -8.78 36.76 4.99
N THR C 390 -9.05 36.40 3.74
CA THR C 390 -8.81 35.02 3.21
C THR C 390 -8.23 35.08 1.81
N ARG C 391 -7.49 34.05 1.42
CA ARG C 391 -6.96 33.85 0.04
CA ARG C 391 -6.97 33.85 0.04
C ARG C 391 -7.95 32.99 -0.78
N ALA C 392 -8.99 32.46 -0.15
CA ALA C 392 -9.82 31.40 -0.80
C ALA C 392 -10.93 31.97 -1.68
N TYR C 393 -11.22 33.28 -1.61
CA TYR C 393 -12.31 33.92 -2.39
C TYR C 393 -11.71 34.62 -3.60
N GLY C 394 -10.85 33.94 -4.33
CA GLY C 394 -10.14 34.45 -5.50
C GLY C 394 -8.74 34.96 -5.16
N GLN C 395 -7.90 35.03 -6.17
CA GLN C 395 -6.53 35.55 -6.09
C GLN C 395 -6.61 37.07 -6.04
N ARG C 396 -6.29 37.65 -4.90
CA ARG C 396 -6.41 39.11 -4.65
C ARG C 396 -5.07 39.69 -4.25
N GLU C 397 -4.84 40.96 -4.60
CA GLU C 397 -3.96 41.89 -3.84
C GLU C 397 -4.89 42.66 -2.91
N ASP C 398 -4.37 43.22 -1.81
CA ASP C 398 -5.15 43.96 -0.78
C ASP C 398 -5.93 42.95 0.08
N VAL C 399 -5.35 41.76 0.30
CA VAL C 399 -5.76 40.78 1.35
C VAL C 399 -4.96 41.10 2.61
N LYS C 400 -5.64 41.25 3.76
CA LYS C 400 -5.01 41.42 5.09
C LYS C 400 -5.33 40.20 5.97
N ILE C 401 -4.41 39.22 5.98
CA ILE C 401 -4.47 37.99 6.84
C ILE C 401 -4.10 38.41 8.26
N PRO C 402 -5.01 38.29 9.25
CA PRO C 402 -4.69 38.60 10.64
C PRO C 402 -3.57 37.71 11.21
N GLY C 403 -2.78 38.26 12.15
CA GLY C 403 -1.63 37.60 12.77
C GLY C 403 -0.42 38.53 12.84
N THR D 30 -2.97 -34.56 -23.86
CA THR D 30 -4.34 -34.57 -23.23
C THR D 30 -5.39 -34.31 -24.32
N ALA D 31 -6.39 -35.18 -24.43
CA ALA D 31 -7.50 -35.06 -25.41
C ALA D 31 -8.52 -34.04 -24.90
N ARG D 32 -8.84 -33.01 -25.71
CA ARG D 32 -10.00 -32.09 -25.48
C ARG D 32 -11.30 -32.89 -25.44
N LEU D 33 -12.27 -32.47 -24.63
CA LEU D 33 -13.64 -33.04 -24.65
C LEU D 33 -14.33 -32.57 -25.93
N GLN D 34 -15.30 -33.34 -26.46
CA GLN D 34 -15.90 -33.08 -27.79
CA GLN D 34 -15.90 -33.15 -27.80
C GLN D 34 -17.42 -32.95 -27.70
N MET D 35 -17.97 -32.05 -28.52
CA MET D 35 -19.43 -31.89 -28.77
C MET D 35 -20.16 -31.75 -27.43
N VAL D 36 -19.66 -30.87 -26.57
CA VAL D 36 -20.20 -30.68 -25.20
C VAL D 36 -21.42 -29.76 -25.28
N LYS D 37 -22.52 -30.17 -24.66
CA LYS D 37 -23.75 -29.35 -24.56
CA LYS D 37 -23.74 -29.34 -24.56
C LYS D 37 -23.62 -28.39 -23.36
N VAL D 38 -23.60 -27.10 -23.65
CA VAL D 38 -23.57 -26.02 -22.63
C VAL D 38 -24.95 -25.37 -22.57
N LEU D 39 -25.50 -25.25 -21.36
CA LEU D 39 -26.73 -24.49 -21.11
C LEU D 39 -26.38 -23.24 -20.27
N ALA D 40 -26.80 -22.07 -20.69
CA ALA D 40 -26.61 -20.81 -19.93
C ALA D 40 -27.97 -20.25 -19.56
N VAL D 41 -28.16 -19.92 -18.28
CA VAL D 41 -29.35 -19.24 -17.75
C VAL D 41 -28.92 -17.84 -17.35
N LEU D 42 -29.34 -16.86 -18.11
CA LEU D 42 -28.92 -15.44 -17.94
C LEU D 42 -30.14 -14.55 -17.91
N TYR D 43 -29.98 -13.29 -17.50
CA TYR D 43 -31.12 -12.38 -17.51
C TYR D 43 -31.40 -11.88 -18.93
N ASP D 44 -32.66 -11.50 -19.15
CA ASP D 44 -33.14 -10.96 -20.44
C ASP D 44 -32.81 -9.47 -20.46
N GLY D 45 -31.98 -9.04 -21.40
CA GLY D 45 -31.59 -7.64 -21.60
C GLY D 45 -32.52 -6.86 -22.49
N GLY D 46 -33.51 -7.53 -23.10
CA GLY D 46 -34.41 -6.88 -24.06
C GLY D 46 -33.64 -5.97 -25.01
N GLU D 47 -34.16 -4.75 -25.24
CA GLU D 47 -33.55 -3.75 -26.15
CA GLU D 47 -33.60 -3.68 -26.10
C GLU D 47 -32.28 -3.19 -25.51
N HIS D 48 -32.20 -3.17 -24.17
CA HIS D 48 -31.02 -2.63 -23.43
C HIS D 48 -29.75 -3.34 -23.91
N ALA D 49 -29.78 -4.66 -24.09
CA ALA D 49 -28.62 -5.52 -24.39
C ALA D 49 -28.19 -5.35 -25.85
N LYS D 50 -29.07 -4.84 -26.69
CA LYS D 50 -28.75 -4.48 -28.10
C LYS D 50 -28.12 -3.09 -28.11
N GLN D 51 -28.68 -2.14 -27.35
CA GLN D 51 -28.22 -0.73 -27.28
CA GLN D 51 -28.22 -0.73 -27.29
C GLN D 51 -26.88 -0.65 -26.52
N VAL D 52 -26.68 -1.47 -25.49
CA VAL D 52 -25.46 -1.45 -24.60
C VAL D 52 -24.80 -2.81 -24.68
N PRO D 53 -23.87 -3.03 -25.63
CA PRO D 53 -23.21 -4.33 -25.78
C PRO D 53 -22.40 -4.78 -24.57
N GLY D 54 -22.05 -3.84 -23.67
CA GLY D 54 -21.33 -4.17 -22.43
C GLY D 54 -22.19 -5.02 -21.50
N LEU D 55 -23.50 -5.13 -21.76
CA LEU D 55 -24.37 -6.10 -21.02
C LEU D 55 -24.06 -7.51 -21.52
N LEU D 56 -22.92 -8.04 -21.14
CA LEU D 56 -22.46 -9.37 -21.58
C LEU D 56 -23.28 -10.49 -20.96
N GLY D 57 -23.72 -10.36 -19.71
CA GLY D 57 -24.32 -11.46 -18.95
C GLY D 57 -25.79 -11.61 -19.20
N THR D 58 -26.21 -11.42 -20.46
CA THR D 58 -27.64 -11.39 -20.90
C THR D 58 -27.85 -12.48 -21.94
N THR D 59 -29.10 -12.85 -22.16
CA THR D 59 -29.43 -13.92 -23.15
C THR D 59 -29.01 -13.44 -24.54
N GLU D 60 -29.00 -12.12 -24.76
CA GLU D 60 -28.63 -11.53 -26.09
CA GLU D 60 -28.63 -11.50 -26.09
C GLU D 60 -27.15 -11.77 -26.39
N ASN D 61 -26.28 -11.48 -25.43
CA ASN D 61 -24.82 -11.43 -25.68
C ASN D 61 -24.09 -12.68 -25.17
N GLU D 62 -24.71 -13.49 -24.30
CA GLU D 62 -24.27 -14.85 -23.98
C GLU D 62 -22.83 -14.88 -23.49
N LEU D 63 -22.40 -13.86 -22.71
CA LEU D 63 -21.06 -13.78 -22.09
C LEU D 63 -19.96 -13.79 -23.17
N GLY D 64 -20.30 -13.48 -24.43
CA GLY D 64 -19.37 -13.54 -25.57
C GLY D 64 -18.86 -14.96 -25.85
N LEU D 65 -19.60 -16.01 -25.50
CA LEU D 65 -19.13 -17.41 -25.57
C LEU D 65 -19.52 -18.14 -26.87
N ARG D 66 -20.56 -17.69 -27.58
CA ARG D 66 -21.18 -18.57 -28.60
C ARG D 66 -20.18 -18.99 -29.68
N LYS D 67 -19.54 -18.06 -30.38
CA LYS D 67 -18.59 -18.41 -31.48
CA LYS D 67 -18.61 -18.45 -31.49
C LYS D 67 -17.46 -19.28 -30.92
N TRP D 68 -16.91 -18.90 -29.76
CA TRP D 68 -15.78 -19.60 -29.13
C TRP D 68 -16.15 -21.08 -28.89
N LEU D 69 -17.36 -21.35 -28.44
CA LEU D 69 -17.83 -22.74 -28.16
C LEU D 69 -18.08 -23.46 -29.49
N GLU D 70 -18.82 -22.82 -30.40
CA GLU D 70 -19.28 -23.43 -31.68
C GLU D 70 -18.04 -23.79 -32.53
N ASP D 71 -17.02 -22.94 -32.56
CA ASP D 71 -15.75 -23.19 -33.31
C ASP D 71 -15.04 -24.46 -32.82
N GLN D 72 -15.30 -24.88 -31.57
CA GLN D 72 -14.70 -26.10 -30.97
C GLN D 72 -15.60 -27.31 -31.21
N GLY D 73 -16.77 -27.11 -31.79
CA GLY D 73 -17.79 -28.14 -32.04
C GLY D 73 -18.72 -28.34 -30.86
N HIS D 74 -18.71 -27.43 -29.88
CA HIS D 74 -19.64 -27.52 -28.72
C HIS D 74 -20.94 -26.82 -29.11
N THR D 75 -22.00 -27.05 -28.33
CA THR D 75 -23.29 -26.38 -28.55
C THR D 75 -23.61 -25.49 -27.32
N LEU D 76 -24.38 -24.44 -27.55
CA LEU D 76 -24.83 -23.52 -26.49
C LEU D 76 -26.32 -23.26 -26.67
N VAL D 77 -27.08 -23.50 -25.62
CA VAL D 77 -28.50 -23.11 -25.49
C VAL D 77 -28.54 -22.09 -24.36
N THR D 78 -29.22 -20.97 -24.57
CA THR D 78 -29.31 -19.86 -23.59
C THR D 78 -30.76 -19.56 -23.33
N THR D 79 -31.12 -19.32 -22.07
CA THR D 79 -32.51 -18.96 -21.71
C THR D 79 -32.55 -18.04 -20.49
N SER D 80 -33.61 -17.27 -20.36
CA SER D 80 -33.98 -16.57 -19.10
C SER D 80 -35.19 -17.25 -18.43
N ASP D 81 -35.74 -18.31 -19.04
CA ASP D 81 -37.02 -18.92 -18.59
C ASP D 81 -36.69 -20.03 -17.63
N LYS D 82 -36.72 -19.76 -16.31
CA LYS D 82 -36.12 -20.69 -15.32
C LYS D 82 -37.01 -20.99 -14.12
N ASP D 83 -38.18 -20.37 -13.97
CA ASP D 83 -38.96 -20.45 -12.70
C ASP D 83 -40.20 -21.36 -12.86
N ARG D 84 -40.93 -21.26 -13.97
CA ARG D 84 -42.28 -21.88 -14.09
C ARG D 84 -42.12 -23.41 -14.23
N GLU D 85 -43.18 -24.17 -13.95
N GLU D 85 -43.21 -24.14 -13.97
CA GLU D 85 -43.08 -25.65 -13.85
CA GLU D 85 -43.28 -25.60 -14.21
C GLU D 85 -42.53 -26.27 -15.14
C GLU D 85 -43.07 -25.82 -15.71
N GLY D 86 -42.91 -25.82 -16.34
N GLY D 86 -42.15 -26.73 -16.09
CA GLY D 86 -42.47 -26.41 -17.61
CA GLY D 86 -41.80 -27.06 -17.48
C GLY D 86 -41.31 -25.65 -18.26
C GLY D 86 -41.19 -25.85 -18.19
N SER D 87 -40.44 -25.04 -17.46
CA SER D 87 -39.54 -23.96 -18.00
C SER D 87 -38.56 -24.56 -19.01
N THR D 88 -38.02 -23.71 -19.88
CA THR D 88 -36.91 -24.07 -20.79
C THR D 88 -35.75 -24.64 -19.98
N PHE D 89 -35.42 -24.00 -18.84
CA PHE D 89 -34.33 -24.47 -17.95
C PHE D 89 -34.56 -25.95 -17.57
N ASP D 90 -35.77 -26.24 -17.08
CA ASP D 90 -36.16 -27.60 -16.61
C ASP D 90 -36.04 -28.62 -17.74
N ARG D 91 -36.34 -28.24 -18.98
CA ARG D 91 -36.22 -29.15 -20.15
CA ARG D 91 -36.22 -29.15 -20.16
C ARG D 91 -34.75 -29.36 -20.48
N GLU D 92 -33.99 -28.26 -20.62
CA GLU D 92 -32.60 -28.31 -21.15
C GLU D 92 -31.63 -28.90 -20.13
N LEU D 93 -31.89 -28.80 -18.81
CA LEU D 93 -30.88 -29.23 -17.80
C LEU D 93 -30.74 -30.77 -17.82
N GLU D 94 -31.69 -31.47 -18.44
CA GLU D 94 -31.70 -32.96 -18.40
C GLU D 94 -30.52 -33.55 -19.20
N ASP D 95 -29.99 -32.85 -20.19
CA ASP D 95 -28.85 -33.39 -20.98
C ASP D 95 -27.71 -32.38 -21.11
N ALA D 96 -27.73 -31.24 -20.37
CA ALA D 96 -26.57 -30.33 -20.36
C ALA D 96 -25.42 -30.96 -19.59
N GLU D 97 -24.22 -30.88 -20.13
CA GLU D 97 -22.97 -31.36 -19.50
C GLU D 97 -22.39 -30.20 -18.65
N ILE D 98 -22.55 -28.97 -19.12
CA ILE D 98 -22.13 -27.74 -18.37
C ILE D 98 -23.36 -26.86 -18.24
N ILE D 99 -23.62 -26.35 -17.02
CA ILE D 99 -24.71 -25.36 -16.81
C ILE D 99 -24.08 -24.08 -16.26
N ILE D 100 -24.27 -22.99 -16.97
CA ILE D 100 -23.81 -21.62 -16.53
C ILE D 100 -25.05 -20.95 -15.95
N THR D 101 -24.95 -20.47 -14.71
CA THR D 101 -26.00 -19.66 -14.06
C THR D 101 -25.40 -18.31 -13.69
N THR D 102 -26.25 -17.41 -13.26
CA THR D 102 -25.77 -16.08 -12.84
C THR D 102 -26.60 -15.67 -11.65
N PRO D 103 -26.00 -15.11 -10.56
CA PRO D 103 -26.78 -14.88 -9.35
C PRO D 103 -27.89 -13.86 -9.52
N PHE D 104 -27.77 -12.95 -10.50
CA PHE D 104 -28.65 -11.78 -10.69
C PHE D 104 -29.99 -12.32 -11.24
N HIS D 105 -30.00 -13.55 -11.82
CA HIS D 105 -31.21 -14.22 -12.37
C HIS D 105 -31.02 -15.72 -12.26
N PRO D 106 -31.06 -16.26 -11.01
CA PRO D 106 -30.46 -17.56 -10.73
C PRO D 106 -31.36 -18.75 -11.12
N GLY D 107 -30.84 -19.59 -11.98
CA GLY D 107 -31.42 -20.94 -12.19
C GLY D 107 -31.17 -21.78 -10.97
N TYR D 108 -32.18 -21.95 -10.11
CA TYR D 108 -32.04 -22.67 -8.83
C TYR D 108 -31.80 -24.16 -9.11
N LEU D 109 -30.61 -24.67 -8.81
CA LEU D 109 -30.28 -26.11 -9.03
C LEU D 109 -30.63 -26.85 -7.76
N THR D 110 -31.91 -27.10 -7.61
CA THR D 110 -32.50 -27.84 -6.45
C THR D 110 -32.09 -29.32 -6.56
N ALA D 111 -32.22 -30.05 -5.45
CA ALA D 111 -31.96 -31.50 -5.41
C ALA D 111 -32.81 -32.20 -6.48
N GLU D 112 -34.04 -31.78 -6.67
CA GLU D 112 -34.99 -32.37 -7.66
C GLU D 112 -34.41 -32.18 -9.06
N ARG D 113 -33.94 -30.98 -9.38
CA ARG D 113 -33.40 -30.69 -10.72
C ARG D 113 -32.09 -31.44 -10.94
N LEU D 114 -31.22 -31.48 -9.93
CA LEU D 114 -29.88 -32.09 -10.09
C LEU D 114 -30.08 -33.59 -10.34
N ALA D 115 -31.09 -34.18 -9.70
CA ALA D 115 -31.39 -35.63 -9.86
C ALA D 115 -31.80 -35.93 -11.32
N ARG D 116 -32.29 -34.93 -12.05
CA ARG D 116 -32.72 -35.06 -13.47
C ARG D 116 -31.61 -34.63 -14.44
N ALA D 117 -30.55 -33.97 -13.95
CA ALA D 117 -29.43 -33.49 -14.81
C ALA D 117 -28.46 -34.64 -15.05
N LYS D 118 -28.81 -35.61 -15.90
CA LYS D 118 -28.10 -36.91 -16.01
CA LYS D 118 -28.06 -36.89 -15.88
C LYS D 118 -26.68 -36.71 -16.54
N LYS D 119 -26.45 -35.65 -17.36
CA LYS D 119 -25.16 -35.43 -18.06
C LYS D 119 -24.29 -34.38 -17.34
N LEU D 120 -24.82 -33.75 -16.29
CA LEU D 120 -24.15 -32.55 -15.68
C LEU D 120 -22.82 -32.95 -15.03
N LYS D 121 -21.73 -32.28 -15.39
CA LYS D 121 -20.39 -32.46 -14.77
C LYS D 121 -19.91 -31.15 -14.11
N LEU D 122 -20.28 -30.02 -14.70
CA LEU D 122 -19.73 -28.69 -14.29
C LEU D 122 -20.87 -27.67 -14.23
N ALA D 123 -21.00 -27.01 -13.07
CA ALA D 123 -21.94 -25.90 -12.87
C ALA D 123 -21.12 -24.63 -12.59
N VAL D 124 -21.16 -23.68 -13.51
CA VAL D 124 -20.35 -22.43 -13.41
C VAL D 124 -21.28 -21.29 -13.06
N THR D 125 -20.88 -20.51 -12.05
CA THR D 125 -21.57 -19.25 -11.68
C THR D 125 -20.88 -18.07 -12.37
N ALA D 126 -21.63 -17.39 -13.22
CA ALA D 126 -21.17 -16.15 -13.88
C ALA D 126 -21.34 -15.02 -12.86
N GLY D 127 -20.33 -14.90 -12.02
CA GLY D 127 -20.36 -14.02 -10.84
C GLY D 127 -19.82 -14.77 -9.66
N ILE D 128 -20.31 -14.43 -8.47
CA ILE D 128 -19.82 -14.97 -7.20
C ILE D 128 -21.03 -15.30 -6.32
N GLY D 129 -20.99 -16.46 -5.69
CA GLY D 129 -22.00 -16.92 -4.73
C GLY D 129 -22.82 -18.00 -5.41
N SER D 130 -22.61 -19.23 -4.98
CA SER D 130 -23.17 -20.39 -5.68
C SER D 130 -24.26 -21.05 -4.85
N ASP D 131 -24.87 -20.31 -3.93
CA ASP D 131 -25.91 -20.79 -2.98
C ASP D 131 -27.23 -21.09 -3.71
N HIS D 132 -27.38 -20.69 -4.96
CA HIS D 132 -28.58 -21.04 -5.77
C HIS D 132 -28.42 -22.48 -6.30
N VAL D 133 -27.28 -23.09 -6.07
CA VAL D 133 -27.08 -24.55 -6.29
C VAL D 133 -27.22 -25.22 -4.93
N ASP D 134 -27.94 -26.35 -4.84
CA ASP D 134 -27.93 -27.16 -3.62
C ASP D 134 -26.61 -27.90 -3.58
N LEU D 135 -25.62 -27.37 -2.87
CA LEU D 135 -24.23 -27.82 -2.95
C LEU D 135 -24.15 -29.21 -2.30
N ASP D 136 -24.92 -29.47 -1.24
CA ASP D 136 -24.90 -30.81 -0.59
C ASP D 136 -25.39 -31.84 -1.62
N ALA D 137 -26.46 -31.54 -2.34
CA ALA D 137 -26.97 -32.41 -3.44
C ALA D 137 -25.96 -32.48 -4.58
N ALA D 138 -25.27 -31.38 -4.92
CA ALA D 138 -24.28 -31.39 -6.01
C ALA D 138 -23.19 -32.43 -5.69
N ASN D 139 -22.84 -32.56 -4.43
CA ASN D 139 -21.76 -33.46 -3.96
C ASN D 139 -22.22 -34.94 -4.15
N LYS D 140 -23.52 -35.17 -4.23
CA LYS D 140 -24.10 -36.55 -4.37
CA LYS D 140 -24.13 -36.53 -4.36
C LYS D 140 -24.63 -36.77 -5.79
N THR D 141 -24.34 -35.87 -6.73
CA THR D 141 -24.89 -35.88 -8.11
C THR D 141 -23.82 -36.31 -9.11
N ASN D 142 -24.07 -37.36 -9.89
CA ASN D 142 -23.18 -37.81 -10.98
C ASN D 142 -21.75 -38.00 -10.48
N GLY D 143 -21.58 -38.48 -9.24
CA GLY D 143 -20.29 -38.77 -8.60
C GLY D 143 -19.69 -37.55 -7.92
N GLY D 144 -20.44 -36.45 -7.91
CA GLY D 144 -19.98 -35.17 -7.33
C GLY D 144 -19.59 -34.24 -8.44
N ILE D 145 -20.45 -33.26 -8.73
CA ILE D 145 -20.18 -32.32 -9.86
C ILE D 145 -19.24 -31.23 -9.34
N THR D 146 -18.55 -30.58 -10.27
CA THR D 146 -17.73 -29.39 -9.97
C THR D 146 -18.67 -28.19 -10.00
N VAL D 147 -18.65 -27.40 -8.93
CA VAL D 147 -19.34 -26.07 -8.88
C VAL D 147 -18.25 -25.03 -8.68
N ALA D 148 -18.11 -24.19 -9.69
CA ALA D 148 -17.07 -23.16 -9.80
C ALA D 148 -17.74 -21.81 -9.98
N GLU D 149 -17.05 -20.77 -9.53
CA GLU D 149 -17.47 -19.37 -9.70
C GLU D 149 -16.25 -18.52 -9.96
N VAL D 150 -16.49 -17.26 -10.36
CA VAL D 150 -15.39 -16.37 -10.80
C VAL D 150 -14.94 -15.55 -9.61
N THR D 151 -14.21 -16.18 -8.72
CA THR D 151 -13.75 -15.59 -7.46
C THR D 151 -13.02 -14.28 -7.77
N GLY D 152 -13.31 -13.21 -7.01
CA GLY D 152 -12.61 -11.93 -7.21
C GLY D 152 -13.22 -11.05 -8.29
N SER D 153 -14.04 -11.53 -9.22
CA SER D 153 -14.45 -10.79 -10.43
C SER D 153 -15.23 -9.52 -10.09
N ASN D 154 -16.05 -9.52 -9.03
CA ASN D 154 -16.90 -8.34 -8.80
C ASN D 154 -16.84 -7.92 -7.35
N VAL D 155 -15.82 -8.34 -6.60
CA VAL D 155 -15.71 -8.02 -5.17
C VAL D 155 -15.52 -6.51 -4.99
N VAL D 156 -14.77 -5.82 -5.88
CA VAL D 156 -14.63 -4.36 -5.73
C VAL D 156 -16.00 -3.72 -5.93
N SER D 157 -16.72 -4.14 -6.96
CA SER D 157 -18.02 -3.58 -7.31
C SER D 157 -18.94 -3.63 -6.09
N VAL D 158 -18.97 -4.76 -5.42
CA VAL D 158 -19.85 -4.92 -4.26
C VAL D 158 -19.36 -4.08 -3.12
N ALA D 159 -18.06 -4.04 -2.86
CA ALA D 159 -17.56 -3.23 -1.74
C ALA D 159 -17.92 -1.77 -1.96
N GLU D 160 -17.77 -1.25 -3.18
CA GLU D 160 -18.21 0.14 -3.45
C GLU D 160 -19.69 0.29 -3.12
N HIS D 161 -20.48 -0.64 -3.55
CA HIS D 161 -21.94 -0.59 -3.35
C HIS D 161 -22.25 -0.52 -1.85
N VAL D 162 -21.55 -1.30 -1.05
CA VAL D 162 -21.75 -1.30 0.42
C VAL D 162 -21.48 0.09 0.91
N VAL D 163 -20.33 0.65 0.62
CA VAL D 163 -20.00 1.97 1.19
C VAL D 163 -21.03 3.00 0.72
N MET D 164 -21.39 3.00 -0.55
CA MET D 164 -22.45 3.89 -1.07
C MET D 164 -23.70 3.72 -0.18
N THR D 165 -24.16 2.51 -0.02
CA THR D 165 -25.42 2.22 0.69
C THR D 165 -25.31 2.69 2.14
N ILE D 166 -24.18 2.44 2.81
CA ILE D 166 -23.96 2.95 4.18
C ILE D 166 -24.19 4.46 4.17
N LEU D 167 -23.53 5.17 3.27
CA LEU D 167 -23.62 6.64 3.24
C LEU D 167 -25.06 7.06 2.95
N VAL D 168 -25.69 6.47 1.97
CA VAL D 168 -27.09 6.83 1.59
C VAL D 168 -27.96 6.72 2.85
N LEU D 169 -27.83 5.64 3.60
CA LEU D 169 -28.68 5.44 4.80
C LEU D 169 -28.27 6.42 5.89
N VAL D 170 -27.01 6.54 6.24
CA VAL D 170 -26.55 7.36 7.38
C VAL D 170 -26.93 8.81 7.10
N ARG D 171 -26.77 9.26 5.84
CA ARG D 171 -26.95 10.68 5.47
C ARG D 171 -28.40 10.93 5.00
N ASN D 172 -29.26 9.96 5.07
CA ASN D 172 -30.72 10.13 4.84
C ASN D 172 -30.98 10.63 3.43
N PHE D 173 -30.27 10.16 2.43
CA PHE D 173 -30.38 10.63 1.04
C PHE D 173 -31.74 10.33 0.42
N VAL D 174 -32.29 9.16 0.59
CA VAL D 174 -33.49 8.76 -0.23
C VAL D 174 -34.64 9.71 0.02
N PRO D 175 -35.12 9.90 1.25
CA PRO D 175 -36.25 10.83 1.42
C PRO D 175 -35.88 12.24 1.04
N ALA D 176 -34.63 12.67 1.15
CA ALA D 176 -34.18 14.02 0.80
C ALA D 176 -34.32 14.17 -0.73
N HIS D 177 -33.93 13.18 -1.51
CA HIS D 177 -34.01 13.26 -2.98
C HIS D 177 -35.51 13.25 -3.36
N GLU D 178 -36.29 12.43 -2.69
CA GLU D 178 -37.75 12.38 -3.00
C GLU D 178 -38.37 13.74 -2.72
N GLN D 179 -37.99 14.42 -1.67
CA GLN D 179 -38.52 15.74 -1.31
C GLN D 179 -38.28 16.66 -2.50
N ILE D 180 -37.07 16.69 -3.02
CA ILE D 180 -36.70 17.57 -4.16
C ILE D 180 -37.51 17.23 -5.39
N GLU D 181 -37.64 15.98 -5.77
CA GLU D 181 -38.33 15.65 -7.02
C GLU D 181 -39.81 16.02 -6.89
N ALA D 182 -40.36 15.98 -5.67
CA ALA D 182 -41.79 16.30 -5.42
C ALA D 182 -42.02 17.81 -5.41
N GLY D 183 -41.02 18.66 -5.52
CA GLY D 183 -41.17 20.13 -5.57
C GLY D 183 -41.19 20.75 -4.21
N ARG D 184 -40.84 19.99 -3.15
CA ARG D 184 -40.91 20.49 -1.76
CA ARG D 184 -40.91 20.48 -1.76
C ARG D 184 -39.55 21.01 -1.29
N TRP D 185 -39.50 21.66 -0.15
CA TRP D 185 -38.28 22.19 0.46
C TRP D 185 -38.48 22.25 1.95
N ASP D 186 -37.83 21.37 2.71
CA ASP D 186 -37.88 21.39 4.18
C ASP D 186 -36.60 20.75 4.69
N VAL D 187 -35.63 21.57 4.99
CA VAL D 187 -34.29 21.09 5.41
C VAL D 187 -34.44 20.31 6.71
N ALA D 188 -35.16 20.84 7.70
CA ALA D 188 -35.27 20.16 9.02
C ALA D 188 -35.87 18.79 8.88
N GLU D 189 -36.83 18.61 7.99
CA GLU D 189 -37.56 17.35 7.83
C GLU D 189 -36.57 16.20 7.53
N VAL D 190 -35.53 16.50 6.73
CA VAL D 190 -34.59 15.41 6.38
C VAL D 190 -33.28 15.56 7.16
N ALA D 191 -32.88 16.74 7.63
CA ALA D 191 -31.64 16.90 8.41
C ALA D 191 -31.83 16.19 9.78
N LYS D 192 -33.07 16.03 10.25
CA LYS D 192 -33.33 15.48 11.60
C LYS D 192 -32.88 14.00 11.69
N ASP D 193 -32.68 13.31 10.57
CA ASP D 193 -32.21 11.89 10.57
CA ASP D 193 -32.22 11.90 10.55
C ASP D 193 -30.91 11.81 9.78
N GLU D 194 -30.19 12.88 9.63
CA GLU D 194 -28.94 12.96 8.85
C GLU D 194 -27.77 12.95 9.81
N TYR D 195 -26.91 11.96 9.70
CA TYR D 195 -25.70 11.85 10.50
C TYR D 195 -24.47 11.83 9.62
N ASP D 196 -23.30 12.02 10.19
CA ASP D 196 -22.02 11.78 9.48
C ASP D 196 -21.54 10.34 9.78
N LEU D 197 -20.84 9.74 8.83
CA LEU D 197 -20.23 8.41 9.06
C LEU D 197 -19.01 8.55 9.99
N GLU D 198 -18.31 9.68 9.93
CA GLU D 198 -17.19 9.95 10.86
C GLU D 198 -17.66 9.70 12.30
N GLY D 199 -16.79 9.04 13.06
CA GLY D 199 -17.08 8.81 14.48
C GLY D 199 -18.07 7.69 14.72
N LYS D 200 -18.54 6.98 13.70
CA LYS D 200 -19.44 5.84 13.88
C LYS D 200 -18.65 4.54 13.92
N VAL D 201 -19.17 3.52 14.57
CA VAL D 201 -18.52 2.20 14.52
C VAL D 201 -19.19 1.36 13.45
N VAL D 202 -18.40 0.76 12.57
CA VAL D 202 -18.90 -0.09 11.49
C VAL D 202 -18.33 -1.49 11.66
N GLY D 203 -19.18 -2.50 11.56
CA GLY D 203 -18.77 -3.90 11.64
C GLY D 203 -19.18 -4.66 10.42
N THR D 204 -18.31 -5.55 9.96
CA THR D 204 -18.61 -6.44 8.83
C THR D 204 -18.72 -7.88 9.32
N VAL D 205 -19.75 -8.56 8.87
CA VAL D 205 -19.94 -10.01 9.04
C VAL D 205 -19.32 -10.67 7.82
N GLY D 206 -18.11 -11.19 8.03
CA GLY D 206 -17.28 -11.67 6.92
C GLY D 206 -16.21 -10.68 6.56
N VAL D 207 -14.96 -11.12 6.51
CA VAL D 207 -13.82 -10.25 6.17
C VAL D 207 -13.04 -10.94 5.05
N GLY D 208 -13.76 -11.55 4.12
CA GLY D 208 -13.16 -12.12 2.90
C GLY D 208 -12.94 -11.05 1.87
N ARG D 209 -13.01 -11.40 0.61
CA ARG D 209 -12.61 -10.47 -0.48
C ARG D 209 -13.46 -9.20 -0.44
N ILE D 210 -14.77 -9.35 -0.22
CA ILE D 210 -15.62 -8.13 -0.14
C ILE D 210 -15.46 -7.45 1.20
N GLY D 211 -15.59 -8.16 2.33
CA GLY D 211 -15.55 -7.47 3.62
C GLY D 211 -14.27 -6.71 3.79
N GLU D 212 -13.11 -7.31 3.42
CA GLU D 212 -11.83 -6.61 3.54
C GLU D 212 -11.85 -5.34 2.69
N ARG D 213 -12.36 -5.42 1.48
CA ARG D 213 -12.39 -4.24 0.57
C ARG D 213 -13.36 -3.17 1.09
N VAL D 214 -14.41 -3.56 1.78
CA VAL D 214 -15.31 -2.59 2.45
C VAL D 214 -14.51 -1.82 3.47
N LEU D 215 -13.77 -2.55 4.33
CA LEU D 215 -13.00 -1.86 5.39
C LEU D 215 -11.93 -0.96 4.76
N ARG D 216 -11.28 -1.41 3.68
CA ARG D 216 -10.26 -0.58 3.01
C ARG D 216 -10.88 0.72 2.48
N ARG D 217 -12.11 0.70 2.00
CA ARG D 217 -12.77 1.91 1.52
C ARG D 217 -13.25 2.75 2.69
N LEU D 218 -13.63 2.16 3.81
CA LEU D 218 -14.09 2.94 4.95
C LEU D 218 -12.92 3.60 5.68
N LYS D 219 -11.70 3.14 5.49
CA LYS D 219 -10.58 3.67 6.28
C LYS D 219 -10.50 5.19 6.20
N GLY D 220 -10.68 5.80 5.03
CA GLY D 220 -10.51 7.25 4.90
C GLY D 220 -11.60 8.07 5.50
N PHE D 221 -12.69 7.44 5.97
CA PHE D 221 -13.85 8.14 6.57
C PHE D 221 -13.67 8.39 8.08
N ASP D 222 -12.61 7.91 8.71
CA ASP D 222 -12.36 8.19 10.13
C ASP D 222 -13.58 7.77 10.98
N CYS D 223 -14.03 6.56 10.74
CA CYS D 223 -14.98 5.90 11.63
C CYS D 223 -14.29 5.79 13.00
N LYS D 224 -15.07 5.75 14.06
CA LYS D 224 -14.52 5.53 15.44
C LYS D 224 -13.76 4.20 15.47
N GLU D 225 -14.36 3.15 14.93
CA GLU D 225 -13.70 1.84 14.88
C GLU D 225 -14.28 1.07 13.71
N LEU D 226 -13.43 0.23 13.12
CA LEU D 226 -13.79 -0.76 12.12
C LEU D 226 -13.64 -2.14 12.74
N LEU D 227 -14.71 -2.91 12.77
CA LEU D 227 -14.77 -4.23 13.40
C LEU D 227 -15.09 -5.30 12.39
N TYR D 228 -14.71 -6.52 12.67
CA TYR D 228 -15.16 -7.67 11.86
C TYR D 228 -15.41 -8.89 12.72
N TYR D 229 -16.24 -9.75 12.19
CA TYR D 229 -16.51 -11.09 12.72
C TYR D 229 -16.39 -12.09 11.58
N ASP D 230 -15.46 -13.04 11.72
CA ASP D 230 -15.23 -14.11 10.73
C ASP D 230 -14.41 -15.19 11.41
N TYR D 231 -14.75 -16.45 11.14
CA TYR D 231 -13.93 -17.56 11.68
C TYR D 231 -12.64 -17.70 10.90
N GLN D 232 -12.51 -17.03 9.75
CA GLN D 232 -11.25 -16.90 8.99
C GLN D 232 -10.74 -15.49 9.19
N PRO D 233 -9.79 -15.25 10.11
CA PRO D 233 -9.41 -13.88 10.43
C PRO D 233 -8.51 -13.24 9.38
N LEU D 234 -8.44 -11.91 9.42
CA LEU D 234 -7.39 -11.17 8.69
C LEU D 234 -6.05 -11.42 9.37
N SER D 235 -4.97 -11.34 8.59
CA SER D 235 -3.65 -11.40 9.20
C SER D 235 -3.43 -10.24 10.14
N PRO D 236 -2.55 -10.35 11.15
CA PRO D 236 -2.23 -9.22 11.99
C PRO D 236 -1.71 -8.02 11.17
N GLU D 237 -0.96 -8.30 10.10
CA GLU D 237 -0.41 -7.21 9.25
C GLU D 237 -1.58 -6.45 8.61
N LYS D 238 -2.54 -7.14 8.06
CA LYS D 238 -3.69 -6.47 7.42
C LYS D 238 -4.55 -5.75 8.47
N GLU D 239 -4.69 -6.31 9.65
CA GLU D 239 -5.46 -5.59 10.72
C GLU D 239 -4.78 -4.26 10.99
N LYS D 240 -3.44 -4.21 11.07
CA LYS D 240 -2.72 -2.95 11.38
CA LYS D 240 -2.69 -2.97 11.36
C LYS D 240 -2.76 -2.01 10.17
N GLU D 241 -2.65 -2.54 8.96
CA GLU D 241 -2.61 -1.72 7.73
C GLU D 241 -3.96 -1.00 7.59
N ILE D 242 -5.04 -1.73 7.73
CA ILE D 242 -6.41 -1.17 7.53
C ILE D 242 -6.81 -0.40 8.76
N GLY D 243 -6.46 -0.88 9.95
CA GLY D 243 -6.82 -0.31 11.24
C GLY D 243 -8.16 -0.85 11.66
N CYS D 244 -8.29 -2.15 11.85
CA CYS D 244 -9.54 -2.81 12.26
C CYS D 244 -9.30 -3.83 13.35
N ARG D 245 -10.36 -4.26 14.00
CA ARG D 245 -10.28 -5.15 15.18
C ARG D 245 -11.22 -6.32 15.00
N ARG D 246 -10.74 -7.53 15.24
CA ARG D 246 -11.56 -8.74 15.24
C ARG D 246 -12.36 -8.85 16.53
N VAL D 247 -13.65 -9.08 16.40
CA VAL D 247 -14.53 -9.39 17.55
C VAL D 247 -14.86 -10.87 17.47
N GLU D 248 -14.70 -11.56 18.62
CA GLU D 248 -14.77 -13.04 18.63
CA GLU D 248 -14.76 -13.04 18.65
C GLU D 248 -16.21 -13.51 18.58
N ASN D 249 -17.15 -12.73 19.09
CA ASN D 249 -18.57 -13.16 19.18
C ASN D 249 -19.47 -12.21 18.36
N LEU D 250 -20.32 -12.78 17.52
CA LEU D 250 -21.14 -11.92 16.62
C LEU D 250 -22.03 -10.98 17.42
N GLU D 251 -22.79 -11.49 18.40
CA GLU D 251 -23.70 -10.64 19.20
C GLU D 251 -22.90 -9.51 19.87
N GLU D 252 -21.70 -9.80 20.36
CA GLU D 252 -20.88 -8.74 20.99
CA GLU D 252 -20.74 -8.84 20.95
C GLU D 252 -20.47 -7.70 19.94
N MET D 253 -20.19 -8.09 18.72
CA MET D 253 -19.88 -7.09 17.68
C MET D 253 -21.13 -6.22 17.42
N LEU D 254 -22.25 -6.86 17.19
CA LEU D 254 -23.49 -6.13 16.82
C LEU D 254 -23.78 -5.05 17.87
N ALA D 255 -23.60 -5.36 19.17
CA ALA D 255 -23.95 -4.43 20.25
C ALA D 255 -23.06 -3.19 20.29
N GLN D 256 -21.91 -3.24 19.60
CA GLN D 256 -20.91 -2.15 19.56
C GLN D 256 -21.05 -1.28 18.30
N CYS D 257 -21.79 -1.75 17.32
CA CYS D 257 -21.78 -1.07 16.00
C CYS D 257 -22.92 -0.06 15.84
N ASP D 258 -22.65 1.02 15.14
CA ASP D 258 -23.69 1.91 14.58
C ASP D 258 -24.18 1.38 13.23
N VAL D 259 -23.29 0.78 12.44
CA VAL D 259 -23.58 0.25 11.09
C VAL D 259 -23.10 -1.18 11.08
N VAL D 260 -23.88 -2.06 10.53
CA VAL D 260 -23.51 -3.46 10.26
C VAL D 260 -23.67 -3.75 8.78
N THR D 261 -22.68 -4.36 8.18
CA THR D 261 -22.71 -4.82 6.79
C THR D 261 -22.49 -6.31 6.72
N ILE D 262 -23.32 -7.01 6.00
CA ILE D 262 -23.22 -8.49 5.85
C ILE D 262 -22.46 -8.81 4.56
N ASN D 263 -21.35 -9.57 4.70
CA ASN D 263 -20.45 -9.90 3.57
C ASN D 263 -20.02 -11.36 3.67
N CYS D 264 -20.89 -12.26 4.06
CA CYS D 264 -20.60 -13.70 4.10
C CYS D 264 -21.47 -14.42 3.10
N PRO D 265 -21.07 -15.64 2.69
CA PRO D 265 -21.89 -16.41 1.80
C PRO D 265 -23.14 -16.94 2.50
N LEU D 266 -24.09 -17.38 1.70
CA LEU D 266 -25.32 -18.09 2.17
C LEU D 266 -25.03 -19.58 2.24
N HIS D 267 -25.11 -20.10 3.45
CA HIS D 267 -24.94 -21.55 3.72
C HIS D 267 -25.84 -21.88 4.91
N GLU D 268 -25.94 -23.14 5.29
CA GLU D 268 -26.97 -23.55 6.26
C GLU D 268 -26.90 -22.68 7.52
N SER D 269 -25.70 -22.34 8.01
CA SER D 269 -25.55 -21.61 9.30
C SER D 269 -25.80 -20.09 9.13
N THR D 270 -25.86 -19.57 7.92
CA THR D 270 -26.18 -18.14 7.71
C THR D 270 -27.60 -17.93 7.16
N ARG D 271 -28.33 -18.97 6.75
CA ARG D 271 -29.71 -18.78 6.29
C ARG D 271 -30.58 -18.34 7.48
N GLY D 272 -31.22 -17.19 7.37
CA GLY D 272 -32.06 -16.68 8.47
C GLY D 272 -31.27 -16.29 9.69
N LEU D 273 -29.96 -16.02 9.57
CA LEU D 273 -29.12 -15.62 10.71
C LEU D 273 -29.64 -14.32 11.27
N PHE D 274 -29.93 -13.32 10.42
CA PHE D 274 -30.42 -12.01 10.88
C PHE D 274 -31.93 -12.08 11.00
N ASN D 275 -32.35 -12.67 12.12
CA ASN D 275 -33.75 -12.79 12.55
C ASN D 275 -34.01 -11.74 13.64
N LYS D 276 -35.26 -11.71 14.15
CA LYS D 276 -35.61 -10.67 15.15
CA LYS D 276 -35.64 -10.69 15.18
C LYS D 276 -34.66 -10.75 16.35
N ASP D 277 -34.30 -11.95 16.79
CA ASP D 277 -33.45 -12.10 18.01
CA ASP D 277 -33.45 -12.12 18.01
C ASP D 277 -32.07 -11.48 17.74
N LEU D 278 -31.47 -11.76 16.57
CA LEU D 278 -30.13 -11.21 16.31
C LEU D 278 -30.21 -9.71 16.02
N ILE D 279 -31.21 -9.31 15.25
CA ILE D 279 -31.39 -7.85 14.99
C ILE D 279 -31.57 -7.06 16.27
N SER D 280 -32.21 -7.67 17.28
CA SER D 280 -32.44 -7.03 18.60
CA SER D 280 -32.44 -6.98 18.57
C SER D 280 -31.13 -6.74 19.32
N LYS D 281 -30.02 -7.39 18.93
CA LYS D 281 -28.70 -7.15 19.54
CA LYS D 281 -28.71 -7.15 19.56
C LYS D 281 -28.01 -5.93 18.92
N MET D 282 -28.49 -5.50 17.74
CA MET D 282 -27.98 -4.23 17.16
C MET D 282 -28.48 -3.07 18.00
N LYS D 283 -27.78 -1.98 17.94
CA LYS D 283 -28.13 -0.73 18.65
C LYS D 283 -29.44 -0.18 18.11
N ARG D 284 -30.25 0.43 18.96
CA ARG D 284 -31.43 1.15 18.47
C ARG D 284 -31.00 2.28 17.55
N GLY D 285 -31.66 2.35 16.39
CA GLY D 285 -31.41 3.39 15.39
C GLY D 285 -30.19 3.09 14.53
N SER D 286 -29.74 1.85 14.51
CA SER D 286 -28.58 1.42 13.70
C SER D 286 -29.02 1.26 12.25
N TRP D 287 -28.00 1.08 11.38
CA TRP D 287 -28.19 0.93 9.92
C TRP D 287 -27.64 -0.42 9.54
N LEU D 288 -28.38 -1.19 8.74
CA LEU D 288 -28.00 -2.54 8.31
C LEU D 288 -27.92 -2.55 6.81
N VAL D 289 -26.79 -3.05 6.30
CA VAL D 289 -26.59 -3.19 4.84
C VAL D 289 -26.35 -4.66 4.50
N ASN D 290 -26.98 -5.12 3.43
CA ASN D 290 -26.87 -6.52 2.97
C ASN D 290 -26.78 -6.60 1.48
N THR D 291 -25.54 -6.74 1.01
CA THR D 291 -25.21 -7.04 -0.40
C THR D 291 -24.77 -8.49 -0.53
N ALA D 292 -24.96 -9.30 0.50
CA ALA D 292 -24.47 -10.69 0.48
C ALA D 292 -25.52 -11.59 -0.19
N ARG D 293 -26.50 -12.00 0.56
CA ARG D 293 -27.68 -12.74 0.02
C ARG D 293 -28.92 -12.38 0.82
N GLY D 294 -30.06 -12.33 0.15
CA GLY D 294 -31.32 -11.96 0.80
C GLY D 294 -31.71 -12.92 1.89
N ALA D 295 -31.48 -14.20 1.70
CA ALA D 295 -31.96 -15.23 2.66
C ALA D 295 -31.14 -15.21 3.95
N ILE D 296 -30.05 -14.44 4.05
CA ILE D 296 -29.33 -14.30 5.33
C ILE D 296 -30.18 -13.50 6.32
N VAL D 297 -31.03 -12.61 5.87
CA VAL D 297 -31.99 -11.90 6.77
C VAL D 297 -33.37 -12.56 6.67
N VAL D 298 -34.13 -12.40 7.75
CA VAL D 298 -35.57 -12.69 7.76
C VAL D 298 -36.31 -11.41 7.41
N LYS D 299 -36.86 -11.36 6.20
CA LYS D 299 -37.40 -10.10 5.64
CA LYS D 299 -37.39 -10.10 5.63
C LYS D 299 -38.47 -9.49 6.54
N GLU D 300 -39.36 -10.31 7.12
CA GLU D 300 -40.40 -9.75 8.00
C GLU D 300 -39.80 -9.14 9.24
N ASP D 301 -38.69 -9.71 9.74
CA ASP D 301 -38.04 -9.21 10.96
C ASP D 301 -37.32 -7.87 10.65
N VAL D 302 -36.69 -7.78 9.47
CA VAL D 302 -36.13 -6.47 9.07
C VAL D 302 -37.24 -5.40 8.96
N ALA D 303 -38.33 -5.76 8.28
CA ALA D 303 -39.41 -4.80 8.09
C ALA D 303 -39.98 -4.31 9.45
N GLU D 304 -40.13 -5.24 10.38
CA GLU D 304 -40.67 -4.91 11.73
C GLU D 304 -39.70 -4.02 12.49
N ALA D 305 -38.39 -4.34 12.40
CA ALA D 305 -37.39 -3.51 13.10
C ALA D 305 -37.39 -2.08 12.56
N LEU D 306 -37.51 -1.93 11.23
CA LEU D 306 -37.66 -0.59 10.63
C LEU D 306 -38.93 0.10 11.11
N ARG D 307 -40.03 -0.64 11.10
CA ARG D 307 -41.36 -0.06 11.41
C ARG D 307 -41.35 0.56 12.79
N THR D 308 -40.70 -0.06 13.76
CA THR D 308 -40.71 0.40 15.17
C THR D 308 -39.55 1.35 15.46
N GLY D 309 -38.64 1.55 14.50
CA GLY D 309 -37.49 2.42 14.69
C GLY D 309 -36.31 1.76 15.42
N HIS D 310 -36.34 0.46 15.58
CA HIS D 310 -35.14 -0.26 16.06
C HIS D 310 -34.01 -0.17 15.02
N LEU D 311 -34.34 -0.35 13.75
CA LEU D 311 -33.37 0.05 12.68
C LEU D 311 -33.75 1.42 12.14
N ARG D 312 -32.82 2.29 11.93
CA ARG D 312 -32.99 3.52 11.15
C ARG D 312 -33.00 3.21 9.65
N GLY D 313 -32.32 2.17 9.20
CA GLY D 313 -32.28 1.95 7.75
C GLY D 313 -31.83 0.55 7.42
N TYR D 314 -32.23 0.08 6.23
CA TYR D 314 -31.81 -1.18 5.63
C TYR D 314 -31.61 -0.92 4.15
N GLY D 315 -30.56 -1.49 3.57
CA GLY D 315 -30.34 -1.37 2.13
C GLY D 315 -29.42 -2.42 1.64
N GLY D 316 -29.35 -2.48 0.31
CA GLY D 316 -28.57 -3.48 -0.39
C GLY D 316 -29.28 -3.89 -1.66
N ASP D 317 -28.84 -4.96 -2.26
CA ASP D 317 -29.26 -5.30 -3.64
C ASP D 317 -29.73 -6.75 -3.73
N VAL D 318 -29.81 -7.48 -2.62
CA VAL D 318 -30.07 -8.93 -2.73
C VAL D 318 -31.38 -9.31 -2.03
N TRP D 319 -32.02 -10.32 -2.61
CA TRP D 319 -33.40 -10.71 -2.27
C TRP D 319 -33.52 -12.23 -2.34
N PHE D 320 -34.52 -12.76 -1.63
CA PHE D 320 -34.88 -14.20 -1.85
C PHE D 320 -36.39 -14.33 -2.00
N PRO D 321 -36.84 -14.98 -3.09
CA PRO D 321 -36.05 -15.43 -4.22
C PRO D 321 -35.77 -14.27 -5.20
N GLN D 322 -35.07 -14.57 -6.30
CA GLN D 322 -34.87 -13.58 -7.39
C GLN D 322 -35.35 -14.18 -8.70
N PRO D 323 -36.10 -13.43 -9.52
CA PRO D 323 -36.55 -12.06 -9.28
C PRO D 323 -37.34 -11.87 -7.98
N ALA D 324 -37.19 -10.72 -7.31
CA ALA D 324 -37.93 -10.47 -6.05
C ALA D 324 -39.40 -10.35 -6.42
N PRO D 325 -40.28 -11.08 -5.70
CA PRO D 325 -41.70 -10.90 -5.95
C PRO D 325 -42.10 -9.42 -5.85
N ALA D 326 -43.10 -9.05 -6.65
CA ALA D 326 -43.52 -7.65 -6.79
C ALA D 326 -44.03 -7.08 -5.47
N ASP D 327 -44.52 -7.93 -4.57
CA ASP D 327 -45.07 -7.52 -3.26
C ASP D 327 -44.08 -7.80 -2.12
N HIS D 328 -42.82 -8.08 -2.41
CA HIS D 328 -41.80 -8.30 -1.34
C HIS D 328 -41.82 -7.12 -0.39
N VAL D 329 -41.86 -7.41 0.91
CA VAL D 329 -42.05 -6.36 1.94
C VAL D 329 -40.90 -5.36 1.97
N LEU D 330 -39.70 -5.77 1.57
CA LEU D 330 -38.56 -4.83 1.66
C LEU D 330 -38.50 -3.92 0.45
N ARG D 331 -39.44 -4.03 -0.52
CA ARG D 331 -39.50 -2.98 -1.56
C ARG D 331 -40.00 -1.67 -1.01
N THR D 332 -40.84 -1.70 0.05
CA THR D 332 -41.58 -0.52 0.48
C THR D 332 -41.49 -0.28 2.00
N ALA D 333 -40.83 -1.16 2.76
CA ALA D 333 -40.69 -0.99 4.22
C ALA D 333 -39.93 0.30 4.53
N LYS D 334 -40.37 1.10 5.48
CA LYS D 334 -39.78 2.36 5.88
C LYS D 334 -39.62 2.44 7.40
N ASN D 335 -38.72 3.31 7.82
CA ASN D 335 -38.60 3.68 9.25
C ASN D 335 -39.80 4.59 9.60
N PRO D 336 -39.93 4.98 10.87
CA PRO D 336 -41.09 5.78 11.25
C PRO D 336 -41.13 7.19 10.66
N PHE D 337 -40.03 7.66 10.06
CA PHE D 337 -39.95 9.00 9.43
CA PHE D 337 -39.94 9.01 9.43
C PHE D 337 -40.19 8.92 7.92
N GLY D 338 -40.46 7.73 7.40
CA GLY D 338 -40.73 7.53 5.95
C GLY D 338 -39.43 7.45 5.13
N GLY D 339 -38.30 7.17 5.77
CA GLY D 339 -37.02 6.91 5.09
C GLY D 339 -36.52 5.52 5.41
N GLY D 340 -35.21 5.34 5.29
CA GLY D 340 -34.55 4.13 5.75
C GLY D 340 -34.56 2.95 4.83
N ASN D 341 -34.90 3.15 3.54
CA ASN D 341 -34.92 2.09 2.56
C ASN D 341 -34.01 2.46 1.39
N ALA D 342 -32.93 1.69 1.24
CA ALA D 342 -31.99 1.91 0.13
C ALA D 342 -31.88 0.61 -0.66
N MET D 343 -32.97 -0.06 -0.96
CA MET D 343 -32.99 -1.30 -1.72
C MET D 343 -32.89 -0.99 -3.22
N VAL D 344 -32.14 -1.83 -3.92
CA VAL D 344 -32.08 -1.81 -5.39
C VAL D 344 -32.25 -3.24 -5.87
N PRO D 345 -32.49 -3.46 -7.17
CA PRO D 345 -32.47 -4.82 -7.71
C PRO D 345 -31.04 -5.40 -7.64
N HIS D 346 -30.88 -6.69 -7.87
CA HIS D 346 -29.58 -7.37 -7.71
C HIS D 346 -28.67 -6.95 -8.84
N MET D 347 -27.86 -5.94 -8.60
CA MET D 347 -27.11 -5.27 -9.70
C MET D 347 -25.67 -5.01 -9.30
N SER D 348 -25.28 -5.01 -8.03
CA SER D 348 -23.96 -4.43 -7.73
C SER D 348 -22.85 -5.25 -8.41
N GLY D 349 -22.99 -6.58 -8.40
CA GLY D 349 -21.97 -7.45 -9.00
C GLY D 349 -22.10 -7.56 -10.52
N THR D 350 -23.05 -6.87 -11.13
CA THR D 350 -23.24 -6.89 -12.61
C THR D 350 -23.11 -5.48 -13.17
N SER D 351 -22.30 -4.62 -12.54
CA SER D 351 -21.86 -3.38 -13.21
C SER D 351 -21.18 -3.73 -14.53
N LEU D 352 -21.14 -2.76 -15.40
CA LEU D 352 -20.53 -3.01 -16.74
C LEU D 352 -19.06 -3.37 -16.58
N ASP D 353 -18.38 -2.80 -15.60
CA ASP D 353 -16.96 -3.15 -15.35
C ASP D 353 -16.87 -4.59 -14.84
N ALA D 354 -17.75 -5.00 -13.92
CA ALA D 354 -17.76 -6.37 -13.38
C ALA D 354 -18.07 -7.41 -14.48
N GLN D 355 -18.97 -7.08 -15.37
CA GLN D 355 -19.43 -8.09 -16.37
C GLN D 355 -18.23 -8.46 -17.26
N LYS D 356 -17.40 -7.50 -17.62
CA LYS D 356 -16.22 -7.81 -18.47
CA LYS D 356 -16.21 -7.80 -18.47
C LYS D 356 -15.36 -8.85 -17.76
N ARG D 357 -15.12 -8.69 -16.46
CA ARG D 357 -14.27 -9.62 -15.69
C ARG D 357 -14.97 -10.98 -15.53
N TYR D 358 -16.25 -11.06 -15.14
CA TYR D 358 -16.79 -12.41 -14.90
C TYR D 358 -17.02 -13.12 -16.23
N ALA D 359 -17.28 -12.40 -17.32
CA ALA D 359 -17.40 -13.06 -18.64
C ALA D 359 -16.08 -13.72 -19.02
N GLU D 360 -14.97 -13.01 -18.84
CA GLU D 360 -13.61 -13.56 -19.13
CA GLU D 360 -13.61 -13.56 -19.13
C GLU D 360 -13.35 -14.75 -18.21
N GLY D 361 -13.76 -14.68 -16.95
CA GLY D 361 -13.50 -15.73 -15.99
C GLY D 361 -14.30 -16.99 -16.32
N VAL D 362 -15.54 -16.82 -16.77
CA VAL D 362 -16.36 -18.00 -17.17
C VAL D 362 -15.64 -18.73 -18.33
N LYS D 363 -15.12 -17.98 -19.29
CA LYS D 363 -14.40 -18.59 -20.46
C LYS D 363 -13.20 -19.39 -19.95
N ARG D 364 -12.43 -18.84 -19.01
CA ARG D 364 -11.25 -19.50 -18.41
CA ARG D 364 -11.27 -19.47 -18.35
C ARG D 364 -11.68 -20.82 -17.72
N ILE D 365 -12.77 -20.81 -16.96
CA ILE D 365 -13.22 -22.03 -16.27
C ILE D 365 -13.68 -23.05 -17.32
N LEU D 366 -14.47 -22.60 -18.29
CA LEU D 366 -14.94 -23.50 -19.38
C LEU D 366 -13.71 -24.12 -20.06
N ASP D 367 -12.68 -23.34 -20.31
CA ASP D 367 -11.47 -23.87 -21.02
C ASP D 367 -10.77 -24.93 -20.18
N SER D 368 -10.69 -24.77 -18.85
CA SER D 368 -10.12 -25.78 -17.94
C SER D 368 -10.84 -27.11 -18.13
N TYR D 369 -12.16 -27.10 -18.25
CA TYR D 369 -12.99 -28.32 -18.38
C TYR D 369 -12.86 -28.87 -19.82
N LEU D 370 -13.14 -28.04 -20.81
CA LEU D 370 -13.27 -28.48 -22.24
C LEU D 370 -11.91 -28.99 -22.75
N SER D 371 -10.80 -28.44 -22.27
CA SER D 371 -9.42 -28.84 -22.63
C SER D 371 -9.12 -30.26 -22.13
N GLY D 372 -9.87 -30.76 -21.14
CA GLY D 372 -9.59 -32.02 -20.42
C GLY D 372 -8.47 -31.89 -19.41
N ARG D 373 -7.92 -30.69 -19.20
CA ARG D 373 -6.89 -30.46 -18.16
C ARG D 373 -7.51 -30.46 -16.76
N PHE D 374 -8.73 -29.93 -16.61
CA PHE D 374 -9.40 -29.74 -15.30
C PHE D 374 -8.48 -28.96 -14.36
N ASP D 375 -7.77 -27.96 -14.90
CA ASP D 375 -6.72 -27.18 -14.21
C ASP D 375 -7.34 -25.89 -13.67
N TYR D 376 -8.41 -26.05 -12.91
CA TYR D 376 -9.14 -24.92 -12.29
C TYR D 376 -8.22 -24.14 -11.36
N ARG D 377 -8.45 -22.85 -11.23
CA ARG D 377 -7.90 -22.07 -10.09
CA ARG D 377 -7.92 -22.07 -10.09
C ARG D 377 -8.58 -22.61 -8.84
N PRO D 378 -7.83 -23.09 -7.81
CA PRO D 378 -8.47 -23.66 -6.62
C PRO D 378 -9.49 -22.70 -5.97
N GLU D 379 -9.19 -21.41 -5.98
CA GLU D 379 -10.07 -20.40 -5.33
C GLU D 379 -11.38 -20.28 -6.09
N ASP D 380 -11.50 -20.78 -7.32
CA ASP D 380 -12.76 -20.76 -8.08
C ASP D 380 -13.68 -21.91 -7.66
N LEU D 381 -13.17 -22.92 -6.96
CA LEU D 381 -13.99 -24.12 -6.68
C LEU D 381 -14.78 -23.97 -5.38
N ILE D 382 -16.05 -24.32 -5.43
CA ILE D 382 -16.95 -24.35 -4.27
C ILE D 382 -17.12 -25.80 -3.80
N VAL D 383 -17.54 -26.68 -4.72
CA VAL D 383 -17.47 -28.14 -4.48
C VAL D 383 -16.79 -28.78 -5.67
N HIS D 384 -16.13 -29.92 -5.44
CA HIS D 384 -15.35 -30.63 -6.48
C HIS D 384 -15.14 -32.09 -6.02
N GLN D 385 -15.40 -33.04 -6.90
CA GLN D 385 -15.09 -34.47 -6.65
C GLN D 385 -15.75 -34.93 -5.34
N GLY D 386 -16.99 -34.50 -5.08
CA GLY D 386 -17.84 -34.97 -3.97
C GLY D 386 -17.60 -34.27 -2.66
N LYS D 387 -16.75 -33.24 -2.62
CA LYS D 387 -16.40 -32.56 -1.35
C LYS D 387 -16.46 -31.04 -1.53
N TYR D 388 -16.77 -30.36 -0.42
CA TYR D 388 -16.54 -28.89 -0.38
C TYR D 388 -15.05 -28.64 -0.68
N ALA D 389 -14.76 -27.60 -1.48
CA ALA D 389 -13.39 -27.19 -1.88
C ALA D 389 -13.09 -25.77 -1.35
N THR D 390 -13.91 -25.32 -0.39
CA THR D 390 -13.79 -23.96 0.19
C THR D 390 -14.03 -24.05 1.69
N ARG D 391 -13.40 -23.12 2.43
CA ARG D 391 -13.61 -22.95 3.88
CA ARG D 391 -13.62 -22.95 3.88
C ARG D 391 -14.70 -21.90 4.14
N ALA D 392 -15.19 -21.22 3.09
CA ALA D 392 -16.00 -19.99 3.27
C ALA D 392 -17.50 -20.30 3.42
N TYR D 393 -17.95 -21.54 3.17
CA TYR D 393 -19.38 -21.93 3.25
C TYR D 393 -19.62 -22.66 4.57
N GLY D 394 -19.11 -22.10 5.65
CA GLY D 394 -19.21 -22.70 7.00
C GLY D 394 -17.95 -23.46 7.38
N GLN D 395 -17.80 -23.61 8.70
CA GLN D 395 -16.72 -24.40 9.32
C GLN D 395 -17.06 -25.87 9.16
N ARG D 396 -16.32 -26.57 8.33
CA ARG D 396 -16.58 -27.99 8.00
C ARG D 396 -15.35 -28.84 8.31
N GLU D 397 -15.59 -30.11 8.65
CA GLU D 397 -14.63 -31.22 8.45
C GLU D 397 -15.01 -31.85 7.10
N ASP D 398 -14.09 -32.57 6.45
CA ASP D 398 -14.30 -33.22 5.13
C ASP D 398 -14.27 -32.17 4.02
N VAL D 399 -13.48 -31.11 4.19
CA VAL D 399 -13.15 -30.12 3.13
C VAL D 399 -11.85 -30.58 2.45
N LYS D 400 -11.86 -30.69 1.12
CA LYS D 400 -10.66 -31.04 0.31
C LYS D 400 -10.33 -29.86 -0.61
N ILE D 401 -9.40 -28.99 -0.17
CA ILE D 401 -8.81 -27.87 -0.96
C ILE D 401 -7.83 -28.48 -1.97
N PRO D 402 -8.07 -28.39 -3.30
CA PRO D 402 -7.12 -28.89 -4.30
C PRO D 402 -5.78 -28.15 -4.26
N GLY D 403 -4.70 -28.83 -4.67
CA GLY D 403 -3.31 -28.32 -4.68
C GLY D 403 -2.45 -29.03 -3.65
C1 PEG E . 27.22 -8.50 -16.87
O1 PEG E . 28.27 -9.44 -16.75
C2 PEG E . 27.15 -7.58 -15.69
O2 PEG E . 27.36 -6.25 -16.14
C3 PEG E . 27.85 -5.38 -15.13
C4 PEG E . 28.36 -4.17 -15.77
O4 PEG E . 29.62 -4.42 -16.42
H11 PEG E . 26.36 -8.97 -16.94
H12 PEG E . 27.36 -7.95 -17.68
HO1 PEG E . 28.28 -9.93 -17.44
H21 PEG E . 27.84 -7.83 -15.04
H22 PEG E . 26.27 -7.66 -15.27
H31 PEG E . 28.56 -5.81 -14.63
H32 PEG E . 27.12 -5.13 -14.51
H41 PEG E . 28.49 -3.47 -15.09
H42 PEG E . 27.72 -3.86 -16.43
HO4 PEG E . 29.83 -5.23 -16.31
C1 PEG F . 25.71 25.38 3.13
O1 PEG F . 24.51 25.60 2.41
C2 PEG F . 26.79 24.86 2.24
O2 PEG F . 27.24 25.90 1.39
C3 PEG F . 28.25 25.50 0.45
C4 PEG F . 27.96 26.10 -0.90
O4 PEG F . 28.57 27.37 -1.10
H11 PEG F . 25.55 24.72 3.84
H12 PEG F . 26.02 26.22 3.52
HO1 PEG F . 23.92 25.90 2.93
H21 PEG F . 26.44 24.12 1.70
H22 PEG F . 27.54 24.53 2.79
H31 PEG F . 28.28 24.53 0.38
H32 PEG F . 29.13 25.83 0.76
H41 PEG F . 26.99 26.22 -0.99
H42 PEG F . 28.29 25.49 -1.59
HO4 PEG F . 29.00 27.58 -0.40
PA NAI G . 37.87 10.55 5.05
O1A NAI G . 38.25 12.01 5.21
O2A NAI G . 38.56 9.55 5.94
O5B NAI G . 38.13 10.05 3.58
C5B NAI G . 37.64 10.79 2.42
C4B NAI G . 38.57 10.55 1.27
O4B NAI G . 38.00 11.14 0.10
C3B NAI G . 39.97 11.18 1.48
O3B NAI G . 41.00 10.26 1.44
C2B NAI G . 40.03 12.24 0.39
O2B NAI G . 41.30 12.49 -0.18
C1B NAI G . 39.08 11.64 -0.64
N9A NAI G . 38.60 12.51 -1.72
C8A NAI G . 38.30 13.84 -1.65
N7A NAI G . 37.95 14.29 -2.82
C5A NAI G . 38.09 13.30 -3.69
C6A NAI G . 37.92 13.08 -5.11
N6A NAI G . 37.58 14.13 -5.89
N1A NAI G . 38.13 11.83 -5.63
C2A NAI G . 38.49 10.74 -4.86
N3A NAI G . 38.69 10.92 -3.53
C4A NAI G . 38.53 12.13 -2.95
O3 NAI G . 36.27 10.50 5.22
PN NAI G . 35.30 9.21 5.49
O1N NAI G . 35.76 8.13 4.56
O2N NAI G . 35.17 8.93 6.91
O5D NAI G . 33.91 9.85 5.00
C5D NAI G . 33.74 10.27 3.63
C4D NAI G . 32.44 11.02 3.48
O4D NAI G . 31.34 10.12 3.56
C3D NAI G . 32.19 12.13 4.50
O3D NAI G . 32.90 13.30 4.21
C2D NAI G . 30.71 12.24 4.44
O2D NAI G . 30.30 13.12 3.37
C1D NAI G . 30.23 10.81 4.07
N1N NAI G . 29.61 10.09 5.16
C2N NAI G . 28.33 9.60 5.03
C3N NAI G . 27.65 9.03 6.04
C7N NAI G . 26.29 8.45 5.95
O7N NAI G . 25.59 8.36 6.99
N7N NAI G . 25.83 8.11 4.74
C4N NAI G . 28.27 9.02 7.43
C5N NAI G . 29.66 9.25 7.39
C6N NAI G . 30.29 9.82 6.30
H51A NAI G . 37.61 11.86 2.67
H52A NAI G . 36.64 10.45 2.17
H4B NAI G . 38.71 9.47 1.15
H3B NAI G . 40.04 11.69 2.46
HO3A NAI G . 40.97 9.77 0.60
H2B NAI G . 39.68 13.19 0.81
HO2A NAI G . 41.88 12.88 0.50
H1B NAI G . 39.57 10.81 -1.18
H8A NAI G . 38.37 14.46 -0.76
H61A NAI G . 37.44 15.04 -5.46
H62A NAI G . 37.45 14.01 -6.88
H2A NAI G . 38.65 9.78 -5.32
H51N NAI G . 34.57 10.92 3.35
H52N NAI G . 33.74 9.39 2.98
H4D NAI G . 32.43 11.51 2.49
H3D NAI G . 32.48 11.86 5.53
HO3N NAI G . 32.72 13.97 4.88
H2D NAI G . 30.34 12.54 5.42
HO2N NAI G . 30.61 12.76 2.52
H1D NAI G . 29.44 10.89 3.30
H2N NAI G . 27.82 9.66 4.08
H71N NAI G . 26.40 8.26 3.93
H72N NAI G . 24.90 7.70 4.65
H4N NAI G . 28.10 8.05 7.90
H42N NAI G . 27.82 9.81 8.04
H5N NAI G . 30.28 8.96 8.23
H6N NAI G . 31.34 10.06 6.38
C FMT H . 40.29 17.24 -6.00
O1 FMT H . 40.77 18.28 -5.58
O2 FMT H . 39.04 16.88 -5.90
H FMT H . 40.86 16.62 -6.47
HO2 FMT H . 38.53 17.53 -5.44
C1 EDO I . 35.11 8.33 16.75
O1 EDO I . 36.38 7.88 16.43
C2 EDO I . 34.30 7.50 17.70
O2 EDO I . 34.30 6.13 17.44
H11 EDO I . 34.58 8.40 15.93
H12 EDO I . 35.18 9.22 17.17
HO1 EDO I . 36.75 8.42 15.89
H21 EDO I . 33.37 7.80 17.67
H22 EDO I . 34.66 7.62 18.61
HO2 EDO I . 34.77 5.98 16.75
C1 EDO J . 23.70 7.90 -20.01
O1 EDO J . 24.52 8.22 -18.89
C2 EDO J . 22.27 8.29 -19.86
O2 EDO J . 21.33 7.40 -20.44
H11 EDO J . 23.73 6.93 -20.14
H12 EDO J . 24.05 8.36 -20.80
HO1 EDO J . 25.32 7.98 -19.04
H21 EDO J . 22.14 9.16 -20.28
H22 EDO J . 22.06 8.35 -18.90
HO2 EDO J . 21.74 6.74 -20.79
C1 EDO K . 30.56 23.73 2.22
O1 EDO K . 30.07 22.65 1.39
C2 EDO K . 31.81 24.39 1.75
O2 EDO K . 31.94 25.81 1.74
H11 EDO K . 30.73 23.38 3.12
H12 EDO K . 29.86 24.43 2.27
HO1 EDO K . 29.36 22.34 1.73
H21 EDO K . 31.97 24.14 0.82
H22 EDO K . 32.56 24.09 2.32
HO2 EDO K . 31.23 26.17 2.03
C1 EDO L . 14.05 17.30 -12.01
O1 EDO L . 14.43 16.76 -10.74
C2 EDO L . 13.02 16.51 -12.73
O2 EDO L . 13.47 15.51 -13.65
H11 EDO L . 14.84 17.34 -12.59
H12 EDO L . 13.69 18.19 -11.87
HO1 EDO L . 15.01 17.26 -10.38
H21 EDO L . 12.46 17.11 -13.26
H22 EDO L . 12.47 16.03 -12.07
HO2 EDO L . 14.31 15.50 -13.67
PA NAI M . 27.56 -29.29 2.07
O1A NAI M . 28.92 -28.92 1.59
O2A NAI M . 27.25 -30.78 1.90
O5B NAI M . 27.50 -28.88 3.55
C5B NAI M . 26.35 -29.12 4.36
C4B NAI M . 26.75 -29.29 5.76
O4B NAI M . 25.65 -29.41 6.63
C3B NAI M . 27.64 -30.55 6.00
O3B NAI M . 28.93 -30.20 6.54
C2B NAI M . 26.79 -31.33 6.98
O2B NAI M . 27.49 -32.16 7.93
C1B NAI M . 25.95 -30.25 7.69
N9A NAI M . 24.80 -30.73 8.40
C8A NAI M . 23.92 -31.72 8.11
N7A NAI M . 23.00 -31.86 9.04
C5A NAI M . 23.28 -30.92 10.02
C6A NAI M . 22.72 -30.53 11.28
N6A NAI M . 21.67 -31.21 11.81
N1A NAI M . 23.29 -29.51 11.93
C2A NAI M . 24.39 -28.88 11.40
N3A NAI M . 24.97 -29.23 10.26
C4A NAI M . 24.44 -30.23 9.56
O3 NAI M . 26.41 -28.52 1.30
PN NAI M . 26.36 -26.98 0.85
O1N NAI M . 26.93 -26.19 2.00
O2N NAI M . 26.85 -26.77 -0.47
O5D NAI M . 24.73 -26.77 0.77
C5D NAI M . 23.97 -26.97 1.92
C4D NAI M . 22.49 -26.91 1.53
O4D NAI M . 22.15 -25.62 1.05
C3D NAI M . 22.10 -27.82 0.36
O3D NAI M . 21.98 -29.17 0.81
C2D NAI M . 20.82 -27.23 -0.17
O2D NAI M . 19.73 -27.73 0.62
C1D NAI M . 20.99 -25.72 0.17
N1N NAI M . 21.24 -24.94 -0.99
C2N NAI M . 20.44 -23.85 -1.28
C3N NAI M . 20.54 -23.13 -2.41
C7N NAI M . 19.71 -21.93 -2.77
O7N NAI M . 19.62 -21.63 -3.95
N7N NAI M . 19.07 -21.29 -1.80
C4N NAI M . 21.57 -23.54 -3.47
C5N NAI M . 22.54 -24.49 -2.98
C6N NAI M . 22.36 -25.13 -1.80
H51A NAI M . 25.85 -30.03 4.01
H52A NAI M . 25.66 -28.28 4.28
H4B NAI M . 27.33 -28.41 6.06
H3B NAI M . 27.80 -31.06 5.04
HO3A NAI M . 28.81 -29.64 7.32
H2B NAI M . 26.11 -32.02 6.47
HO2A NAI M . 28.01 -32.83 7.46
H1B NAI M . 26.52 -29.69 8.45
H8A NAI M . 23.95 -32.36 7.24
H61A NAI M . 21.26 -31.98 11.31
H62A NAI M . 21.29 -30.92 12.71
H2A NAI M . 24.85 -28.05 11.92
H51N NAI M . 24.19 -27.94 2.36
H52N NAI M . 24.18 -26.20 2.66
H4D NAI M . 21.89 -27.23 2.38
H3D NAI M . 22.91 -27.78 -0.39
HO3N NAI M . 21.74 -29.73 0.07
H2D NAI M . 20.71 -27.33 -1.25
HO2N NAI M . 19.84 -27.46 1.55
H1D NAI M . 20.08 -25.37 0.68
H2N NAI M . 19.69 -23.53 -0.57
H71N NAI M . 19.14 -21.62 -0.84
H72N NAI M . 18.50 -20.48 -2.01
H4N NAI M . 22.11 -22.66 -3.82
H42N NAI M . 21.06 -24.01 -4.31
H5N NAI M . 23.43 -24.66 -3.56
H6N NAI M . 23.14 -25.81 -1.49
C1 PEG N . 19.79 -9.83 19.42
O1 PEG N . 20.67 -10.20 20.45
C2 PEG N . 20.16 -8.56 18.78
O2 PEG N . 20.05 -7.50 19.74
C3 PEG N . 20.43 -6.21 19.25
C4 PEG N . 21.92 -6.06 19.27
O4 PEG N . 22.48 -6.10 20.58
H11 PEG N . 18.88 -9.74 19.78
H12 PEG N . 19.79 -10.53 18.73
HO1 PEG N . 20.42 -10.94 20.78
H21 PEG N . 19.57 -8.37 18.03
H22 PEG N . 21.10 -8.61 18.46
H31 PEG N . 20.03 -5.52 19.81
H32 PEG N . 20.12 -6.11 18.33
H41 PEG N . 22.16 -5.19 18.88
H42 PEG N . 22.34 -6.79 18.76
HO4 PEG N . 21.86 -6.20 21.15
C FMT O . 22.20 -35.35 12.59
O1 FMT O . 21.68 -34.42 11.98
O2 FMT O . 22.29 -36.60 12.18
H FMT O . 22.59 -35.16 13.45
HO2 FMT O . 21.89 -36.71 11.32
C1 EDO P . 10.13 -37.04 0.15
O1 EDO P . 10.96 -37.18 1.29
C2 EDO P . 10.71 -36.34 -1.01
O2 EDO P . 9.73 -35.89 -1.95
H11 EDO P . 9.33 -36.53 0.41
H12 EDO P . 9.87 -37.93 -0.16
HO1 EDO P . 10.54 -37.60 1.90
H21 EDO P . 11.32 -36.95 -1.48
H22 EDO P . 11.21 -35.55 -0.70
HO2 EDO P . 8.96 -36.11 -1.68
C1 PEG Q . -17.03 4.70 -19.22
O1 PEG Q . -15.62 4.67 -19.20
C2 PEG Q . -17.59 5.74 -18.31
O2 PEG Q . -17.51 7.01 -18.95
C3 PEG Q . -17.44 8.10 -18.02
C4 PEG Q . -17.10 9.31 -18.75
O4 PEG Q . -15.79 9.28 -19.23
H11 PEG Q . -17.37 3.81 -18.92
H12 PEG Q . -17.34 4.87 -20.13
HO1 PEG Q . -15.34 4.08 -19.72
H21 PEG Q . -17.08 5.76 -17.47
H22 PEG Q . -18.53 5.54 -18.11
H31 PEG Q . -16.75 7.91 -17.35
H32 PEG Q . -18.31 8.22 -17.58
H41 PEG Q . -17.19 10.07 -18.14
H42 PEG Q . -17.71 9.41 -19.50
HO4 PEG Q . -15.43 8.54 -19.01
PA NAI R . -11.52 26.25 1.88
O1A NAI R . -11.37 27.80 2.00
O2A NAI R . -10.75 25.41 2.89
O5B NAI R . -11.06 25.76 0.48
C5B NAI R . -11.53 26.34 -0.75
C4B NAI R . -10.54 26.18 -1.80
O4B NAI R . -11.10 26.66 -3.07
C3B NAI R . -9.30 27.05 -1.54
O3B NAI R . -8.11 26.31 -1.49
C2B NAI R . -9.31 28.08 -2.72
O2B NAI R . -8.03 28.50 -3.20
C1B NAI R . -10.06 27.23 -3.79
N9A NAI R . -10.55 28.07 -4.89
C8A NAI R . -11.13 29.30 -4.89
N7A NAI R . -11.44 29.64 -6.12
C5A NAI R . -11.09 28.63 -6.99
C6A NAI R . -11.11 28.31 -8.40
N6A NAI R . -11.56 29.25 -9.28
N1A NAI R . -10.65 27.13 -8.81
C2A NAI R . -10.17 26.20 -7.95
N3A NAI R . -10.09 26.40 -6.64
C4A NAI R . -10.54 27.59 -6.15
O3 NAI R . -13.00 25.97 1.98
PN NAI R . -13.82 24.54 2.21
O1N NAI R . -13.14 23.50 1.43
O2N NAI R . -14.06 24.33 3.63
O5D NAI R . -15.25 24.90 1.61
C5D NAI R . -15.33 25.26 0.23
C4D NAI R . -16.75 25.76 -0.02
O4D NAI R . -17.70 24.74 0.09
C3D NAI R . -17.32 26.81 0.95
O3D NAI R . -16.74 28.12 0.57
C2D NAI R . -18.80 26.75 0.82
O2D NAI R . -19.22 27.53 -0.33
C1D NAI R . -19.00 25.24 0.42
N1N NAI R . -19.57 24.50 1.48
C2N NAI R . -20.72 23.83 1.34
C3N NAI R . -21.39 23.20 2.36
C7N NAI R . -22.62 22.46 2.23
O7N NAI R . -23.36 22.26 3.20
N7N NAI R . -23.01 21.96 1.04
C4N NAI R . -20.82 23.33 3.76
C5N NAI R . -19.53 23.83 3.75
C6N NAI R . -18.90 24.38 2.67
H51A NAI R . -11.71 27.41 -0.61
H52A NAI R . -12.45 25.85 -1.06
H4B NAI R . -10.23 25.12 -1.82
H3B NAI R . -9.38 27.60 -0.60
HO3A NAI R . -8.00 25.81 -2.31
H2B NAI R . -9.84 28.98 -2.38
HO2A NAI R . -7.59 29.02 -2.51
H1B NAI R . -9.42 26.43 -4.19
H8A NAI R . -11.35 29.90 -4.02
H61A NAI R . -11.85 30.16 -8.95
H62A NAI R . -11.57 29.05 -10.27
H2A NAI R . -9.81 25.25 -8.33
H51N NAI R . -14.61 26.05 0.00
H52N NAI R . -15.12 24.40 -0.40
H4D NAI R . -16.77 26.23 -1.01
H3D NAI R . -17.01 26.55 1.98
HO3N NAI R . -17.08 28.81 1.17
H2D NAI R . -19.33 26.94 1.76
HO2N NAI R . -18.84 27.16 -1.14
H1D NAI R . -19.67 25.19 -0.45
H2N NAI R . -21.18 23.74 0.36
H71N NAI R . -22.43 22.10 0.22
H72N NAI R . -23.87 21.44 0.96
H4N NAI R . -20.82 22.36 4.24
H42N NAI R . -21.45 24.02 4.34
H5N NAI R . -18.93 23.79 4.65
H6N NAI R . -17.87 24.73 2.75
C1 PEG S . -25.75 38.97 -1.84
O1 PEG S . -27.00 38.71 -2.47
C2 PEG S . -24.58 38.36 -2.56
O2 PEG S . -23.88 39.33 -3.32
C3 PEG S . -23.37 38.83 -4.56
C4 PEG S . -22.37 39.79 -5.12
O4 PEG S . -22.97 40.84 -5.89
H11 PEG S . -25.76 38.62 -0.93
H12 PEG S . -25.60 39.95 -1.81
HO1 PEG S . -27.62 39.08 -2.03
H21 PEG S . -24.90 37.65 -3.16
H22 PEG S . -23.96 37.97 -1.91
H31 PEG S . -24.10 38.72 -5.20
H32 PEG S . -22.93 37.97 -4.41
H41 PEG S . -21.75 39.31 -5.71
H42 PEG S . -21.87 40.21 -4.39
HO4 PEG S . -23.80 40.73 -5.89
C FMT T . -9.31 32.81 -9.24
O1 FMT T . -8.98 33.94 -8.87
O2 FMT T . -10.51 32.28 -9.28
H FMT T . -8.64 32.22 -9.54
HO2 FMT T . -11.16 32.91 -8.96
C1 PEG U . -27.03 3.90 16.12
O1 PEG U . -26.17 3.74 17.25
C2 PEG U . -26.83 5.21 15.47
O2 PEG U . -27.32 6.22 16.32
C3 PEG U . -26.94 7.55 15.93
C4 PEG U . -27.57 8.53 16.88
O4 PEG U . -26.84 8.66 18.09
H11 PEG U . -27.96 3.85 16.42
H12 PEG U . -26.85 3.20 15.47
HO1 PEG U . -26.30 3.00 17.61
H21 PEG U . -27.33 5.23 14.62
H22 PEG U . -25.89 5.35 15.29
H31 PEG U . -27.25 7.72 15.02
H32 PEG U . -25.96 7.63 15.97
H41 PEG U . -28.47 8.24 17.11
H42 PEG U . -27.60 9.41 16.45
HO4 PEG U . -26.17 8.16 18.07
C1 PEG V . -30.73 -26.18 -0.05
O1 PEG V . -32.13 -26.27 -0.10
C2 PEG V . -30.19 -25.13 -0.98
O2 PEG V . -30.77 -25.25 -2.27
C3 PEG V . -30.39 -24.21 -3.16
C4 PEG V . -31.00 -24.45 -4.51
O4 PEG V . -32.35 -24.12 -4.57
H11 PEG V . -30.34 -27.05 -0.32
H12 PEG V . -30.46 -25.97 0.86
HO1 PEG V . -32.39 -26.89 0.42
H21 PEG V . -29.23 -25.21 -1.05
H22 PEG V . -30.40 -24.23 -0.61
H31 PEG V . -29.42 -24.18 -3.24
H32 PEG V . -30.72 -23.35 -2.82
H41 PEG V . -30.91 -25.40 -4.73
H42 PEG V . -30.52 -23.90 -5.17
HO4 PEG V . -32.61 -23.83 -3.81
PA NAI W . -15.06 -14.77 0.35
O1A NAI W . -13.79 -14.15 -0.02
O2A NAI W . -15.22 -16.27 0.25
O5B NAI W . -15.34 -14.29 1.81
C5B NAI W . -16.52 -14.69 2.56
C4B NAI W . -16.16 -14.72 4.03
O4B NAI W . -17.33 -15.01 4.80
C3B NAI W . -15.10 -15.83 4.40
O3B NAI W . -13.96 -15.27 5.03
C2B NAI W . -15.89 -16.74 5.35
O2B NAI W . -15.10 -17.34 6.37
C1B NAI W . -16.89 -15.75 5.91
N9A NAI W . -18.06 -16.31 6.59
C8A NAI W . -18.74 -17.47 6.29
N7A NAI W . -19.73 -17.70 7.15
C5A NAI W . -19.65 -16.70 8.08
C6A NAI W . -20.33 -16.37 9.27
N6A NAI W . -21.33 -17.11 9.80
N1A NAI W . -19.95 -15.25 9.92
C2A NAI W . -18.93 -14.44 9.47
N3A NAI W . -18.21 -14.71 8.38
C4A NAI W . -18.56 -15.83 7.72
O3 NAI W . -16.29 -14.22 -0.48
PN NAI W . -16.56 -12.68 -1.01
O1N NAI W . -15.98 -12.51 -2.36
O2N NAI W . -16.23 -11.74 0.10
O5D NAI W . -18.13 -12.76 -1.22
C5D NAI W . -18.99 -12.99 -0.09
C4D NAI W . -20.41 -13.25 -0.59
O4D NAI W . -21.01 -12.07 -1.09
C3D NAI W . -20.56 -14.24 -1.72
O3D NAI W . -20.51 -15.57 -1.23
C2D NAI W . -21.85 -13.88 -2.33
O2D NAI W . -22.95 -14.48 -1.62
C1D NAI W . -21.95 -12.34 -2.06
N1N NAI W . -21.77 -11.59 -3.29
C2N NAI W . -22.72 -10.68 -3.67
C3N NAI W . -22.67 -10.02 -4.88
C7N NAI W . -23.62 -9.01 -5.31
O7N NAI W . -23.76 -8.74 -6.52
N7N NAI W . -24.44 -8.42 -4.42
C4N NAI W . -21.51 -10.31 -5.77
C5N NAI W . -20.41 -10.97 -5.15
C6N NAI W . -20.56 -11.63 -3.95
H51A NAI W . -16.85 -15.68 2.23
H52A NAI W . -17.32 -13.97 2.38
H4B NAI W . -15.71 -13.75 4.29
H3B NAI W . -14.79 -16.41 3.52
HO3A NAI W . -14.26 -14.73 5.78
H2B NAI W . -16.34 -17.55 4.75
HO2A NAI W . -14.48 -17.97 5.98
H1B NAI W . -16.42 -15.08 6.63
H8A NAI W . -18.50 -18.14 5.48
H61A NAI W . -21.63 -17.95 9.33
H62A NAI W . -21.78 -16.83 10.66
H2A NAI W . -18.68 -13.55 10.03
H51N NAI W . -18.64 -13.85 0.48
H52N NAI W . -19.00 -12.10 0.56
H4D NAI W . -21.00 -13.67 0.24
H3D NAI W . -19.72 -14.11 -2.41
HO3N NAI W . -20.60 -16.19 -1.96
H2D NAI W . -21.81 -14.10 -3.41
HO2N NAI W . -22.95 -14.18 -0.71
H1D NAI W . -22.97 -12.11 -1.71
H2N NAI W . -23.56 -10.46 -3.03
H71N NAI W . -24.39 -8.68 -3.44
H72N NAI W . -25.10 -7.72 -4.72
H4N NAI W . -21.11 -9.37 -6.17
H42N NAI W . -21.82 -10.94 -6.60
H5N NAI W . -19.47 -11.00 -5.68
H6N NAI W . -19.74 -12.19 -3.52
C FMT X . -20.19 -21.00 10.79
O1 FMT X . -20.94 -20.24 10.20
O2 FMT X . -19.99 -22.29 10.50
H FMT X . -19.67 -20.66 11.52
HO2 FMT X . -20.53 -22.55 9.77
C1 EDO Y . -36.12 -5.80 16.53
O1 EDO Y . -35.53 -7.10 16.56
C2 EDO Y . -37.53 -5.78 17.01
O2 EDO Y . -38.48 -5.30 16.09
H11 EDO Y . -36.08 -5.45 15.62
H12 EDO Y . -35.57 -5.24 17.14
HO1 EDO Y . -34.73 -7.05 16.27
H21 EDO Y . -37.59 -5.21 17.81
H22 EDO Y . -37.79 -6.69 17.24
HO2 EDO Y . -38.09 -5.07 15.37
#